data_7ZA3
#
_entry.id   7ZA3
#
_cell.length_a   119.577
_cell.length_b   119.577
_cell.length_c   257.936
_cell.angle_alpha   90.000
_cell.angle_beta   90.000
_cell.angle_gamma   120.000
#
_symmetry.space_group_name_H-M   'P 31'
#
loop_
_entity.id
_entity.type
_entity.pdbx_description
1 polymer Glypican-3
2 polymer 'Netrin receptor UNC5D'
3 branched 2-acetamido-2-deoxy-beta-D-glucopyranose-(1-4)-2-acetamido-2-deoxy-beta-D-glucopyranose
4 non-polymer 2-acetamido-2-deoxy-beta-D-glucopyranose
5 non-polymer alpha-D-mannopyranose
#
loop_
_entity_poly.entity_id
_entity_poly.type
_entity_poly.pdbx_seq_one_letter_code
_entity_poly.pdbx_strand_id
1 'polypeptide(L)'
;ETGDATCHQVRSFFQRLQPGLKWVPETPVPGSDLQVCLPKGPTCCSRKMEEKYQLTARLNMEQLLQSASMELKFLIIQNA
AVFQEAFEIVVRHAKNYTNAMFKNNYPSLTPQAFEFVGEFFTDVSLYILGSDINVDDMVNELFDSLFPVIYTQMMNPGLP
ESVLDINECLRGARRDLKVFGSFPKLIMTQVSKSLQVTRIFLQALNLGIEVINTTDHLKFSKDCGRMLTRMWYCSYCQGL
MMVKPCGGYCNVVMQGCMAGVVEIDKYWREYILSLEELVNGMYRIYDMENVLLGLFSTIHDSIQYVQKNGGKLTTTIGKL
CAHSQQRQYRSAYYPEDLFIDKKILKVAHVEHEETLSSRRRELIQKLKSFINFYSALPGYICSHSPVAENDTLCWNGQEL
VERYSQKAARNGMKNQFNLHELKMKGPEPVVSQIIDKLKHINQLLRTMSVPKGKVGTKHHHHHH
;
A,B,C,D
2 'polypeptide(L)'
;SAPGTLPHFIEEPEDAYIIKSNPIALRCKARPAMQIFFKCNGEWVHQNEHVSEESLDESSGLKVREVFINVTRQQVEDFH
GPEDYWCQCVAWSHLGTSKSRKASVRIAYLRKNFEQDPQGREVPIEGMIVLHCRPPEGVPAAEVEWLKNEEPIDSEQDEN
IDTRADHNLIIRQARLSDSGNYTCMAANIVAKRRSLSATVVVYVNGGWSSWTEWSACNVRCGRGWQKRSRTCTNPAPLNG
GAFCEGMSVQKITCTALCPVDGHHHHHH
;
E,F,G,H
#
# COMPACT_ATOMS: atom_id res chain seq x y z
N LEU A 34 -47.01 5.67 -8.04
CA LEU A 34 -46.11 6.76 -8.52
C LEU A 34 -45.25 7.28 -7.36
N GLN A 35 -44.09 7.82 -7.70
CA GLN A 35 -43.11 8.29 -6.68
C GLN A 35 -42.81 9.78 -6.85
N VAL A 36 -43.36 10.44 -7.86
CA VAL A 36 -43.13 11.89 -8.09
C VAL A 36 -44.49 12.57 -8.19
N CYS A 37 -45.28 12.18 -9.17
CA CYS A 37 -46.63 12.74 -9.43
C CYS A 37 -47.55 12.34 -8.28
N LEU A 38 -47.90 13.29 -7.41
CA LEU A 38 -48.88 13.05 -6.31
C LEU A 38 -50.24 12.77 -6.93
N PRO A 39 -50.74 11.51 -6.89
CA PRO A 39 -52.02 11.20 -7.53
C PRO A 39 -53.22 11.69 -6.72
N LYS A 40 -53.79 12.82 -7.10
CA LYS A 40 -54.95 13.38 -6.37
C LYS A 40 -56.24 12.78 -6.92
N GLY A 41 -56.37 12.71 -8.24
CA GLY A 41 -57.49 12.01 -8.90
C GLY A 41 -56.98 10.73 -9.56
N PRO A 42 -57.43 10.44 -10.80
CA PRO A 42 -56.77 9.43 -11.61
C PRO A 42 -55.44 9.96 -12.18
N THR A 43 -54.81 9.23 -13.09
CA THR A 43 -53.53 9.67 -13.69
C THR A 43 -53.39 9.05 -15.08
N CYS A 44 -52.83 9.81 -16.00
CA CYS A 44 -52.67 9.38 -17.41
C CYS A 44 -51.24 8.87 -17.67
N CYS A 45 -50.40 8.75 -16.64
CA CYS A 45 -48.99 8.37 -16.85
C CYS A 45 -48.58 7.29 -15.86
N SER A 46 -47.72 6.38 -16.30
CA SER A 46 -47.20 5.26 -15.48
C SER A 46 -45.91 5.69 -14.79
N ARG A 47 -45.21 4.73 -14.18
CA ARG A 47 -43.93 5.02 -13.50
C ARG A 47 -42.83 5.30 -14.53
N LYS A 48 -42.84 4.60 -15.67
CA LYS A 48 -41.79 4.75 -16.70
C LYS A 48 -41.90 6.13 -17.35
N MET A 49 -43.13 6.58 -17.60
CA MET A 49 -43.36 7.94 -18.14
C MET A 49 -42.87 8.96 -17.11
N GLU A 50 -43.01 8.66 -15.82
CA GLU A 50 -42.52 9.57 -14.74
C GLU A 50 -40.99 9.66 -14.83
N GLU A 51 -40.32 8.54 -15.07
CA GLU A 51 -38.84 8.54 -15.20
C GLU A 51 -38.45 9.35 -16.44
N LYS A 52 -39.18 9.19 -17.53
CA LYS A 52 -38.91 9.97 -18.77
C LYS A 52 -39.06 11.46 -18.46
N TYR A 53 -40.12 11.85 -17.75
CA TYR A 53 -40.34 13.27 -17.38
C TYR A 53 -39.18 13.74 -16.49
N GLN A 54 -38.67 12.88 -15.61
CA GLN A 54 -37.55 13.28 -14.71
C GLN A 54 -36.31 13.55 -15.55
N LEU A 55 -36.00 12.67 -16.50
CA LEU A 55 -34.79 12.86 -17.36
C LEU A 55 -34.96 14.13 -18.21
N THR A 56 -36.15 14.37 -18.73
CA THR A 56 -36.38 15.59 -19.53
C THR A 56 -36.25 16.83 -18.63
N ALA A 57 -36.65 16.72 -17.36
CA ALA A 57 -36.47 17.82 -16.39
C ALA A 57 -34.99 18.10 -16.19
N ARG A 58 -34.20 17.05 -16.00
CA ARG A 58 -32.73 17.17 -15.88
C ARG A 58 -32.19 17.91 -17.10
N LEU A 59 -32.54 17.46 -18.30
CA LEU A 59 -32.00 18.05 -19.55
C LEU A 59 -32.43 19.52 -19.65
N ASN A 60 -33.67 19.82 -19.30
CA ASN A 60 -34.19 21.21 -19.41
C ASN A 60 -33.42 22.12 -18.45
N MET A 61 -33.21 21.65 -17.22
CA MET A 61 -32.47 22.46 -16.21
C MET A 61 -31.04 22.70 -16.71
N GLU A 62 -30.38 21.68 -17.22
CA GLU A 62 -28.97 21.81 -17.67
C GLU A 62 -28.94 22.78 -18.85
N GLN A 63 -29.90 22.68 -19.76
CA GLN A 63 -29.93 23.56 -20.95
C GLN A 63 -30.15 25.00 -20.50
N LEU A 64 -31.05 25.22 -19.54
CA LEU A 64 -31.32 26.59 -19.05
C LEU A 64 -30.06 27.16 -18.40
N LEU A 65 -29.36 26.37 -17.59
CA LEU A 65 -28.10 26.84 -16.96
C LEU A 65 -27.07 27.17 -18.04
N GLN A 66 -26.94 26.32 -19.06
CA GLN A 66 -25.95 26.57 -20.14
C GLN A 66 -26.31 27.87 -20.85
N SER A 67 -27.58 28.09 -21.13
CA SER A 67 -28.03 29.34 -21.83
C SER A 67 -27.75 30.55 -20.93
N ALA A 68 -27.89 30.40 -19.62
CA ALA A 68 -27.62 31.50 -18.67
C ALA A 68 -26.13 31.81 -18.65
N SER A 69 -25.28 30.78 -18.75
CA SER A 69 -23.82 30.91 -18.52
C SER A 69 -23.06 31.13 -19.82
N MET A 70 -23.71 31.01 -20.98
CA MET A 70 -23.00 30.97 -22.28
C MET A 70 -22.31 32.32 -22.56
N GLU A 71 -22.99 33.43 -22.34
CA GLU A 71 -22.43 34.77 -22.67
C GLU A 71 -21.16 34.99 -21.86
N LEU A 72 -21.22 34.76 -20.55
CA LEU A 72 -20.08 34.98 -19.65
C LEU A 72 -18.96 33.98 -19.98
N LYS A 73 -19.30 32.72 -20.22
CA LYS A 73 -18.30 31.69 -20.57
C LYS A 73 -17.53 32.13 -21.81
N PHE A 74 -18.25 32.57 -22.84
CA PHE A 74 -17.60 32.94 -24.12
C PHE A 74 -16.76 34.19 -23.90
N LEU A 75 -17.25 35.13 -23.09
CA LEU A 75 -16.49 36.36 -22.77
C LEU A 75 -15.14 35.96 -22.17
N ILE A 76 -15.14 35.14 -21.13
CA ILE A 76 -13.88 34.81 -20.42
C ILE A 76 -13.00 33.97 -21.35
N ILE A 77 -13.59 33.09 -22.16
CA ILE A 77 -12.77 32.21 -23.05
C ILE A 77 -12.06 33.11 -24.06
N GLN A 78 -12.82 33.98 -24.71
CA GLN A 78 -12.26 34.95 -25.68
C GLN A 78 -11.14 35.74 -25.03
N ASN A 79 -11.37 36.32 -23.86
CA ASN A 79 -10.33 37.18 -23.23
C ASN A 79 -9.11 36.34 -22.86
N ALA A 80 -9.29 35.12 -22.37
CA ALA A 80 -8.15 34.25 -22.02
C ALA A 80 -7.30 34.02 -23.28
N ALA A 81 -7.96 33.63 -24.38
CA ALA A 81 -7.25 33.36 -25.65
C ALA A 81 -6.54 34.62 -26.13
N VAL A 82 -7.22 35.76 -26.12
CA VAL A 82 -6.66 37.03 -26.65
C VAL A 82 -5.45 37.41 -25.81
N PHE A 83 -5.57 37.37 -24.49
CA PHE A 83 -4.44 37.79 -23.62
C PHE A 83 -3.28 36.83 -23.80
N GLN A 84 -3.55 35.55 -23.95
CA GLN A 84 -2.48 34.55 -24.18
C GLN A 84 -1.73 34.92 -25.46
N GLU A 85 -2.46 35.16 -26.54
CA GLU A 85 -1.83 35.49 -27.84
C GLU A 85 -1.06 36.81 -27.70
N ALA A 86 -1.62 37.77 -26.97
CA ALA A 86 -1.00 39.12 -26.86
C ALA A 86 0.31 39.01 -26.09
N PHE A 87 0.31 38.23 -25.01
CA PHE A 87 1.55 38.02 -24.21
C PHE A 87 2.57 37.28 -25.05
N GLU A 88 2.15 36.31 -25.85
CA GLU A 88 3.11 35.57 -26.71
C GLU A 88 3.69 36.54 -27.75
N ILE A 89 2.85 37.43 -28.30
CA ILE A 89 3.32 38.43 -29.28
C ILE A 89 4.37 39.33 -28.60
N VAL A 90 4.08 39.78 -27.38
CA VAL A 90 5.01 40.66 -26.64
C VAL A 90 6.33 39.93 -26.42
N VAL A 91 6.28 38.68 -26.01
CA VAL A 91 7.52 37.90 -25.71
C VAL A 91 8.30 37.72 -27.02
N ARG A 92 7.62 37.40 -28.11
CA ARG A 92 8.31 37.20 -29.42
C ARG A 92 8.95 38.52 -29.86
N HIS A 93 8.22 39.63 -29.75
CA HIS A 93 8.76 40.96 -30.15
C HIS A 93 9.97 41.31 -29.29
N ALA A 94 9.93 41.01 -27.99
CA ALA A 94 11.05 41.34 -27.08
C ALA A 94 12.26 40.48 -27.43
N LYS A 95 12.05 39.19 -27.68
CA LYS A 95 13.15 38.30 -28.12
C LYS A 95 13.73 38.82 -29.44
N ASN A 96 12.88 39.25 -30.36
CA ASN A 96 13.34 39.78 -31.67
C ASN A 96 14.17 41.03 -31.44
N TYR A 97 13.73 41.92 -30.55
CA TYR A 97 14.42 43.19 -30.29
C TYR A 97 15.78 42.91 -29.65
N THR A 98 15.82 41.97 -28.70
CA THR A 98 17.09 41.59 -28.04
C THR A 98 18.04 40.98 -29.07
N ASN A 99 17.54 40.10 -29.92
CA ASN A 99 18.36 39.47 -30.98
C ASN A 99 18.87 40.54 -31.95
N ALA A 100 18.03 41.52 -32.30
CA ALA A 100 18.42 42.57 -33.27
C ALA A 100 19.52 43.43 -32.63
N MET A 101 19.39 43.76 -31.35
CA MET A 101 20.41 44.61 -30.70
C MET A 101 21.70 43.80 -30.49
N PHE A 102 21.61 42.48 -30.34
CA PHE A 102 22.83 41.64 -30.32
C PHE A 102 23.48 41.63 -31.70
N LYS A 103 22.69 41.46 -32.76
CA LYS A 103 23.20 41.51 -34.15
C LYS A 103 23.90 42.84 -34.38
N ASN A 104 23.36 43.93 -33.85
CA ASN A 104 23.86 45.28 -34.20
C ASN A 104 25.07 45.64 -33.33
N ASN A 105 25.01 45.39 -32.03
CA ASN A 105 26.03 45.90 -31.08
C ASN A 105 27.11 44.88 -30.77
N TYR A 106 26.79 43.58 -30.81
CA TYR A 106 27.75 42.52 -30.43
C TYR A 106 27.69 41.40 -31.45
N PRO A 107 28.12 41.66 -32.69
CA PRO A 107 28.14 40.62 -33.71
C PRO A 107 29.08 39.46 -33.36
N SER A 108 30.11 39.73 -32.56
CA SER A 108 31.10 38.72 -32.13
C SER A 108 30.43 37.69 -31.20
N LEU A 109 29.30 38.02 -30.59
CA LEU A 109 28.61 37.10 -29.66
C LEU A 109 27.60 36.21 -30.40
N THR A 110 27.24 36.55 -31.63
CA THR A 110 26.34 35.70 -32.43
C THR A 110 27.16 34.62 -33.13
N PRO A 111 26.60 33.45 -33.45
CA PRO A 111 25.18 33.09 -33.21
C PRO A 111 24.86 32.50 -31.82
N GLN A 112 25.85 32.39 -30.96
CA GLN A 112 25.64 31.86 -29.58
C GLN A 112 24.63 32.75 -28.85
N ALA A 113 24.64 34.06 -29.08
CA ALA A 113 23.71 35.00 -28.41
C ALA A 113 22.27 34.60 -28.72
N PHE A 114 22.00 34.20 -29.96
CA PHE A 114 20.64 33.79 -30.37
C PHE A 114 20.21 32.56 -29.58
N GLU A 115 21.11 31.62 -29.34
CA GLU A 115 20.76 30.39 -28.58
C GLU A 115 20.30 30.77 -27.17
N PHE A 116 21.07 31.56 -26.44
CA PHE A 116 20.70 31.78 -25.01
C PHE A 116 19.54 32.77 -24.94
N VAL A 117 19.40 33.67 -25.90
CA VAL A 117 18.24 34.60 -25.92
C VAL A 117 16.97 33.78 -26.19
N GLY A 118 17.02 32.87 -27.16
CA GLY A 118 15.87 32.02 -27.48
C GLY A 118 15.49 31.15 -26.30
N GLU A 119 16.48 30.56 -25.63
CA GLU A 119 16.21 29.71 -24.44
C GLU A 119 15.60 30.58 -23.34
N PHE A 120 16.13 31.77 -23.13
CA PHE A 120 15.64 32.67 -22.06
C PHE A 120 14.18 33.01 -22.32
N PHE A 121 13.84 33.45 -23.53
CA PHE A 121 12.46 33.91 -23.81
C PHE A 121 11.52 32.73 -23.94
N THR A 122 11.99 31.57 -24.38
CA THR A 122 11.19 30.33 -24.35
C THR A 122 10.81 30.03 -22.90
N ASP A 123 11.78 30.04 -21.98
CA ASP A 123 11.48 29.81 -20.55
C ASP A 123 10.56 30.91 -20.02
N VAL A 124 10.74 32.14 -20.50
CA VAL A 124 9.83 33.26 -20.12
C VAL A 124 8.40 32.87 -20.48
N SER A 125 8.13 32.53 -21.73
CA SER A 125 6.77 32.18 -22.20
C SER A 125 6.27 30.97 -21.42
N LEU A 126 7.12 29.97 -21.19
CA LEU A 126 6.70 28.77 -20.45
C LEU A 126 6.28 29.16 -19.04
N TYR A 127 6.96 30.11 -18.43
CA TYR A 127 6.57 30.58 -17.07
C TYR A 127 5.26 31.34 -17.16
N ILE A 128 5.10 32.18 -18.17
CA ILE A 128 3.84 32.98 -18.34
C ILE A 128 2.67 32.01 -18.45
N LEU A 129 2.85 30.90 -19.13
CA LEU A 129 1.73 29.97 -19.40
C LEU A 129 1.59 28.96 -18.25
N GLY A 130 2.24 29.19 -17.11
CA GLY A 130 1.95 28.46 -15.86
C GLY A 130 2.89 27.29 -15.58
N SER A 131 3.85 27.00 -16.46
CA SER A 131 4.80 25.89 -16.25
C SER A 131 5.74 26.21 -15.07
N ASP A 132 6.21 25.16 -14.40
CA ASP A 132 7.16 25.30 -13.28
C ASP A 132 8.52 25.73 -13.83
N ILE A 133 8.74 27.04 -13.89
CA ILE A 133 10.04 27.62 -14.34
C ILE A 133 10.55 28.55 -13.24
N ASN A 134 11.83 28.46 -12.94
CA ASN A 134 12.46 29.32 -11.91
C ASN A 134 13.01 30.58 -12.59
N VAL A 135 12.52 31.74 -12.18
CA VAL A 135 12.93 33.03 -12.80
C VAL A 135 14.41 33.29 -12.51
N ASP A 136 14.82 33.14 -11.26
CA ASP A 136 16.25 33.32 -10.89
C ASP A 136 17.12 32.39 -11.73
N ASP A 137 16.66 31.16 -11.98
CA ASP A 137 17.43 30.19 -12.80
C ASP A 137 17.48 30.68 -14.25
N MET A 138 16.42 31.27 -14.77
CA MET A 138 16.44 31.84 -16.15
C MET A 138 17.58 32.87 -16.26
N VAL A 139 17.57 33.85 -15.38
CA VAL A 139 18.57 34.95 -15.42
C VAL A 139 19.97 34.37 -15.23
N ASN A 140 20.12 33.44 -14.29
CA ASN A 140 21.46 32.90 -13.95
C ASN A 140 21.99 32.08 -15.13
N GLU A 141 21.14 31.30 -15.79
CA GLU A 141 21.57 30.50 -16.98
C GLU A 141 21.88 31.46 -18.12
N LEU A 142 21.10 32.52 -18.25
CA LEU A 142 21.36 33.55 -19.29
C LEU A 142 22.78 34.10 -19.12
N PHE A 143 23.13 34.57 -17.93
CA PHE A 143 24.47 35.17 -17.70
C PHE A 143 25.55 34.09 -17.74
N ASP A 144 25.25 32.88 -17.27
CA ASP A 144 26.19 31.75 -17.34
C ASP A 144 26.56 31.44 -18.80
N SER A 145 25.59 31.47 -19.70
CA SER A 145 25.86 31.21 -21.14
C SER A 145 26.51 32.44 -21.77
N LEU A 146 26.16 33.64 -21.30
CA LEU A 146 26.64 34.90 -21.95
C LEU A 146 28.13 35.11 -21.65
N PHE A 147 28.59 34.81 -20.45
CA PHE A 147 29.96 35.20 -20.03
C PHE A 147 31.04 34.49 -20.86
N PRO A 148 31.00 33.15 -21.08
CA PRO A 148 32.09 32.48 -21.79
C PRO A 148 32.31 33.00 -23.22
N VAL A 149 31.24 33.27 -23.95
CA VAL A 149 31.37 33.77 -25.34
C VAL A 149 31.93 35.20 -25.29
N ILE A 150 31.53 36.00 -24.30
CA ILE A 150 32.13 37.36 -24.14
C ILE A 150 33.64 37.21 -23.92
N TYR A 151 34.04 36.29 -23.07
CA TYR A 151 35.48 36.12 -22.75
C TYR A 151 36.24 35.63 -23.99
N THR A 152 35.69 34.68 -24.72
CA THR A 152 36.42 34.02 -25.83
C THR A 152 36.43 34.90 -27.08
N GLN A 153 35.40 35.71 -27.31
CA GLN A 153 35.28 36.46 -28.59
C GLN A 153 35.60 37.95 -28.41
N MET A 154 35.35 38.54 -27.24
CA MET A 154 35.52 40.00 -27.05
C MET A 154 36.80 40.31 -26.27
N MET A 155 37.09 39.57 -25.20
CA MET A 155 38.19 39.93 -24.27
C MET A 155 39.48 39.17 -24.63
N ASN A 156 39.42 37.85 -24.75
CA ASN A 156 40.59 37.01 -25.10
C ASN A 156 40.27 36.21 -26.35
N PRO A 157 40.34 36.84 -27.54
CA PRO A 157 40.17 36.11 -28.79
C PRO A 157 41.26 35.05 -29.01
N GLY A 158 40.83 33.79 -29.04
CA GLY A 158 41.70 32.61 -29.25
C GLY A 158 41.81 31.77 -27.98
N LEU A 164 35.78 24.65 -25.37
CA LEU A 164 34.64 23.73 -25.14
C LEU A 164 34.81 23.01 -23.80
N ASP A 165 36.02 22.57 -23.49
CA ASP A 165 36.29 21.92 -22.19
C ASP A 165 36.50 22.95 -21.10
N ILE A 166 37.02 24.14 -21.43
CA ILE A 166 37.33 25.15 -20.38
C ILE A 166 36.07 25.97 -20.13
N ASN A 167 34.98 25.60 -20.79
CA ASN A 167 33.73 26.38 -20.74
C ASN A 167 33.22 26.47 -19.30
N GLU A 168 33.25 25.36 -18.57
CA GLU A 168 32.69 25.27 -17.20
C GLU A 168 33.49 26.12 -16.23
N CYS A 169 34.80 26.22 -16.41
CA CYS A 169 35.64 27.08 -15.54
C CYS A 169 35.17 28.53 -15.68
N LEU A 170 34.88 28.96 -16.91
CA LEU A 170 34.37 30.35 -17.13
C LEU A 170 32.99 30.49 -16.50
N ARG A 171 32.14 29.48 -16.63
CA ARG A 171 30.77 29.53 -16.07
C ARG A 171 30.84 29.67 -14.54
N GLY A 172 31.75 28.94 -13.90
CA GLY A 172 31.95 29.06 -12.44
C GLY A 172 32.51 30.41 -12.08
N ALA A 173 33.47 30.92 -12.85
CA ALA A 173 34.14 32.21 -12.54
C ALA A 173 33.12 33.34 -12.68
N ARG A 174 32.12 33.19 -13.53
CA ARG A 174 31.05 34.22 -13.72
C ARG A 174 30.45 34.56 -12.35
N ARG A 175 30.04 33.54 -11.60
CA ARG A 175 29.34 33.75 -10.31
C ARG A 175 30.36 33.90 -9.17
N ASP A 176 31.47 33.18 -9.21
CA ASP A 176 32.48 33.26 -8.13
C ASP A 176 33.09 34.67 -8.05
N LEU A 177 33.28 35.34 -9.19
CA LEU A 177 33.92 36.67 -9.20
C LEU A 177 32.88 37.78 -9.35
N LYS A 178 31.59 37.43 -9.46
CA LYS A 178 30.49 38.44 -9.55
C LYS A 178 30.81 39.44 -10.66
N VAL A 179 31.15 38.92 -11.83
CA VAL A 179 31.63 39.75 -12.97
C VAL A 179 30.52 40.72 -13.42
N PHE A 180 29.27 40.32 -13.32
CA PHE A 180 28.15 41.16 -13.84
C PHE A 180 27.62 42.12 -12.77
N GLY A 181 28.25 42.21 -11.60
CA GLY A 181 27.80 43.12 -10.52
C GLY A 181 26.36 42.86 -10.11
N SER A 182 25.58 43.93 -9.91
CA SER A 182 24.19 43.85 -9.43
C SER A 182 23.19 43.65 -10.58
N PHE A 183 23.67 43.60 -11.82
CA PHE A 183 22.79 43.50 -13.01
C PHE A 183 21.93 42.25 -12.94
N PRO A 184 22.46 41.05 -12.63
CA PRO A 184 21.60 39.87 -12.58
C PRO A 184 20.44 39.97 -11.57
N LYS A 185 20.69 40.51 -10.38
CA LYS A 185 19.62 40.63 -9.36
C LYS A 185 18.62 41.71 -9.78
N LEU A 186 19.10 42.78 -10.39
CA LEU A 186 18.21 43.86 -10.91
C LEU A 186 17.22 43.26 -11.91
N ILE A 187 17.72 42.56 -12.93
CA ILE A 187 16.86 41.91 -13.94
C ILE A 187 15.97 40.88 -13.24
N MET A 188 16.52 40.13 -12.30
CA MET A 188 15.77 39.06 -11.61
C MET A 188 14.51 39.66 -10.98
N THR A 189 14.63 40.68 -10.15
CA THR A 189 13.46 41.29 -9.49
C THR A 189 12.59 41.97 -10.54
N GLN A 190 13.19 42.71 -11.45
CA GLN A 190 12.45 43.47 -12.49
C GLN A 190 11.48 42.54 -13.23
N VAL A 191 11.92 41.33 -13.55
CA VAL A 191 11.10 40.46 -14.43
C VAL A 191 10.23 39.55 -13.59
N SER A 192 10.70 39.13 -12.42
CA SER A 192 9.88 38.25 -11.52
C SER A 192 8.61 38.99 -11.13
N LYS A 193 8.72 40.28 -10.82
CA LYS A 193 7.56 41.09 -10.33
C LYS A 193 6.45 41.09 -11.38
N SER A 194 6.78 41.35 -12.64
CA SER A 194 5.80 41.42 -13.74
C SER A 194 5.34 40.01 -14.13
N LEU A 195 6.26 39.06 -14.25
CA LEU A 195 5.87 37.71 -14.74
C LEU A 195 4.93 37.03 -13.73
N GLN A 196 5.09 37.26 -12.43
CA GLN A 196 4.21 36.58 -11.45
C GLN A 196 2.79 37.14 -11.57
N VAL A 197 2.64 38.45 -11.73
CA VAL A 197 1.29 39.07 -11.83
C VAL A 197 0.63 38.61 -13.14
N THR A 198 1.40 38.51 -14.22
CA THR A 198 0.82 38.06 -15.51
C THR A 198 0.39 36.59 -15.40
N ARG A 199 1.24 35.75 -14.81
CA ARG A 199 0.93 34.31 -14.64
C ARG A 199 -0.36 34.18 -13.82
N ILE A 200 -0.50 34.95 -12.75
CA ILE A 200 -1.67 34.79 -11.85
C ILE A 200 -2.89 35.38 -12.54
N PHE A 201 -2.74 36.39 -13.38
CA PHE A 201 -3.85 36.92 -14.21
C PHE A 201 -4.40 35.79 -15.10
N LEU A 202 -3.52 35.10 -15.79
CA LEU A 202 -3.95 34.00 -16.70
C LEU A 202 -4.59 32.88 -15.87
N GLN A 203 -3.99 32.52 -14.74
CA GLN A 203 -4.55 31.43 -13.89
C GLN A 203 -5.94 31.84 -13.42
N ALA A 204 -6.15 33.10 -13.09
CA ALA A 204 -7.46 33.61 -12.60
C ALA A 204 -8.49 33.50 -13.73
N LEU A 205 -8.12 33.90 -14.94
CA LEU A 205 -9.03 33.77 -16.11
C LEU A 205 -9.41 32.30 -16.28
N ASN A 206 -8.43 31.40 -16.23
CA ASN A 206 -8.70 29.95 -16.46
C ASN A 206 -9.63 29.41 -15.37
N LEU A 207 -9.43 29.83 -14.12
CA LEU A 207 -10.26 29.29 -13.01
C LEU A 207 -11.68 29.85 -13.11
N GLY A 208 -11.83 31.08 -13.57
CA GLY A 208 -13.18 31.64 -13.87
C GLY A 208 -13.87 30.83 -14.94
N ILE A 209 -13.15 30.49 -16.00
CA ILE A 209 -13.69 29.58 -17.04
C ILE A 209 -14.12 28.29 -16.36
N GLU A 210 -13.30 27.76 -15.45
CA GLU A 210 -13.59 26.44 -14.82
C GLU A 210 -14.90 26.52 -14.04
N VAL A 211 -15.08 27.53 -13.21
CA VAL A 211 -16.27 27.57 -12.32
C VAL A 211 -17.51 27.87 -13.17
N ILE A 212 -17.37 28.71 -14.19
CA ILE A 212 -18.53 29.03 -15.05
C ILE A 212 -18.92 27.79 -15.86
N ASN A 213 -17.94 26.98 -16.24
CA ASN A 213 -18.19 25.68 -16.93
C ASN A 213 -18.89 24.75 -15.95
N THR A 214 -18.53 24.78 -14.67
CA THR A 214 -19.14 23.87 -13.69
C THR A 214 -20.62 24.22 -13.47
N THR A 215 -20.96 25.48 -13.53
CA THR A 215 -22.35 25.92 -13.21
C THR A 215 -23.34 25.10 -14.04
N ASP A 216 -23.14 25.03 -15.34
CA ASP A 216 -24.18 24.38 -16.18
C ASP A 216 -24.10 22.85 -16.05
N HIS A 217 -23.07 22.31 -15.41
CA HIS A 217 -22.97 20.86 -15.17
C HIS A 217 -23.28 20.53 -13.69
N LEU A 218 -23.89 21.47 -12.97
CA LEU A 218 -24.22 21.24 -11.55
C LEU A 218 -25.37 20.23 -11.46
N LYS A 219 -25.07 19.02 -11.03
CA LYS A 219 -26.12 18.01 -10.68
C LYS A 219 -26.79 18.39 -9.37
N PHE A 220 -28.10 18.17 -9.30
CA PHE A 220 -28.92 18.57 -8.12
C PHE A 220 -29.39 17.34 -7.36
N SER A 221 -30.04 17.58 -6.23
CA SER A 221 -30.63 16.53 -5.36
C SER A 221 -31.75 15.79 -6.09
N LYS A 222 -32.09 14.62 -5.59
CA LYS A 222 -33.22 13.83 -6.12
C LYS A 222 -34.54 14.51 -5.76
N ASP A 223 -34.65 15.06 -4.56
CA ASP A 223 -35.87 15.79 -4.13
C ASP A 223 -36.12 16.94 -5.11
N CYS A 224 -35.07 17.62 -5.54
CA CYS A 224 -35.21 18.75 -6.49
C CYS A 224 -35.62 18.19 -7.86
N GLY A 225 -35.07 17.04 -8.25
CA GLY A 225 -35.47 16.39 -9.50
C GLY A 225 -36.97 16.15 -9.52
N ARG A 226 -37.50 15.63 -8.42
CA ARG A 226 -38.95 15.33 -8.32
C ARG A 226 -39.74 16.65 -8.30
N MET A 227 -39.23 17.67 -7.62
CA MET A 227 -39.97 18.96 -7.56
C MET A 227 -39.99 19.61 -8.95
N LEU A 228 -38.88 19.56 -9.68
CA LEU A 228 -38.84 20.11 -11.06
C LEU A 228 -39.76 19.30 -11.97
N THR A 229 -39.78 17.98 -11.82
CA THR A 229 -40.69 17.12 -12.61
C THR A 229 -42.14 17.51 -12.33
N ARG A 230 -42.48 17.73 -11.06
CA ARG A 230 -43.86 18.16 -10.70
C ARG A 230 -44.15 19.53 -11.32
N MET A 231 -43.21 20.46 -11.23
CA MET A 231 -43.44 21.85 -11.67
C MET A 231 -43.58 21.92 -13.20
N TRP A 232 -42.83 21.10 -13.93
CA TRP A 232 -42.76 21.25 -15.41
C TRP A 232 -43.64 20.25 -16.15
N TYR A 233 -43.87 19.06 -15.61
CA TYR A 233 -44.40 17.95 -16.43
C TYR A 233 -45.57 17.24 -15.75
N CYS A 234 -45.62 17.18 -14.44
CA CYS A 234 -46.65 16.38 -13.74
C CYS A 234 -48.05 16.91 -14.07
N SER A 235 -48.16 18.13 -14.60
CA SER A 235 -49.46 18.67 -15.06
C SER A 235 -49.96 17.86 -16.25
N TYR A 236 -49.05 17.35 -17.07
CA TYR A 236 -49.42 16.54 -18.25
C TYR A 236 -49.98 15.20 -17.80
N CYS A 237 -49.51 14.66 -16.68
CA CYS A 237 -50.02 13.37 -16.15
C CYS A 237 -51.47 13.53 -15.70
N GLN A 238 -51.89 14.73 -15.34
CA GLN A 238 -53.28 15.00 -14.91
C GLN A 238 -54.14 15.42 -16.10
N GLY A 239 -53.59 15.36 -17.31
CA GLY A 239 -54.32 15.60 -18.56
C GLY A 239 -54.39 17.06 -18.97
N LEU A 240 -53.56 17.93 -18.39
CA LEU A 240 -53.55 19.36 -18.77
C LEU A 240 -52.54 19.57 -19.90
N MET A 241 -52.86 20.44 -20.84
CA MET A 241 -52.08 20.56 -22.10
C MET A 241 -51.19 21.81 -22.08
N MET A 242 -51.70 22.96 -21.64
CA MET A 242 -50.93 24.22 -21.77
C MET A 242 -50.77 24.94 -20.42
N VAL A 243 -51.16 24.30 -19.32
CA VAL A 243 -51.11 24.96 -17.99
C VAL A 243 -49.65 25.10 -17.56
N LYS A 244 -49.29 26.30 -17.10
CA LYS A 244 -47.92 26.62 -16.61
C LYS A 244 -47.93 26.69 -15.09
N PRO A 245 -46.77 26.40 -14.46
CA PRO A 245 -46.65 26.53 -13.02
C PRO A 245 -46.67 27.99 -12.54
N CYS A 246 -47.09 28.15 -11.29
CA CYS A 246 -47.19 29.48 -10.65
C CYS A 246 -45.79 30.06 -10.44
N GLY A 247 -45.70 31.39 -10.58
CA GLY A 247 -44.45 32.13 -10.32
C GLY A 247 -43.92 31.89 -8.91
N GLY A 248 -44.81 31.89 -7.92
CA GLY A 248 -44.40 31.68 -6.51
C GLY A 248 -43.93 30.24 -6.29
N TYR A 249 -44.56 29.27 -6.95
CA TYR A 249 -44.13 27.86 -6.85
C TYR A 249 -42.75 27.69 -7.49
N CYS A 250 -42.51 28.36 -8.61
CA CYS A 250 -41.18 28.33 -9.26
C CYS A 250 -40.16 28.95 -8.32
N ASN A 251 -40.54 30.03 -7.64
CA ASN A 251 -39.63 30.73 -6.70
C ASN A 251 -39.26 29.78 -5.55
N VAL A 252 -40.24 29.13 -4.95
CA VAL A 252 -39.96 28.25 -3.79
C VAL A 252 -39.10 27.06 -4.26
N VAL A 253 -39.40 26.49 -5.41
CA VAL A 253 -38.62 25.32 -5.92
C VAL A 253 -37.17 25.75 -6.20
N MET A 254 -37.00 26.87 -6.88
CA MET A 254 -35.65 27.31 -7.28
C MET A 254 -34.83 27.71 -6.05
N GLN A 255 -35.39 28.53 -5.17
CA GLN A 255 -34.72 28.85 -3.89
C GLN A 255 -34.57 27.59 -3.02
N GLY A 256 -35.28 26.51 -3.34
CA GLY A 256 -35.10 25.21 -2.65
C GLY A 256 -33.83 24.50 -3.07
N CYS A 257 -33.58 24.37 -4.37
CA CYS A 257 -32.41 23.59 -4.83
C CYS A 257 -31.21 24.49 -5.17
N MET A 258 -31.35 25.81 -5.13
CA MET A 258 -30.20 26.71 -5.40
C MET A 258 -29.75 27.37 -4.10
N ALA A 259 -30.08 26.79 -2.95
CA ALA A 259 -29.65 27.33 -1.64
C ALA A 259 -28.13 27.31 -1.54
N GLY A 260 -27.52 26.26 -2.09
CA GLY A 260 -26.05 26.07 -2.13
C GLY A 260 -25.42 26.98 -3.17
N VAL A 261 -26.02 27.05 -4.35
CA VAL A 261 -25.42 27.77 -5.50
C VAL A 261 -25.39 29.26 -5.20
N VAL A 262 -26.42 29.76 -4.52
CA VAL A 262 -26.53 31.21 -4.19
C VAL A 262 -25.40 31.61 -3.23
N GLU A 263 -24.93 30.70 -2.40
CA GLU A 263 -23.86 31.01 -1.42
C GLU A 263 -22.55 31.31 -2.15
N ILE A 264 -22.42 30.96 -3.42
CA ILE A 264 -21.17 31.24 -4.19
C ILE A 264 -21.08 32.74 -4.48
N ASP A 265 -22.17 33.49 -4.35
CA ASP A 265 -22.24 34.88 -4.88
C ASP A 265 -21.21 35.77 -4.19
N LYS A 266 -21.06 35.63 -2.87
CA LYS A 266 -20.08 36.43 -2.10
C LYS A 266 -18.68 36.23 -2.72
N TYR A 267 -18.30 34.98 -2.92
CA TYR A 267 -16.92 34.65 -3.37
C TYR A 267 -16.75 35.07 -4.81
N TRP A 268 -17.80 34.97 -5.62
CA TRP A 268 -17.71 35.39 -7.04
C TRP A 268 -17.53 36.91 -7.10
N ARG A 269 -18.25 37.64 -6.27
CA ARG A 269 -18.11 39.12 -6.21
C ARG A 269 -16.69 39.47 -5.77
N GLU A 270 -16.18 38.79 -4.76
CA GLU A 270 -14.80 39.05 -4.26
C GLU A 270 -13.81 38.72 -5.37
N TYR A 271 -14.07 37.67 -6.14
CA TYR A 271 -13.19 37.29 -7.28
C TYR A 271 -13.14 38.44 -8.30
N ILE A 272 -14.30 38.93 -8.69
CA ILE A 272 -14.39 40.05 -9.68
C ILE A 272 -13.59 41.23 -9.13
N LEU A 273 -13.83 41.58 -7.86
CA LEU A 273 -13.22 42.82 -7.30
C LEU A 273 -11.71 42.63 -7.13
N SER A 274 -11.26 41.43 -6.79
CA SER A 274 -9.80 41.16 -6.64
C SER A 274 -9.14 41.22 -8.02
N LEU A 275 -9.80 40.72 -9.05
CA LEU A 275 -9.26 40.85 -10.42
C LEU A 275 -9.13 42.34 -10.78
N GLU A 276 -10.14 43.13 -10.42
CA GLU A 276 -10.10 44.60 -10.62
C GLU A 276 -8.90 45.16 -9.84
N GLU A 277 -8.63 44.62 -8.66
CA GLU A 277 -7.50 45.10 -7.82
C GLU A 277 -6.19 44.79 -8.55
N LEU A 278 -6.13 43.66 -9.24
CA LEU A 278 -4.87 43.21 -9.90
C LEU A 278 -4.58 44.00 -11.16
N VAL A 279 -5.59 44.25 -11.98
CA VAL A 279 -5.33 44.96 -13.26
C VAL A 279 -4.67 46.31 -12.95
N ASN A 280 -5.12 47.01 -11.91
CA ASN A 280 -4.56 48.34 -11.58
C ASN A 280 -3.10 48.21 -11.10
N ASP A 287 2.91 46.78 -17.92
CA ASP A 287 3.63 46.42 -16.67
C ASP A 287 4.71 45.40 -17.00
N MET A 288 4.46 44.55 -18.00
CA MET A 288 5.40 43.50 -18.41
C MET A 288 5.97 43.84 -19.79
N GLU A 289 5.29 44.67 -20.58
CA GLU A 289 5.77 45.02 -21.94
C GLU A 289 7.05 45.87 -21.82
N ASN A 290 7.04 46.89 -20.97
CA ASN A 290 8.20 47.81 -20.82
C ASN A 290 9.41 47.05 -20.29
N VAL A 291 9.21 46.15 -19.32
CA VAL A 291 10.34 45.40 -18.71
C VAL A 291 11.03 44.55 -19.77
N LEU A 292 10.27 43.66 -20.41
CA LEU A 292 10.85 42.74 -21.40
C LEU A 292 11.45 43.54 -22.56
N LEU A 293 10.91 44.73 -22.84
CA LEU A 293 11.43 45.53 -23.98
C LEU A 293 12.66 46.34 -23.59
N GLY A 294 12.88 46.63 -22.30
CA GLY A 294 14.09 47.33 -21.83
C GLY A 294 15.18 46.35 -21.46
N LEU A 295 14.84 45.06 -21.42
CA LEU A 295 15.83 43.99 -21.15
C LEU A 295 17.09 44.18 -22.01
N PHE A 296 16.94 44.56 -23.28
CA PHE A 296 18.12 44.65 -24.17
C PHE A 296 19.06 45.75 -23.66
N SER A 297 18.51 46.90 -23.28
CA SER A 297 19.32 48.02 -22.74
C SER A 297 20.03 47.57 -21.46
N THR A 298 19.32 46.87 -20.59
CA THR A 298 19.92 46.43 -19.32
C THR A 298 21.07 45.46 -19.61
N ILE A 299 20.86 44.52 -20.52
CA ILE A 299 21.90 43.52 -20.86
C ILE A 299 23.10 44.22 -21.50
N HIS A 300 22.85 45.14 -22.42
CA HIS A 300 23.93 45.92 -23.08
C HIS A 300 24.76 46.63 -22.02
N ASP A 301 24.10 47.29 -21.06
CA ASP A 301 24.84 48.02 -20.01
C ASP A 301 25.62 47.02 -19.15
N SER A 302 25.07 45.84 -18.91
CA SER A 302 25.79 44.80 -18.12
C SER A 302 27.04 44.35 -18.87
N ILE A 303 26.94 44.20 -20.19
CA ILE A 303 28.10 43.78 -21.02
C ILE A 303 29.16 44.88 -20.97
N GLN A 304 28.75 46.13 -21.09
CA GLN A 304 29.70 47.27 -20.92
C GLN A 304 30.37 47.16 -19.55
N TYR A 305 29.58 46.90 -18.51
CA TYR A 305 30.10 46.83 -17.12
C TYR A 305 31.19 45.75 -17.03
N VAL A 306 30.93 44.59 -17.61
CA VAL A 306 31.91 43.47 -17.56
C VAL A 306 33.15 43.85 -18.37
N GLN A 307 32.97 44.47 -19.53
CA GLN A 307 34.12 44.87 -20.38
C GLN A 307 34.93 45.95 -19.67
N LYS A 308 34.35 46.64 -18.68
CA LYS A 308 35.02 47.78 -18.01
C LYS A 308 36.24 47.27 -17.21
N ASN A 309 36.18 46.05 -16.69
CA ASN A 309 37.27 45.50 -15.83
C ASN A 309 38.02 44.40 -16.56
N GLY A 310 38.06 44.45 -17.88
CA GLY A 310 38.69 43.40 -18.71
C GLY A 310 40.15 43.19 -18.37
N GLY A 311 40.87 44.29 -18.08
CA GLY A 311 42.31 44.24 -17.75
C GLY A 311 42.59 43.21 -16.67
N LYS A 312 41.98 43.39 -15.50
CA LYS A 312 42.17 42.45 -14.37
C LYS A 312 41.48 41.13 -14.69
N LEU A 313 40.35 41.15 -15.40
CA LEU A 313 39.53 39.92 -15.57
C LEU A 313 40.29 38.90 -16.42
N THR A 314 40.89 39.34 -17.51
CA THR A 314 41.57 38.41 -18.45
C THR A 314 42.76 37.75 -17.73
N THR A 315 43.53 38.51 -16.97
CA THR A 315 44.71 37.96 -16.28
C THR A 315 44.26 36.99 -15.19
N THR A 316 43.28 37.39 -14.40
CA THR A 316 42.76 36.52 -13.31
C THR A 316 42.23 35.22 -13.91
N ILE A 317 41.51 35.30 -15.03
CA ILE A 317 40.87 34.10 -15.61
C ILE A 317 41.93 33.22 -16.30
N GLY A 318 42.91 33.83 -16.97
CA GLY A 318 44.03 33.06 -17.57
C GLY A 318 44.79 32.28 -16.51
N LYS A 319 45.01 32.90 -15.35
CA LYS A 319 45.68 32.20 -14.22
C LYS A 319 44.74 31.12 -13.65
N LEU A 320 43.46 31.43 -13.46
CA LEU A 320 42.51 30.55 -12.74
C LEU A 320 42.14 29.34 -13.62
N CYS A 321 42.11 29.51 -14.94
CA CYS A 321 41.60 28.45 -15.84
C CYS A 321 42.67 28.11 -16.88
N THR A 355 -2.07 48.94 -26.30
CA THR A 355 -3.53 48.63 -26.32
C THR A 355 -3.83 47.43 -25.41
N LEU A 356 -2.83 46.97 -24.65
CA LEU A 356 -3.03 45.89 -23.67
C LEU A 356 -3.83 46.38 -22.47
N SER A 357 -3.47 47.52 -21.88
CA SER A 357 -4.17 48.06 -20.68
C SER A 357 -5.63 48.34 -21.02
N SER A 358 -5.88 48.82 -22.24
CA SER A 358 -7.26 49.03 -22.74
C SER A 358 -8.03 47.71 -22.69
N ARG A 359 -7.40 46.62 -23.11
CA ARG A 359 -8.08 45.31 -23.18
C ARG A 359 -8.45 44.85 -21.77
N ARG A 360 -7.53 44.89 -20.82
CA ARG A 360 -7.86 44.42 -19.44
C ARG A 360 -8.88 45.35 -18.80
N ARG A 361 -8.85 46.64 -19.13
CA ARG A 361 -9.86 47.58 -18.60
C ARG A 361 -11.25 47.23 -19.16
N GLU A 362 -11.36 47.02 -20.46
CA GLU A 362 -12.64 46.63 -21.08
C GLU A 362 -13.09 45.27 -20.52
N LEU A 363 -12.16 44.36 -20.30
CA LEU A 363 -12.51 43.03 -19.73
C LEU A 363 -13.11 43.21 -18.34
N ILE A 364 -12.50 44.04 -17.51
CA ILE A 364 -13.00 44.21 -16.12
C ILE A 364 -14.34 44.94 -16.15
N GLN A 365 -14.49 45.93 -17.02
CA GLN A 365 -15.76 46.70 -17.13
C GLN A 365 -16.88 45.79 -17.66
N LYS A 366 -16.57 44.84 -18.53
CA LYS A 366 -17.59 43.87 -19.01
C LYS A 366 -17.83 42.80 -17.95
N LEU A 367 -16.82 42.45 -17.16
CA LEU A 367 -16.96 41.38 -16.13
C LEU A 367 -17.79 41.89 -14.96
N LYS A 368 -17.77 43.20 -14.70
CA LYS A 368 -18.54 43.78 -13.58
C LYS A 368 -20.05 43.75 -13.89
N SER A 369 -20.44 43.58 -15.16
CA SER A 369 -21.86 43.42 -15.54
C SER A 369 -22.38 42.04 -15.13
N PHE A 370 -21.51 41.10 -14.77
CA PHE A 370 -21.92 39.74 -14.38
C PHE A 370 -21.65 39.50 -12.89
N ILE A 371 -21.54 40.54 -12.08
CA ILE A 371 -21.22 40.37 -10.64
C ILE A 371 -22.43 39.76 -9.91
N ASN A 372 -23.63 39.91 -10.48
CA ASN A 372 -24.88 39.39 -9.86
C ASN A 372 -25.21 38.01 -10.41
N PHE A 373 -24.28 37.35 -11.10
CA PHE A 373 -24.58 36.13 -11.89
C PHE A 373 -25.22 35.07 -11.00
N TYR A 374 -24.60 34.79 -9.86
CA TYR A 374 -25.05 33.69 -8.97
C TYR A 374 -26.31 34.09 -8.20
N SER A 375 -26.49 35.37 -7.90
CA SER A 375 -27.66 35.84 -7.12
C SER A 375 -28.90 35.95 -8.03
N ALA A 376 -28.70 36.28 -9.31
CA ALA A 376 -29.81 36.42 -10.28
C ALA A 376 -30.11 35.08 -10.97
N LEU A 377 -29.46 33.99 -10.58
CA LEU A 377 -29.58 32.72 -11.36
C LEU A 377 -30.96 32.09 -11.20
N PRO A 378 -31.53 31.92 -9.99
CA PRO A 378 -32.88 31.36 -9.88
C PRO A 378 -33.94 32.25 -10.56
N GLY A 379 -33.77 33.57 -10.48
CA GLY A 379 -34.64 34.52 -11.20
C GLY A 379 -34.58 34.26 -12.69
N TYR A 380 -33.41 33.95 -13.22
CA TYR A 380 -33.25 33.63 -14.65
C TYR A 380 -34.00 32.35 -14.97
N ILE A 381 -33.82 31.31 -14.16
CA ILE A 381 -34.45 29.99 -14.43
C ILE A 381 -35.97 30.16 -14.46
N CYS A 382 -36.52 30.94 -13.55
CA CYS A 382 -38.00 31.11 -13.50
C CYS A 382 -38.46 32.05 -14.61
N SER A 383 -37.68 33.07 -14.97
CA SER A 383 -38.13 34.08 -15.97
C SER A 383 -37.95 33.51 -17.38
N HIS A 384 -37.14 32.47 -17.55
CA HIS A 384 -36.94 31.81 -18.86
C HIS A 384 -37.65 30.47 -18.92
N SER A 385 -38.23 30.00 -17.81
CA SER A 385 -39.12 28.81 -17.88
C SER A 385 -40.57 29.28 -18.03
N PRO A 386 -41.44 28.50 -18.69
CA PRO A 386 -42.86 28.88 -18.78
C PRO A 386 -43.53 28.88 -17.40
N VAL A 387 -43.89 30.07 -16.93
CA VAL A 387 -44.54 30.23 -15.59
C VAL A 387 -45.70 31.20 -15.72
N ALA A 388 -46.70 31.03 -14.87
CA ALA A 388 -47.81 31.98 -14.74
C ALA A 388 -47.41 33.05 -13.73
N GLU A 389 -46.89 34.16 -14.22
CA GLU A 389 -46.44 35.29 -13.39
C GLU A 389 -47.60 35.90 -12.61
N ASN A 390 -48.81 35.83 -13.14
CA ASN A 390 -49.98 36.42 -12.45
C ASN A 390 -50.29 35.57 -11.21
N ASP A 391 -49.78 34.33 -11.15
CA ASP A 391 -50.14 33.34 -10.10
C ASP A 391 -51.66 33.10 -10.06
N THR A 392 -52.30 33.15 -11.23
CA THR A 392 -53.75 32.85 -11.41
C THR A 392 -53.91 31.71 -12.40
N LEU A 393 -54.84 30.79 -12.12
CA LEU A 393 -55.13 29.60 -12.97
C LEU A 393 -53.82 28.91 -13.35
N CYS A 394 -53.06 28.47 -12.34
CA CYS A 394 -51.70 27.94 -12.54
C CYS A 394 -51.54 26.59 -11.86
N TRP A 395 -50.43 25.93 -12.15
CA TRP A 395 -50.09 24.60 -11.60
C TRP A 395 -49.20 24.79 -10.37
N ASN A 396 -49.59 24.19 -9.26
CA ASN A 396 -48.86 24.35 -7.97
C ASN A 396 -48.06 23.09 -7.64
N GLY A 397 -47.79 22.24 -8.63
CA GLY A 397 -47.04 20.98 -8.41
C GLY A 397 -47.94 19.78 -8.21
N GLN A 398 -49.19 19.97 -7.83
CA GLN A 398 -50.10 18.81 -7.61
C GLN A 398 -51.50 19.05 -8.19
N GLU A 399 -51.97 20.29 -8.31
CA GLU A 399 -53.35 20.54 -8.80
C GLU A 399 -53.40 21.92 -9.45
N LEU A 400 -54.42 22.12 -10.27
CA LEU A 400 -54.69 23.44 -10.89
C LEU A 400 -55.48 24.28 -9.90
N VAL A 401 -54.91 25.41 -9.50
CA VAL A 401 -55.51 26.27 -8.45
C VAL A 401 -55.91 27.60 -9.06
N GLU A 402 -56.80 28.30 -8.40
CA GLU A 402 -57.22 29.65 -8.84
C GLU A 402 -56.14 30.65 -8.40
N ARG A 403 -55.71 30.54 -7.15
CA ARG A 403 -54.58 31.34 -6.62
C ARG A 403 -53.64 30.42 -5.85
N TYR A 404 -52.36 30.76 -5.86
CA TYR A 404 -51.32 29.91 -5.25
C TYR A 404 -51.24 30.21 -3.76
N SER A 405 -51.12 29.15 -2.97
CA SER A 405 -51.17 29.21 -1.48
C SER A 405 -49.87 29.79 -0.90
N GLN A 406 -48.72 29.22 -1.26
CA GLN A 406 -47.41 29.55 -0.61
C GLN A 406 -47.48 29.23 0.89
N GLU A 428 -23.13 21.49 -0.89
CA GLU A 428 -22.98 20.45 -1.93
C GLU A 428 -21.49 20.28 -2.23
N PRO A 429 -21.05 19.03 -2.49
CA PRO A 429 -19.63 18.75 -2.71
C PRO A 429 -18.99 19.58 -3.84
N VAL A 430 -19.66 19.68 -4.98
CA VAL A 430 -19.11 20.41 -6.15
C VAL A 430 -19.17 21.92 -5.85
N VAL A 431 -20.24 22.37 -5.23
CA VAL A 431 -20.36 23.79 -4.83
C VAL A 431 -19.23 24.10 -3.83
N SER A 432 -18.93 23.18 -2.94
CA SER A 432 -17.84 23.36 -1.95
C SER A 432 -16.51 23.51 -2.70
N GLN A 433 -16.30 22.73 -3.76
CA GLN A 433 -15.04 22.81 -4.54
C GLN A 433 -14.97 24.18 -5.24
N ILE A 434 -16.08 24.62 -5.82
CA ILE A 434 -16.13 25.94 -6.50
C ILE A 434 -15.72 27.01 -5.48
N ILE A 435 -16.29 26.96 -4.28
CA ILE A 435 -16.04 28.02 -3.26
C ILE A 435 -14.59 27.90 -2.79
N ASP A 436 -14.08 26.69 -2.65
CA ASP A 436 -12.67 26.48 -2.22
C ASP A 436 -11.72 27.12 -3.23
N LYS A 437 -11.91 26.81 -4.50
CA LYS A 437 -11.00 27.36 -5.54
C LYS A 437 -11.16 28.88 -5.63
N LEU A 438 -12.39 29.38 -5.47
CA LEU A 438 -12.58 30.85 -5.50
C LEU A 438 -11.84 31.48 -4.31
N LYS A 439 -11.95 30.89 -3.12
CA LYS A 439 -11.23 31.42 -1.93
C LYS A 439 -9.72 31.41 -2.22
N HIS A 440 -9.21 30.32 -2.75
CA HIS A 440 -7.77 30.20 -3.04
C HIS A 440 -7.34 31.30 -4.01
N ILE A 441 -8.01 31.40 -5.15
CA ILE A 441 -7.60 32.37 -6.19
C ILE A 441 -7.78 33.79 -5.63
N ASN A 442 -8.74 34.01 -4.76
CA ASN A 442 -8.98 35.37 -4.22
C ASN A 442 -7.85 35.76 -3.27
N GLN A 443 -7.43 34.84 -2.42
CA GLN A 443 -6.26 35.07 -1.55
C GLN A 443 -5.04 35.35 -2.43
N LEU A 444 -4.81 34.54 -3.45
CA LEU A 444 -3.62 34.73 -4.34
C LEU A 444 -3.69 36.11 -4.98
N LEU A 445 -4.87 36.49 -5.47
CA LEU A 445 -5.08 37.82 -6.08
C LEU A 445 -4.73 38.91 -5.05
N ARG A 446 -5.39 38.89 -3.90
CA ARG A 446 -5.24 39.96 -2.89
C ARG A 446 -3.79 40.07 -2.46
N THR A 447 -3.06 38.95 -2.38
CA THR A 447 -1.65 39.02 -1.92
C THR A 447 -0.83 39.69 -3.02
N MET A 448 -1.25 39.54 -4.27
CA MET A 448 -0.48 40.17 -5.36
C MET A 448 -0.73 41.67 -5.35
N SER A 449 -1.97 42.10 -5.06
CA SER A 449 -2.31 43.54 -5.02
C SER A 449 -3.53 43.78 -4.13
N LEU B 34 38.69 8.12 -29.07
CA LEU B 34 37.59 7.35 -29.70
C LEU B 34 37.34 6.05 -28.92
N GLN B 35 36.12 5.54 -29.01
CA GLN B 35 35.66 4.36 -28.24
C GLN B 35 35.16 3.23 -29.14
N VAL B 36 35.14 3.41 -30.47
CA VAL B 36 34.67 2.37 -31.42
C VAL B 36 35.75 2.12 -32.46
N CYS B 37 36.08 3.15 -33.24
CA CYS B 37 37.08 3.07 -34.32
C CYS B 37 38.46 2.86 -33.70
N LEU B 38 39.02 1.65 -33.83
CA LEU B 38 40.40 1.33 -33.36
C LEU B 38 41.38 2.16 -34.18
N PRO B 39 42.03 3.18 -33.60
CA PRO B 39 42.95 4.02 -34.37
C PRO B 39 44.31 3.37 -34.63
N LYS B 40 44.51 2.82 -35.82
CA LYS B 40 45.80 2.18 -36.18
C LYS B 40 46.77 3.24 -36.71
N GLY B 41 46.31 4.09 -37.61
CA GLY B 41 47.09 5.23 -38.12
C GLY B 41 46.51 6.52 -37.60
N PRO B 42 46.41 7.56 -38.46
CA PRO B 42 45.60 8.72 -38.14
C PRO B 42 44.10 8.41 -38.30
N THR B 43 43.25 9.41 -38.20
CA THR B 43 41.79 9.23 -38.35
C THR B 43 41.17 10.52 -38.85
N CYS B 44 40.17 10.40 -39.71
CA CYS B 44 39.49 11.56 -40.34
C CYS B 44 38.20 11.89 -39.59
N CYS B 45 37.91 11.24 -38.46
CA CYS B 45 36.63 11.43 -37.76
C CYS B 45 36.87 11.59 -36.27
N SER B 46 36.06 12.44 -35.64
CA SER B 46 36.15 12.73 -34.19
C SER B 46 35.23 11.78 -33.41
N ARG B 47 35.04 12.05 -32.12
CA ARG B 47 34.15 11.21 -31.28
C ARG B 47 32.69 11.44 -31.64
N LYS B 48 32.32 12.67 -31.99
CA LYS B 48 30.91 13.01 -32.31
C LYS B 48 30.53 12.34 -33.64
N MET B 49 31.44 12.33 -34.60
CA MET B 49 31.21 11.62 -35.88
C MET B 49 31.06 10.13 -35.59
N GLU B 50 31.79 9.62 -34.60
CA GLU B 50 31.66 8.18 -34.21
C GLU B 50 30.26 7.93 -33.67
N GLU B 51 29.72 8.84 -32.87
CA GLU B 51 28.36 8.69 -32.32
C GLU B 51 27.35 8.73 -33.49
N LYS B 52 27.56 9.63 -34.45
CA LYS B 52 26.68 9.72 -35.64
C LYS B 52 26.72 8.38 -36.39
N TYR B 53 27.92 7.83 -36.59
CA TYR B 53 28.06 6.53 -37.28
C TYR B 53 27.35 5.43 -36.49
N GLN B 54 27.40 5.49 -35.17
CA GLN B 54 26.74 4.46 -34.32
C GLN B 54 25.22 4.54 -34.50
N LEU B 55 24.68 5.75 -34.49
CA LEU B 55 23.21 5.92 -34.66
C LEU B 55 22.80 5.47 -36.06
N THR B 56 23.60 5.79 -37.07
CA THR B 56 23.29 5.36 -38.45
C THR B 56 23.38 3.83 -38.54
N ALA B 57 24.29 3.21 -37.80
CA ALA B 57 24.39 1.73 -37.77
C ALA B 57 23.11 1.14 -37.17
N ARG B 58 22.65 1.71 -36.06
CA ARG B 58 21.39 1.29 -35.41
C ARG B 58 20.25 1.39 -36.44
N LEU B 59 20.14 2.54 -37.09
CA LEU B 59 19.03 2.77 -38.04
C LEU B 59 19.14 1.83 -39.23
N ASN B 60 20.34 1.56 -39.71
CA ASN B 60 20.54 0.65 -40.86
C ASN B 60 20.13 -0.78 -40.47
N MET B 61 20.50 -1.20 -39.27
CA MET B 61 20.12 -2.55 -38.78
C MET B 61 18.59 -2.63 -38.69
N GLU B 62 17.94 -1.60 -38.16
CA GLU B 62 16.47 -1.62 -38.01
C GLU B 62 15.82 -1.65 -39.40
N GLN B 63 16.35 -0.90 -40.35
CA GLN B 63 15.81 -0.85 -41.74
C GLN B 63 15.96 -2.25 -42.35
N LEU B 64 17.10 -2.91 -42.15
CA LEU B 64 17.33 -4.25 -42.76
C LEU B 64 16.34 -5.24 -42.14
N LEU B 65 16.16 -5.20 -40.82
CA LEU B 65 15.21 -6.12 -40.16
C LEU B 65 13.79 -5.86 -40.66
N GLN B 66 13.41 -4.59 -40.78
CA GLN B 66 12.05 -4.24 -41.25
C GLN B 66 11.86 -4.76 -42.68
N SER B 67 12.86 -4.60 -43.54
CA SER B 67 12.77 -5.07 -44.94
C SER B 67 12.67 -6.59 -44.97
N ALA B 68 13.35 -7.28 -44.06
CA ALA B 68 13.30 -8.75 -43.99
C ALA B 68 11.90 -9.21 -43.54
N SER B 69 11.29 -8.47 -42.60
CA SER B 69 10.06 -8.93 -41.91
C SER B 69 8.79 -8.36 -42.56
N MET B 70 8.91 -7.43 -43.50
CA MET B 70 7.74 -6.67 -44.01
C MET B 70 6.79 -7.60 -44.76
N GLU B 71 7.30 -8.46 -45.62
CA GLU B 71 6.44 -9.33 -46.46
C GLU B 71 5.60 -10.24 -45.56
N LEU B 72 6.23 -10.88 -44.59
CA LEU B 72 5.55 -11.81 -43.67
C LEU B 72 4.57 -11.02 -42.79
N LYS B 73 4.97 -9.87 -42.28
CA LYS B 73 4.08 -9.05 -41.44
C LYS B 73 2.83 -8.71 -42.22
N PHE B 74 2.98 -8.26 -43.46
CA PHE B 74 1.81 -7.84 -44.27
C PHE B 74 0.96 -9.05 -44.61
N LEU B 75 1.57 -10.19 -44.88
CA LEU B 75 0.83 -11.46 -45.12
C LEU B 75 -0.07 -11.76 -43.92
N ILE B 76 0.48 -11.79 -42.72
CA ILE B 76 -0.33 -12.16 -41.53
C ILE B 76 -1.36 -11.08 -41.25
N ILE B 77 -1.04 -9.81 -41.49
CA ILE B 77 -2.02 -8.71 -41.22
C ILE B 77 -3.21 -8.88 -42.17
N GLN B 78 -2.92 -9.02 -43.45
CA GLN B 78 -3.94 -9.26 -44.49
C GLN B 78 -4.82 -10.44 -44.07
N ASN B 79 -4.23 -11.58 -43.74
CA ASN B 79 -5.02 -12.79 -43.43
C ASN B 79 -5.85 -12.58 -42.16
N ALA B 80 -5.30 -11.93 -41.15
CA ALA B 80 -6.05 -11.66 -39.90
C ALA B 80 -7.30 -10.84 -40.24
N ALA B 81 -7.11 -9.76 -40.99
CA ALA B 81 -8.23 -8.86 -41.38
C ALA B 81 -9.27 -9.65 -42.18
N VAL B 82 -8.82 -10.41 -43.17
CA VAL B 82 -9.75 -11.12 -44.09
C VAL B 82 -10.54 -12.15 -43.28
N PHE B 83 -9.88 -12.93 -42.44
CA PHE B 83 -10.57 -13.99 -41.68
C PHE B 83 -11.56 -13.35 -40.71
N GLN B 84 -11.17 -12.25 -40.08
CA GLN B 84 -12.09 -11.53 -39.16
C GLN B 84 -13.36 -11.12 -39.93
N GLU B 85 -13.21 -10.48 -41.08
CA GLU B 85 -14.37 -10.02 -41.87
C GLU B 85 -15.20 -11.22 -42.32
N ALA B 86 -14.55 -12.32 -42.70
CA ALA B 86 -15.27 -13.50 -43.24
C ALA B 86 -16.11 -14.12 -42.12
N PHE B 87 -15.53 -14.25 -40.92
CA PHE B 87 -16.26 -14.80 -39.76
C PHE B 87 -17.42 -13.89 -39.42
N GLU B 88 -17.22 -12.58 -39.49
CA GLU B 88 -18.31 -11.63 -39.18
C GLU B 88 -19.42 -11.78 -40.22
N ILE B 89 -19.06 -11.99 -41.48
CA ILE B 89 -20.06 -12.21 -42.57
C ILE B 89 -20.86 -13.47 -42.26
N VAL B 90 -20.19 -14.54 -41.85
CA VAL B 90 -20.89 -15.82 -41.54
C VAL B 90 -21.86 -15.58 -40.38
N VAL B 91 -21.41 -14.90 -39.34
CA VAL B 91 -22.27 -14.65 -38.15
C VAL B 91 -23.45 -13.78 -38.55
N ARG B 92 -23.23 -12.76 -39.35
CA ARG B 92 -24.32 -11.85 -39.80
C ARG B 92 -25.33 -12.65 -40.62
N HIS B 93 -24.87 -13.48 -41.55
CA HIS B 93 -25.79 -14.27 -42.40
C HIS B 93 -26.61 -15.22 -41.51
N ALA B 94 -25.99 -15.83 -40.50
CA ALA B 94 -26.71 -16.77 -39.62
C ALA B 94 -27.74 -16.02 -38.79
N LYS B 95 -27.38 -14.86 -38.23
CA LYS B 95 -28.36 -14.04 -37.49
C LYS B 95 -29.52 -13.63 -38.41
N ASN B 96 -29.21 -13.25 -39.64
CA ASN B 96 -30.26 -12.82 -40.62
C ASN B 96 -31.20 -14.01 -40.89
N TYR B 97 -30.65 -15.20 -41.10
CA TYR B 97 -31.49 -16.38 -41.43
C TYR B 97 -32.33 -16.77 -40.20
N THR B 98 -31.76 -16.71 -39.01
CA THR B 98 -32.55 -17.03 -37.79
C THR B 98 -33.70 -16.04 -37.65
N ASN B 99 -33.44 -14.75 -37.83
CA ASN B 99 -34.51 -13.73 -37.73
C ASN B 99 -35.56 -13.98 -38.82
N ALA B 100 -35.13 -14.31 -40.03
CA ALA B 100 -36.06 -14.49 -41.17
C ALA B 100 -36.92 -15.74 -40.92
N MET B 101 -36.31 -16.81 -40.41
CA MET B 101 -37.04 -18.08 -40.17
C MET B 101 -37.99 -17.87 -38.98
N PHE B 102 -37.65 -17.02 -38.03
CA PHE B 102 -38.61 -16.67 -36.96
C PHE B 102 -39.79 -15.88 -37.53
N LYS B 103 -39.50 -14.89 -38.38
CA LYS B 103 -40.56 -14.10 -39.06
C LYS B 103 -41.50 -15.04 -39.83
N ASN B 104 -40.94 -16.05 -40.48
CA ASN B 104 -41.75 -16.88 -41.42
C ASN B 104 -42.53 -17.96 -40.65
N ASN B 105 -41.87 -18.65 -39.73
CA ASN B 105 -42.46 -19.87 -39.10
C ASN B 105 -43.13 -19.57 -37.77
N TYR B 106 -42.67 -18.57 -37.02
CA TYR B 106 -43.21 -18.28 -35.68
C TYR B 106 -43.44 -16.78 -35.55
N PRO B 107 -44.40 -16.21 -36.31
CA PRO B 107 -44.70 -14.77 -36.19
C PRO B 107 -45.21 -14.39 -34.80
N SER B 108 -45.81 -15.35 -34.08
CA SER B 108 -46.36 -15.13 -32.72
C SER B 108 -45.20 -14.89 -31.73
N LEU B 109 -43.98 -15.31 -32.06
CA LEU B 109 -42.83 -15.15 -31.16
C LEU B 109 -42.10 -13.82 -31.41
N THR B 110 -42.35 -13.14 -32.53
CA THR B 110 -41.76 -11.82 -32.80
C THR B 110 -42.61 -10.75 -32.13
N PRO B 111 -42.04 -9.58 -31.76
CA PRO B 111 -40.62 -9.22 -31.95
C PRO B 111 -39.64 -9.67 -30.85
N GLN B 112 -40.13 -10.39 -29.86
CA GLN B 112 -39.26 -10.88 -28.75
C GLN B 112 -38.20 -11.80 -29.33
N ALA B 113 -38.53 -12.59 -30.35
CA ALA B 113 -37.56 -13.53 -30.98
C ALA B 113 -36.36 -12.74 -31.49
N PHE B 114 -36.58 -11.57 -32.07
CA PHE B 114 -35.49 -10.73 -32.62
C PHE B 114 -34.56 -10.32 -31.48
N GLU B 115 -35.12 -10.01 -30.32
CA GLU B 115 -34.33 -9.58 -29.15
C GLU B 115 -33.34 -10.68 -28.74
N PHE B 116 -33.83 -11.89 -28.52
CA PHE B 116 -32.94 -12.93 -27.96
C PHE B 116 -32.02 -13.45 -29.06
N VAL B 117 -32.44 -13.42 -30.31
CA VAL B 117 -31.54 -13.82 -31.43
C VAL B 117 -30.41 -12.81 -31.55
N GLY B 118 -30.73 -11.52 -31.49
CA GLY B 118 -29.72 -10.45 -31.54
C GLY B 118 -28.75 -10.57 -30.39
N GLU B 119 -29.25 -10.81 -29.18
CA GLU B 119 -28.38 -10.96 -27.98
C GLU B 119 -27.50 -12.18 -28.18
N PHE B 120 -28.05 -13.29 -28.66
CA PHE B 120 -27.29 -14.54 -28.83
C PHE B 120 -26.15 -14.31 -29.82
N PHE B 121 -26.43 -13.75 -30.98
CA PHE B 121 -25.38 -13.61 -32.02
C PHE B 121 -24.42 -12.48 -31.68
N THR B 122 -24.86 -11.46 -30.95
CA THR B 122 -23.94 -10.43 -30.41
C THR B 122 -22.94 -11.12 -29.48
N ASP B 123 -23.41 -11.94 -28.55
CA ASP B 123 -22.50 -12.66 -27.63
C ASP B 123 -21.63 -13.62 -28.45
N VAL B 124 -22.17 -14.22 -29.50
CA VAL B 124 -21.38 -15.09 -30.41
C VAL B 124 -20.18 -14.30 -30.94
N SER B 125 -20.44 -13.17 -31.58
CA SER B 125 -19.37 -12.33 -32.19
C SER B 125 -18.40 -11.89 -31.09
N LEU B 126 -18.91 -11.48 -29.93
CA LEU B 126 -18.03 -11.01 -28.83
C LEU B 126 -17.12 -12.16 -28.40
N TYR B 127 -17.63 -13.39 -28.37
CA TYR B 127 -16.77 -14.54 -27.99
C TYR B 127 -15.75 -14.79 -29.10
N ILE B 128 -16.16 -14.72 -30.36
CA ILE B 128 -15.22 -14.95 -31.49
C ILE B 128 -14.07 -13.96 -31.39
N LEU B 129 -14.38 -12.72 -31.01
CA LEU B 129 -13.34 -11.66 -31.00
C LEU B 129 -12.60 -11.67 -29.67
N GLY B 130 -12.79 -12.70 -28.84
CA GLY B 130 -11.93 -12.97 -27.67
C GLY B 130 -12.51 -12.48 -26.35
N SER B 131 -13.67 -11.83 -26.32
CA SER B 131 -14.25 -11.35 -25.05
C SER B 131 -14.65 -12.51 -24.14
N ASP B 132 -14.63 -12.25 -22.84
CA ASP B 132 -15.04 -13.22 -21.80
C ASP B 132 -16.55 -13.47 -21.89
N ILE B 133 -16.93 -14.44 -22.69
CA ILE B 133 -18.35 -14.83 -22.87
C ILE B 133 -18.44 -16.34 -22.62
N ASN B 134 -19.45 -16.77 -21.87
CA ASN B 134 -19.65 -18.20 -21.57
C ASN B 134 -20.60 -18.78 -22.61
N VAL B 135 -20.15 -19.78 -23.34
CA VAL B 135 -20.97 -20.39 -24.42
C VAL B 135 -22.21 -21.06 -23.83
N ASP B 136 -22.03 -21.87 -22.79
CA ASP B 136 -23.17 -22.52 -22.11
C ASP B 136 -24.17 -21.45 -21.65
N ASP B 137 -23.66 -20.31 -21.17
CA ASP B 137 -24.54 -19.21 -20.71
C ASP B 137 -25.29 -18.59 -21.89
N MET B 138 -24.64 -18.48 -23.05
CA MET B 138 -25.32 -17.96 -24.27
C MET B 138 -26.54 -18.85 -24.57
N VAL B 139 -26.32 -20.15 -24.71
CA VAL B 139 -27.40 -21.10 -25.07
C VAL B 139 -28.47 -21.08 -23.98
N ASN B 140 -28.06 -21.07 -22.71
CA ASN B 140 -29.04 -21.15 -21.59
C ASN B 140 -29.89 -19.87 -21.55
N GLU B 141 -29.29 -18.71 -21.77
CA GLU B 141 -30.08 -17.45 -21.78
C GLU B 141 -30.97 -17.43 -23.02
N LEU B 142 -30.49 -17.97 -24.14
CA LEU B 142 -31.31 -18.07 -25.38
C LEU B 142 -32.58 -18.87 -25.07
N PHE B 143 -32.45 -20.07 -24.51
CA PHE B 143 -33.63 -20.92 -24.25
C PHE B 143 -34.47 -20.35 -23.10
N ASP B 144 -33.83 -19.73 -22.12
CA ASP B 144 -34.55 -19.06 -21.00
C ASP B 144 -35.45 -17.95 -21.55
N SER B 145 -34.98 -17.17 -22.51
CA SER B 145 -35.81 -16.09 -23.12
C SER B 145 -36.83 -16.70 -24.08
N LEU B 146 -36.49 -17.80 -24.75
CA LEU B 146 -37.37 -18.38 -25.80
C LEU B 146 -38.59 -19.04 -25.18
N PHE B 147 -38.44 -19.72 -24.04
CA PHE B 147 -39.54 -20.57 -23.51
C PHE B 147 -40.76 -19.75 -23.10
N PRO B 148 -40.64 -18.63 -22.34
CA PRO B 148 -41.83 -17.92 -21.88
C PRO B 148 -42.71 -17.38 -23.01
N VAL B 149 -42.12 -16.87 -24.07
CA VAL B 149 -42.91 -16.34 -25.21
C VAL B 149 -43.58 -17.51 -25.93
N ILE B 150 -42.91 -18.66 -26.03
CA ILE B 150 -43.54 -19.87 -26.61
C ILE B 150 -44.77 -20.23 -25.77
N TYR B 151 -44.63 -20.23 -24.46
CA TYR B 151 -45.74 -20.63 -23.58
C TYR B 151 -46.90 -19.63 -23.68
N THR B 152 -46.61 -18.34 -23.70
CA THR B 152 -47.66 -17.30 -23.63
C THR B 152 -48.33 -17.12 -24.99
N GLN B 153 -47.63 -17.32 -26.10
CA GLN B 153 -48.19 -16.98 -27.43
C GLN B 153 -48.59 -18.23 -28.22
N MET B 154 -47.93 -19.38 -28.01
CA MET B 154 -48.21 -20.57 -28.85
C MET B 154 -49.03 -21.60 -28.08
N MET B 155 -48.73 -21.84 -26.80
CA MET B 155 -49.36 -22.95 -26.04
C MET B 155 -50.57 -22.44 -25.24
N ASN B 156 -50.39 -21.39 -24.43
CA ASN B 156 -51.49 -20.84 -23.59
C ASN B 156 -51.64 -19.36 -23.91
N PRO B 157 -52.31 -19.02 -25.03
CA PRO B 157 -52.61 -17.62 -25.34
C PRO B 157 -53.54 -16.99 -24.31
N GLY B 158 -53.03 -15.99 -23.59
CA GLY B 158 -53.76 -15.24 -22.55
C GLY B 158 -53.21 -15.53 -21.16
N LEU B 164 -45.73 -10.68 -17.38
CA LEU B 164 -44.52 -9.89 -17.04
C LEU B 164 -44.01 -10.29 -15.66
N ASP B 165 -44.90 -10.44 -14.70
CA ASP B 165 -44.50 -10.88 -13.34
C ASP B 165 -44.33 -12.39 -13.28
N ILE B 166 -45.07 -13.15 -14.09
CA ILE B 166 -45.01 -14.63 -13.99
C ILE B 166 -43.88 -15.12 -14.90
N ASN B 167 -43.15 -14.19 -15.49
CA ASN B 167 -42.12 -14.51 -16.50
C ASN B 167 -41.04 -15.41 -15.88
N GLU B 168 -40.61 -15.09 -14.66
CA GLU B 168 -39.49 -15.79 -13.99
C GLU B 168 -39.90 -17.22 -13.64
N CYS B 169 -41.15 -17.46 -13.29
CA CYS B 169 -41.65 -18.82 -13.00
C CYS B 169 -41.48 -19.69 -14.25
N LEU B 170 -41.80 -19.13 -15.42
CA LEU B 170 -41.64 -19.87 -16.70
C LEU B 170 -40.15 -20.10 -16.97
N ARG B 171 -39.32 -19.12 -16.69
CA ARG B 171 -37.85 -19.23 -16.94
C ARG B 171 -37.29 -20.35 -16.07
N GLY B 172 -37.72 -20.43 -14.81
CA GLY B 172 -37.30 -21.52 -13.90
C GLY B 172 -37.82 -22.87 -14.39
N ALA B 173 -39.08 -22.91 -14.82
CA ALA B 173 -39.72 -24.18 -15.24
C ALA B 173 -39.02 -24.70 -16.50
N ARG B 174 -38.46 -23.81 -17.32
CA ARG B 174 -37.72 -24.21 -18.54
C ARG B 174 -36.63 -25.23 -18.17
N ARG B 175 -35.83 -24.92 -17.17
CA ARG B 175 -34.68 -25.78 -16.79
C ARG B 175 -35.15 -26.86 -15.80
N ASP B 176 -36.06 -26.55 -14.89
CA ASP B 176 -36.52 -27.52 -13.88
C ASP B 176 -37.24 -28.70 -14.53
N LEU B 177 -37.99 -28.46 -15.61
CA LEU B 177 -38.75 -29.54 -16.28
C LEU B 177 -38.04 -30.03 -17.55
N LYS B 178 -36.89 -29.44 -17.89
CA LYS B 178 -36.08 -29.89 -19.06
C LYS B 178 -36.97 -29.92 -20.30
N VAL B 179 -37.70 -28.85 -20.53
CA VAL B 179 -38.72 -28.80 -21.61
C VAL B 179 -38.04 -28.96 -22.97
N PHE B 180 -36.81 -28.49 -23.15
CA PHE B 180 -36.13 -28.54 -24.46
C PHE B 180 -35.33 -29.82 -24.64
N GLY B 181 -35.42 -30.77 -23.71
CA GLY B 181 -34.67 -32.04 -23.80
C GLY B 181 -33.17 -31.80 -23.88
N SER B 182 -32.48 -32.55 -24.73
CA SER B 182 -31.00 -32.50 -24.89
C SER B 182 -30.60 -31.46 -25.94
N PHE B 183 -31.56 -30.76 -26.54
CA PHE B 183 -31.27 -29.73 -27.57
C PHE B 183 -30.32 -28.66 -27.04
N PRO B 184 -30.51 -28.07 -25.83
CA PRO B 184 -29.56 -27.06 -25.37
C PRO B 184 -28.12 -27.55 -25.25
N LYS B 185 -27.90 -28.76 -24.75
CA LYS B 185 -26.52 -29.30 -24.61
C LYS B 185 -25.95 -29.61 -26.00
N LEU B 186 -26.78 -30.12 -26.90
CA LEU B 186 -26.34 -30.40 -28.30
C LEU B 186 -25.81 -29.10 -28.93
N ILE B 187 -26.60 -28.04 -28.90
CA ILE B 187 -26.16 -26.73 -29.45
C ILE B 187 -24.94 -26.23 -28.68
N MET B 188 -24.94 -26.42 -27.37
CA MET B 188 -23.81 -25.94 -26.51
C MET B 188 -22.50 -26.52 -27.04
N THR B 189 -22.40 -27.84 -27.14
CA THR B 189 -21.16 -28.49 -27.59
C THR B 189 -20.90 -28.14 -29.05
N GLN B 190 -21.95 -28.21 -29.89
CA GLN B 190 -21.83 -27.95 -31.34
C GLN B 190 -21.13 -26.61 -31.57
N VAL B 191 -21.50 -25.59 -30.80
CA VAL B 191 -21.02 -24.22 -31.10
C VAL B 191 -19.76 -23.93 -30.30
N SER B 192 -19.62 -24.48 -29.10
CA SER B 192 -18.40 -24.26 -28.28
C SER B 192 -17.18 -24.84 -29.01
N LYS B 193 -17.33 -26.01 -29.62
CA LYS B 193 -16.19 -26.71 -30.29
C LYS B 193 -15.65 -25.84 -31.41
N SER B 194 -16.52 -25.28 -32.25
CA SER B 194 -16.12 -24.43 -33.40
C SER B 194 -15.66 -23.05 -32.91
N LEU B 195 -16.40 -22.43 -32.01
CA LEU B 195 -16.08 -21.05 -31.58
C LEU B 195 -14.72 -21.02 -30.88
N GLN B 196 -14.36 -22.05 -30.12
CA GLN B 196 -13.07 -22.03 -29.40
C GLN B 196 -11.91 -22.15 -30.41
N VAL B 197 -12.05 -23.02 -31.41
CA VAL B 197 -10.96 -23.19 -32.41
C VAL B 197 -10.83 -21.89 -33.22
N THR B 198 -11.93 -21.25 -33.56
CA THR B 198 -11.89 -19.98 -34.32
C THR B 198 -11.23 -18.89 -33.47
N ARG B 199 -11.62 -18.79 -32.21
CA ARG B 199 -11.04 -17.78 -31.28
C ARG B 199 -9.54 -17.99 -31.18
N ILE B 200 -9.09 -19.23 -31.05
CA ILE B 200 -7.64 -19.50 -30.83
C ILE B 200 -6.92 -19.28 -32.16
N PHE B 201 -7.55 -19.54 -33.29
CA PHE B 201 -6.97 -19.24 -34.62
C PHE B 201 -6.69 -17.73 -34.74
N LEU B 202 -7.66 -16.91 -34.38
CA LEU B 202 -7.49 -15.44 -34.44
C LEU B 202 -6.41 -15.00 -33.44
N GLN B 203 -6.41 -15.55 -32.24
CA GLN B 203 -5.38 -15.17 -31.23
C GLN B 203 -4.00 -15.55 -31.75
N ALA B 204 -3.88 -16.69 -32.43
CA ALA B 204 -2.59 -17.15 -32.99
C ALA B 204 -2.13 -16.17 -34.07
N LEU B 205 -3.03 -15.79 -34.97
CA LEU B 205 -2.72 -14.79 -36.02
C LEU B 205 -2.23 -13.51 -35.35
N ASN B 206 -2.93 -13.02 -34.32
CA ASN B 206 -2.59 -11.74 -33.66
C ASN B 206 -1.22 -11.85 -33.01
N LEU B 207 -0.92 -12.99 -32.39
CA LEU B 207 0.38 -13.11 -31.70
C LEU B 207 1.52 -13.24 -32.72
N GLY B 208 1.27 -13.88 -33.85
CA GLY B 208 2.25 -13.88 -34.96
C GLY B 208 2.53 -12.47 -35.45
N ILE B 209 1.49 -11.68 -35.63
CA ILE B 209 1.63 -10.24 -35.98
C ILE B 209 2.49 -9.58 -34.90
N GLU B 210 2.21 -9.87 -33.63
CA GLU B 210 2.91 -9.18 -32.52
C GLU B 210 4.41 -9.50 -32.59
N VAL B 211 4.76 -10.76 -32.73
CA VAL B 211 6.20 -11.16 -32.65
C VAL B 211 6.91 -10.70 -33.92
N ILE B 212 6.24 -10.73 -35.06
CA ILE B 212 6.88 -10.27 -36.32
C ILE B 212 7.08 -8.75 -36.25
N ASN B 213 6.17 -8.03 -35.60
CA ASN B 213 6.35 -6.57 -35.35
C ASN B 213 7.52 -6.39 -34.40
N THR B 214 7.66 -7.27 -33.42
CA THR B 214 8.72 -7.14 -32.42
C THR B 214 10.09 -7.34 -33.06
N THR B 215 10.21 -8.20 -34.06
CA THR B 215 11.53 -8.55 -34.65
C THR B 215 12.30 -7.28 -35.03
N ASP B 216 11.68 -6.39 -35.80
CA ASP B 216 12.42 -5.23 -36.37
C ASP B 216 12.70 -4.17 -35.30
N HIS B 217 12.14 -4.28 -34.11
CA HIS B 217 12.42 -3.32 -32.99
C HIS B 217 13.37 -3.94 -31.96
N LEU B 218 14.09 -5.00 -32.30
CA LEU B 218 14.98 -5.67 -31.31
C LEU B 218 16.22 -4.80 -31.09
N LYS B 219 16.31 -4.18 -29.92
CA LYS B 219 17.54 -3.47 -29.49
C LYS B 219 18.63 -4.49 -29.16
N PHE B 220 19.86 -4.19 -29.52
CA PHE B 220 21.01 -5.12 -29.34
C PHE B 220 21.96 -4.58 -28.29
N SER B 221 23.00 -5.36 -28.00
CA SER B 221 24.08 -4.98 -27.05
C SER B 221 24.86 -3.77 -27.58
N LYS B 222 25.55 -3.10 -26.67
CA LYS B 222 26.44 -1.96 -27.01
C LYS B 222 27.64 -2.48 -27.81
N ASP B 223 28.18 -3.63 -27.40
CA ASP B 223 29.33 -4.26 -28.09
C ASP B 223 28.95 -4.52 -29.54
N CYS B 224 27.72 -4.97 -29.80
CA CYS B 224 27.28 -5.24 -31.17
C CYS B 224 27.12 -3.93 -31.93
N GLY B 225 26.64 -2.89 -31.25
CA GLY B 225 26.55 -1.54 -31.87
C GLY B 225 27.92 -1.11 -32.38
N ARG B 226 28.95 -1.28 -31.55
CA ARG B 226 30.31 -0.88 -31.92
C ARG B 226 30.84 -1.78 -33.03
N MET B 227 30.52 -3.07 -33.00
CA MET B 227 31.00 -4.00 -34.06
C MET B 227 30.35 -3.65 -35.39
N LEU B 228 29.04 -3.34 -35.38
CA LEU B 228 28.33 -2.94 -36.63
C LEU B 228 28.91 -1.61 -37.13
N THR B 229 29.19 -0.67 -36.23
CA THR B 229 29.79 0.63 -36.63
C THR B 229 31.15 0.37 -37.29
N ARG B 230 31.95 -0.52 -36.70
CA ARG B 230 33.27 -0.86 -37.30
C ARG B 230 33.06 -1.50 -38.68
N MET B 231 32.11 -2.42 -38.78
CA MET B 231 31.92 -3.21 -40.03
C MET B 231 31.39 -2.31 -41.15
N TRP B 232 30.55 -1.33 -40.84
CA TRP B 232 29.84 -0.54 -41.89
C TRP B 232 30.48 0.81 -42.15
N TYR B 233 31.10 1.45 -41.15
CA TYR B 233 31.42 2.89 -41.26
C TYR B 233 32.86 3.20 -40.87
N CYS B 234 33.46 2.44 -39.97
CA CYS B 234 34.80 2.78 -39.45
C CYS B 234 35.84 2.78 -40.58
N SER B 235 35.53 2.19 -41.73
CA SER B 235 36.43 2.25 -42.91
C SER B 235 36.49 3.69 -43.44
N TYR B 236 35.40 4.44 -43.29
CA TYR B 236 35.36 5.86 -43.74
C TYR B 236 36.27 6.71 -42.86
N CYS B 237 36.39 6.37 -41.58
CA CYS B 237 37.26 7.13 -40.65
C CYS B 237 38.74 6.97 -41.06
N GLN B 238 39.08 5.87 -41.73
CA GLN B 238 40.47 5.62 -42.19
C GLN B 238 40.66 6.17 -43.61
N GLY B 239 39.67 6.87 -44.15
CA GLY B 239 39.77 7.58 -45.44
C GLY B 239 39.43 6.70 -46.64
N LEU B 240 38.81 5.54 -46.43
CA LEU B 240 38.43 4.65 -47.56
C LEU B 240 37.03 5.02 -48.03
N MET B 241 36.79 4.94 -49.34
CA MET B 241 35.55 5.47 -49.93
C MET B 241 34.59 4.34 -50.30
N MET B 242 35.07 3.27 -50.92
CA MET B 242 34.16 2.23 -51.48
C MET B 242 34.51 0.84 -50.95
N VAL B 243 35.41 0.73 -49.97
CA VAL B 243 35.81 -0.59 -49.41
C VAL B 243 34.65 -1.17 -48.60
N LYS B 244 34.33 -2.45 -48.84
CA LYS B 244 33.27 -3.19 -48.13
C LYS B 244 33.89 -4.16 -47.12
N PRO B 245 33.16 -4.48 -46.04
CA PRO B 245 33.61 -5.47 -45.08
C PRO B 245 33.62 -6.90 -45.64
N CYS B 246 34.48 -7.72 -45.07
CA CYS B 246 34.64 -9.13 -45.48
C CYS B 246 33.38 -9.93 -45.13
N GLY B 247 33.03 -10.89 -45.99
CA GLY B 247 31.92 -11.82 -45.75
C GLY B 247 32.08 -12.57 -44.43
N GLY B 248 33.29 -13.03 -44.14
CA GLY B 248 33.53 -13.80 -42.90
C GLY B 248 33.40 -12.89 -41.67
N TYR B 249 33.84 -11.64 -41.78
CA TYR B 249 33.71 -10.69 -40.66
C TYR B 249 32.22 -10.38 -40.41
N CYS B 250 31.44 -10.24 -41.48
CA CYS B 250 29.99 -10.03 -41.34
C CYS B 250 29.36 -11.25 -40.68
N ASN B 251 29.83 -12.44 -41.05
CA ASN B 251 29.30 -13.70 -40.48
C ASN B 251 29.57 -13.75 -38.98
N VAL B 252 30.81 -13.46 -38.57
CA VAL B 252 31.16 -13.56 -37.13
C VAL B 252 30.37 -12.50 -36.36
N VAL B 253 30.25 -11.29 -36.89
CA VAL B 253 29.51 -10.20 -36.18
C VAL B 253 28.04 -10.60 -36.04
N MET B 254 27.42 -11.04 -37.13
CA MET B 254 25.97 -11.34 -37.12
C MET B 254 25.67 -12.52 -36.22
N GLN B 255 26.41 -13.62 -36.37
CA GLN B 255 26.28 -14.78 -35.45
C GLN B 255 26.67 -14.37 -34.02
N GLY B 256 27.36 -13.24 -33.85
CA GLY B 256 27.70 -12.73 -32.51
C GLY B 256 26.49 -12.11 -31.82
N CYS B 257 25.77 -11.22 -32.50
CA CYS B 257 24.65 -10.51 -31.83
C CYS B 257 23.29 -11.18 -32.12
N MET B 258 23.23 -12.21 -32.97
CA MET B 258 21.94 -12.90 -33.21
C MET B 258 21.93 -14.27 -32.54
N ALA B 259 22.78 -14.49 -31.54
CA ALA B 259 22.86 -15.79 -30.85
C ALA B 259 21.54 -16.06 -30.13
N GLY B 260 20.90 -15.02 -29.59
CA GLY B 260 19.60 -15.13 -28.91
C GLY B 260 18.46 -15.24 -29.90
N VAL B 261 18.53 -14.44 -30.95
CA VAL B 261 17.41 -14.34 -31.93
C VAL B 261 17.29 -15.67 -32.69
N VAL B 262 18.41 -16.32 -32.98
CA VAL B 262 18.40 -17.59 -33.77
C VAL B 262 17.73 -18.68 -32.94
N GLU B 263 17.79 -18.60 -31.62
CA GLU B 263 17.17 -19.62 -30.73
C GLU B 263 15.64 -19.59 -30.86
N ILE B 264 15.07 -18.53 -31.43
CA ILE B 264 13.60 -18.45 -31.61
C ILE B 264 13.14 -19.41 -32.72
N ASP B 265 14.06 -19.89 -33.55
CA ASP B 265 13.68 -20.61 -34.80
C ASP B 265 12.92 -21.90 -34.47
N LYS B 266 13.35 -22.63 -33.46
CA LYS B 266 12.68 -23.89 -33.03
C LYS B 266 11.20 -23.59 -32.71
N TYR B 267 10.96 -22.56 -31.91
CA TYR B 267 9.60 -22.27 -31.41
C TYR B 267 8.76 -21.72 -32.57
N TRP B 268 9.38 -20.97 -33.46
CA TRP B 268 8.65 -20.42 -34.63
C TRP B 268 8.24 -21.57 -35.57
N ARG B 269 9.12 -22.53 -35.76
CA ARG B 269 8.81 -23.73 -36.60
C ARG B 269 7.66 -24.49 -35.96
N GLU B 270 7.72 -24.70 -34.64
CA GLU B 270 6.65 -25.43 -33.93
C GLU B 270 5.34 -24.64 -34.05
N TYR B 271 5.41 -23.32 -34.01
CA TYR B 271 4.20 -22.46 -34.16
C TYR B 271 3.57 -22.69 -35.53
N ILE B 272 4.39 -22.62 -36.59
CA ILE B 272 3.89 -22.84 -37.98
C ILE B 272 3.22 -24.21 -38.04
N LEU B 273 3.89 -25.24 -37.53
CA LEU B 273 3.40 -26.63 -37.71
C LEU B 273 2.13 -26.84 -36.88
N SER B 274 2.04 -26.21 -35.70
CA SER B 274 0.84 -26.33 -34.85
C SER B 274 -0.33 -25.61 -35.52
N LEU B 275 -0.08 -24.46 -36.13
CA LEU B 275 -1.16 -23.78 -36.90
C LEU B 275 -1.64 -24.69 -38.03
N GLU B 276 -0.72 -25.35 -38.73
CA GLU B 276 -1.07 -26.33 -39.78
C GLU B 276 -1.92 -27.43 -39.14
N GLU B 277 -1.60 -27.84 -37.92
CA GLU B 277 -2.34 -28.91 -37.21
C GLU B 277 -3.76 -28.43 -36.95
N LEU B 278 -3.92 -27.15 -36.64
CA LEU B 278 -5.24 -26.58 -36.25
C LEU B 278 -6.17 -26.41 -37.43
N VAL B 279 -5.66 -25.91 -38.55
CA VAL B 279 -6.53 -25.63 -39.72
C VAL B 279 -7.23 -26.95 -40.10
N ASN B 280 -6.51 -28.07 -40.09
CA ASN B 280 -7.05 -29.37 -40.52
C ASN B 280 -8.07 -29.90 -39.50
N ASP B 287 -14.72 -25.64 -40.03
CA ASP B 287 -15.18 -26.13 -38.71
C ASP B 287 -16.42 -25.36 -38.27
N MET B 288 -16.50 -24.05 -38.54
CA MET B 288 -17.44 -23.16 -37.82
C MET B 288 -18.49 -22.62 -38.80
N GLU B 289 -18.22 -22.60 -40.09
CA GLU B 289 -19.19 -22.10 -41.09
C GLU B 289 -20.39 -23.05 -41.15
N ASN B 290 -20.11 -24.33 -41.25
CA ASN B 290 -21.12 -25.42 -41.36
C ASN B 290 -22.03 -25.41 -40.12
N VAL B 291 -21.44 -25.29 -38.95
CA VAL B 291 -22.16 -25.43 -37.65
C VAL B 291 -23.16 -24.28 -37.52
N LEU B 292 -22.69 -23.05 -37.63
CA LEU B 292 -23.57 -21.87 -37.45
C LEU B 292 -24.67 -21.85 -38.50
N LEU B 293 -24.45 -22.47 -39.67
CA LEU B 293 -25.46 -22.43 -40.75
C LEU B 293 -26.52 -23.52 -40.59
N GLY B 294 -26.27 -24.58 -39.82
CA GLY B 294 -27.29 -25.62 -39.54
C GLY B 294 -28.11 -25.31 -38.29
N LEU B 295 -27.69 -24.32 -37.49
CA LEU B 295 -28.35 -23.91 -36.23
C LEU B 295 -29.86 -23.73 -36.40
N PHE B 296 -30.33 -23.16 -37.51
CA PHE B 296 -31.77 -22.82 -37.68
C PHE B 296 -32.62 -24.10 -37.66
N SER B 297 -32.21 -25.15 -38.37
CA SER B 297 -32.97 -26.41 -38.41
C SER B 297 -33.07 -26.97 -36.98
N THR B 298 -31.97 -26.94 -36.24
CA THR B 298 -31.95 -27.49 -34.87
C THR B 298 -32.91 -26.69 -33.98
N ILE B 299 -32.89 -25.37 -34.08
CA ILE B 299 -33.77 -24.52 -33.23
C ILE B 299 -35.23 -24.79 -33.59
N HIS B 300 -35.56 -24.85 -34.87
CA HIS B 300 -36.94 -25.14 -35.32
C HIS B 300 -37.38 -26.48 -34.74
N ASP B 301 -36.52 -27.49 -34.84
CA ASP B 301 -36.86 -28.85 -34.33
C ASP B 301 -37.02 -28.81 -32.81
N SER B 302 -36.22 -28.00 -32.11
CA SER B 302 -36.35 -27.90 -30.63
C SER B 302 -37.70 -27.27 -30.27
N ILE B 303 -38.13 -26.27 -31.05
CA ILE B 303 -39.44 -25.63 -30.79
C ILE B 303 -40.55 -26.66 -31.02
N GLN B 304 -40.44 -27.43 -32.10
CA GLN B 304 -41.38 -28.55 -32.36
C GLN B 304 -41.37 -29.52 -31.18
N TYR B 305 -40.19 -29.87 -30.69
CA TYR B 305 -40.04 -30.84 -29.59
C TYR B 305 -40.80 -30.34 -28.36
N VAL B 306 -40.65 -29.07 -28.03
CA VAL B 306 -41.34 -28.50 -26.84
C VAL B 306 -42.84 -28.49 -27.08
N GLN B 307 -43.27 -28.12 -28.29
CA GLN B 307 -44.72 -28.08 -28.61
C GLN B 307 -45.30 -29.49 -28.58
N LYS B 308 -44.47 -30.52 -28.69
CA LYS B 308 -44.98 -31.92 -28.80
C LYS B 308 -45.63 -32.36 -27.49
N ASN B 309 -45.18 -31.86 -26.35
CA ASN B 309 -45.71 -32.30 -25.03
C ASN B 309 -46.51 -31.19 -24.37
N GLY B 310 -47.12 -30.32 -25.18
CA GLY B 310 -47.87 -29.16 -24.67
C GLY B 310 -49.00 -29.56 -23.74
N GLY B 311 -49.66 -30.68 -24.03
CA GLY B 311 -50.79 -31.17 -23.21
C GLY B 311 -50.43 -31.21 -21.74
N LYS B 312 -49.41 -32.00 -21.40
CA LYS B 312 -48.96 -32.14 -20.00
C LYS B 312 -48.29 -30.84 -19.56
N LEU B 313 -47.56 -30.16 -20.46
CA LEU B 313 -46.72 -29.02 -20.04
C LEU B 313 -47.61 -27.87 -19.55
N THR B 314 -48.67 -27.56 -20.28
CA THR B 314 -49.56 -26.42 -19.94
C THR B 314 -50.24 -26.66 -18.59
N THR B 315 -50.69 -27.88 -18.34
CA THR B 315 -51.40 -28.19 -17.08
C THR B 315 -50.41 -28.12 -15.93
N THR B 316 -49.24 -28.74 -16.08
CA THR B 316 -48.22 -28.72 -15.01
C THR B 316 -47.83 -27.27 -14.70
N ILE B 317 -47.68 -26.46 -15.73
CA ILE B 317 -47.18 -25.06 -15.54
C ILE B 317 -48.30 -24.21 -14.97
N GLY B 318 -49.55 -24.42 -15.40
CA GLY B 318 -50.71 -23.69 -14.84
C GLY B 318 -50.84 -23.96 -13.34
N LYS B 319 -50.62 -25.21 -12.94
CA LYS B 319 -50.65 -25.56 -11.49
C LYS B 319 -49.45 -24.93 -10.78
N LEU B 320 -48.25 -25.04 -11.36
CA LEU B 320 -47.00 -24.63 -10.66
C LEU B 320 -46.88 -23.10 -10.62
N CYS B 321 -47.43 -22.39 -11.59
CA CYS B 321 -47.25 -20.92 -11.69
C CYS B 321 -48.63 -20.24 -11.70
N THR B 355 -15.34 -20.82 -49.46
CA THR B 355 -13.99 -20.36 -49.88
C THR B 355 -13.15 -20.02 -48.65
N LEU B 356 -13.65 -20.31 -47.45
CA LEU B 356 -12.87 -20.14 -46.20
C LEU B 356 -11.73 -21.16 -46.13
N SER B 357 -12.02 -22.45 -46.32
CA SER B 357 -11.00 -23.51 -46.17
C SER B 357 -9.89 -23.29 -47.19
N SER B 358 -10.25 -22.85 -48.40
CA SER B 358 -9.26 -22.51 -49.45
C SER B 358 -8.33 -21.42 -48.93
N ARG B 359 -8.88 -20.41 -48.26
CA ARG B 359 -8.06 -19.26 -47.78
C ARG B 359 -7.08 -19.74 -46.72
N ARG B 360 -7.53 -20.49 -45.73
CA ARG B 360 -6.61 -20.96 -44.65
C ARG B 360 -5.59 -21.94 -45.23
N ARG B 361 -5.98 -22.71 -46.23
CA ARG B 361 -5.01 -23.65 -46.88
C ARG B 361 -3.92 -22.84 -47.60
N GLU B 362 -4.31 -21.84 -48.38
CA GLU B 362 -3.32 -20.99 -49.08
C GLU B 362 -2.48 -20.23 -48.04
N LEU B 363 -3.10 -19.81 -46.94
CA LEU B 363 -2.35 -19.11 -45.86
C LEU B 363 -1.29 -20.04 -45.29
N ILE B 364 -1.62 -21.28 -45.01
CA ILE B 364 -0.64 -22.22 -44.39
C ILE B 364 0.45 -22.53 -45.42
N GLN B 365 0.08 -22.73 -46.68
CA GLN B 365 1.08 -23.05 -47.74
C GLN B 365 2.02 -21.85 -47.96
N LYS B 366 1.52 -20.62 -47.81
CA LYS B 366 2.38 -19.41 -47.92
C LYS B 366 3.19 -19.23 -46.64
N LEU B 367 2.65 -19.63 -45.49
CA LEU B 367 3.35 -19.45 -44.19
C LEU B 367 4.50 -20.44 -44.08
N LYS B 368 4.39 -21.60 -44.74
CA LYS B 368 5.47 -22.62 -44.68
C LYS B 368 6.68 -22.14 -45.47
N SER B 369 6.54 -21.15 -46.34
CA SER B 369 7.68 -20.55 -47.08
C SER B 369 8.54 -19.67 -46.15
N PHE B 370 8.02 -19.31 -44.97
CA PHE B 370 8.77 -18.44 -44.02
C PHE B 370 9.16 -19.22 -42.77
N ILE B 371 9.24 -20.54 -42.84
CA ILE B 371 9.60 -21.36 -41.65
C ILE B 371 11.07 -21.15 -41.31
N ASN B 372 11.90 -20.71 -42.27
CA ASN B 372 13.34 -20.50 -42.05
C ASN B 372 13.63 -19.05 -41.67
N PHE B 373 12.63 -18.25 -41.33
CA PHE B 373 12.77 -16.78 -41.21
C PHE B 373 13.87 -16.43 -40.21
N TYR B 374 13.82 -17.03 -39.04
CA TYR B 374 14.75 -16.67 -37.93
C TYR B 374 16.13 -17.31 -38.18
N SER B 375 16.19 -18.44 -38.86
CA SER B 375 17.49 -19.12 -39.11
C SER B 375 18.22 -18.45 -40.30
N ALA B 376 17.47 -17.92 -41.26
CA ALA B 376 18.04 -17.26 -42.45
C ALA B 376 18.26 -15.77 -42.19
N LEU B 377 17.99 -15.27 -40.98
CA LEU B 377 17.97 -13.80 -40.76
C LEU B 377 19.39 -13.22 -40.80
N PRO B 378 20.41 -13.77 -40.10
CA PRO B 378 21.76 -13.23 -40.23
C PRO B 378 22.30 -13.32 -41.66
N GLY B 379 21.97 -14.42 -42.34
CA GLY B 379 22.32 -14.58 -43.77
C GLY B 379 21.70 -13.46 -44.59
N TYR B 380 20.48 -13.07 -44.26
CA TYR B 380 19.80 -11.96 -44.96
C TYR B 380 20.56 -10.66 -44.69
N ILE B 381 20.89 -10.40 -43.44
CA ILE B 381 21.55 -9.11 -43.06
C ILE B 381 22.88 -9.02 -43.81
N CYS B 382 23.63 -10.11 -43.91
CA CYS B 382 24.94 -10.06 -44.59
C CYS B 382 24.78 -10.03 -46.11
N SER B 383 23.76 -10.71 -46.65
CA SER B 383 23.60 -10.82 -48.12
C SER B 383 22.95 -9.53 -48.66
N HIS B 384 22.32 -8.74 -47.80
CA HIS B 384 21.71 -7.45 -48.19
C HIS B 384 22.55 -6.28 -47.69
N SER B 385 23.59 -6.51 -46.91
CA SER B 385 24.55 -5.42 -46.61
C SER B 385 25.70 -5.48 -47.60
N PRO B 386 26.33 -4.34 -47.95
CA PRO B 386 27.50 -4.37 -48.83
C PRO B 386 28.68 -5.11 -48.17
N VAL B 387 29.02 -6.27 -48.72
CA VAL B 387 30.14 -7.10 -48.19
C VAL B 387 30.96 -7.62 -49.36
N ALA B 388 32.24 -7.84 -49.11
CA ALA B 388 33.15 -8.51 -50.07
C ALA B 388 33.04 -10.02 -49.83
N GLU B 389 32.22 -10.69 -50.63
CA GLU B 389 32.03 -12.16 -50.51
C GLU B 389 33.35 -12.91 -50.73
N ASN B 390 34.24 -12.39 -51.59
CA ASN B 390 35.49 -13.09 -51.94
C ASN B 390 36.47 -13.07 -50.76
N ASP B 391 36.20 -12.27 -49.72
CA ASP B 391 37.13 -12.07 -48.58
C ASP B 391 38.49 -11.57 -49.09
N THR B 392 38.50 -10.83 -50.19
CA THR B 392 39.74 -10.26 -50.75
C THR B 392 39.62 -8.75 -50.79
N LEU B 393 40.70 -8.06 -50.42
CA LEU B 393 40.79 -6.57 -50.39
C LEU B 393 39.55 -6.03 -49.68
N CYS B 394 39.35 -6.41 -48.42
CA CYS B 394 38.11 -6.10 -47.67
C CYS B 394 38.46 -5.49 -46.32
N TRP B 395 37.43 -4.97 -45.67
CA TRP B 395 37.55 -4.32 -44.34
C TRP B 395 37.22 -5.34 -43.25
N ASN B 396 38.11 -5.49 -42.29
CA ASN B 396 37.95 -6.52 -41.23
C ASN B 396 37.54 -5.86 -39.91
N GLY B 397 37.03 -4.63 -39.95
CA GLY B 397 36.61 -3.91 -38.73
C GLY B 397 37.70 -2.99 -38.20
N GLN B 398 38.96 -3.20 -38.58
CA GLN B 398 40.06 -2.34 -38.08
C GLN B 398 41.07 -1.98 -39.17
N GLU B 399 41.24 -2.79 -40.20
CA GLU B 399 42.24 -2.48 -41.26
C GLU B 399 41.81 -3.12 -42.58
N LEU B 400 42.36 -2.61 -43.67
CA LEU B 400 42.13 -3.20 -45.01
C LEU B 400 43.13 -4.34 -45.19
N VAL B 401 42.61 -5.56 -45.40
CA VAL B 401 43.46 -6.77 -45.47
C VAL B 401 43.38 -7.37 -46.87
N GLU B 402 44.38 -8.17 -47.20
CA GLU B 402 44.41 -8.89 -48.49
C GLU B 402 43.49 -10.11 -48.37
N ARG B 403 43.63 -10.86 -47.29
CA ARG B 403 42.73 -12.00 -46.96
C ARG B 403 42.32 -11.86 -45.50
N TYR B 404 41.11 -12.31 -45.19
CA TYR B 404 40.55 -12.16 -43.83
C TYR B 404 41.04 -13.31 -42.97
N SER B 405 41.42 -12.99 -41.73
CA SER B 405 42.07 -13.94 -40.79
C SER B 405 41.06 -14.93 -40.20
N GLN B 406 39.96 -14.43 -39.61
CA GLN B 406 39.02 -15.27 -38.82
C GLN B 406 39.77 -15.91 -37.65
N GLU B 428 18.42 -10.70 -24.06
CA GLU B 428 17.66 -11.83 -23.47
C GLU B 428 16.19 -11.46 -23.22
N PRO B 429 15.89 -10.38 -22.46
CA PRO B 429 14.55 -10.20 -21.90
C PRO B 429 13.42 -10.22 -22.94
N VAL B 430 13.59 -9.47 -24.02
CA VAL B 430 12.55 -9.38 -25.08
C VAL B 430 12.52 -10.70 -25.86
N VAL B 431 13.70 -11.26 -26.12
CA VAL B 431 13.78 -12.60 -26.79
C VAL B 431 13.09 -13.62 -25.88
N SER B 432 13.30 -13.51 -24.57
CA SER B 432 12.68 -14.44 -23.59
C SER B 432 11.15 -14.29 -23.66
N GLN B 433 10.66 -13.08 -23.80
CA GLN B 433 9.20 -12.86 -23.86
C GLN B 433 8.65 -13.45 -25.16
N ILE B 434 9.35 -13.25 -26.27
CA ILE B 434 8.94 -13.84 -27.58
C ILE B 434 8.84 -15.35 -27.41
N ILE B 435 9.84 -15.96 -26.80
CA ILE B 435 9.88 -17.44 -26.69
C ILE B 435 8.78 -17.89 -25.71
N ASP B 436 8.55 -17.14 -24.65
CA ASP B 436 7.48 -17.44 -23.68
C ASP B 436 6.13 -17.48 -24.40
N LYS B 437 5.83 -16.43 -25.16
CA LYS B 437 4.53 -16.34 -25.84
C LYS B 437 4.42 -17.43 -26.90
N LEU B 438 5.52 -17.74 -27.60
CA LEU B 438 5.49 -18.83 -28.60
C LEU B 438 5.21 -20.16 -27.91
N LYS B 439 5.85 -20.43 -26.77
CA LYS B 439 5.60 -21.70 -26.03
C LYS B 439 4.12 -21.76 -25.63
N HIS B 440 3.60 -20.66 -25.10
CA HIS B 440 2.19 -20.61 -24.67
C HIS B 440 1.26 -20.92 -25.84
N ILE B 441 1.41 -20.19 -26.93
CA ILE B 441 0.51 -20.33 -28.11
C ILE B 441 0.69 -21.73 -28.69
N ASN B 442 1.89 -22.30 -28.60
CA ASN B 442 2.13 -23.64 -29.19
C ASN B 442 1.41 -24.72 -28.37
N GLN B 443 1.50 -24.63 -27.05
CA GLN B 443 0.74 -25.55 -26.16
C GLN B 443 -0.75 -25.38 -26.49
N LEU B 444 -1.23 -24.15 -26.54
CA LEU B 444 -2.66 -23.90 -26.77
C LEU B 444 -3.10 -24.49 -28.13
N LEU B 445 -2.28 -24.34 -29.15
CA LEU B 445 -2.56 -24.91 -30.50
C LEU B 445 -2.65 -26.45 -30.38
N ARG B 446 -1.57 -27.05 -29.89
CA ARG B 446 -1.44 -28.53 -29.87
C ARG B 446 -2.62 -29.13 -29.10
N THR B 447 -3.10 -28.48 -28.05
CA THR B 447 -4.18 -29.06 -27.23
C THR B 447 -5.48 -29.09 -28.03
N MET B 448 -5.65 -28.13 -28.93
CA MET B 448 -6.91 -28.07 -29.72
C MET B 448 -6.90 -29.21 -30.75
N SER B 449 -5.76 -29.52 -31.34
CA SER B 449 -5.76 -30.63 -32.33
C SER B 449 -4.38 -31.26 -32.46
N LEU C 34 13.20 -45.55 -0.74
CA LEU C 34 14.03 -44.68 0.14
C LEU C 34 14.68 -43.57 -0.67
N GLN C 35 15.01 -42.47 0.02
CA GLN C 35 15.53 -41.25 -0.63
C GLN C 35 16.89 -40.85 -0.07
N VAL C 36 17.42 -41.55 0.94
CA VAL C 36 18.75 -41.21 1.50
C VAL C 36 19.65 -42.44 1.48
N CYS C 37 19.26 -43.47 2.21
CA CYS C 37 20.05 -44.73 2.32
C CYS C 37 20.04 -45.44 0.97
N LEU C 38 21.17 -45.44 0.27
CA LEU C 38 21.34 -46.18 -1.01
C LEU C 38 21.20 -47.68 -0.74
N PRO C 39 20.10 -48.32 -1.17
CA PRO C 39 19.90 -49.74 -0.86
C PRO C 39 20.71 -50.68 -1.76
N LYS C 40 21.84 -51.19 -1.27
CA LYS C 40 22.70 -52.10 -2.07
C LYS C 40 22.19 -53.53 -1.93
N GLY C 41 21.91 -53.97 -0.70
CA GLY C 41 21.31 -55.28 -0.44
C GLY C 41 19.89 -55.10 0.05
N PRO C 42 19.47 -55.86 1.08
CA PRO C 42 18.24 -55.53 1.79
C PRO C 42 18.46 -54.33 2.72
N THR C 43 17.48 -54.01 3.54
CA THR C 43 17.58 -52.86 4.47
C THR C 43 16.68 -53.12 5.68
N CYS C 44 17.14 -52.70 6.84
CA CYS C 44 16.43 -52.95 8.12
C CYS C 44 15.64 -51.71 8.53
N CYS C 45 15.57 -50.68 7.68
CA CYS C 45 14.90 -49.42 8.05
C CYS C 45 13.98 -48.94 6.94
N SER C 46 12.86 -48.35 7.30
CA SER C 46 11.85 -47.82 6.36
C SER C 46 12.15 -46.35 6.04
N ARG C 47 11.21 -45.67 5.38
CA ARG C 47 11.38 -44.25 5.03
C ARG C 47 11.22 -43.38 6.30
N LYS C 48 10.33 -43.75 7.21
CA LYS C 48 10.10 -42.93 8.42
C LYS C 48 11.31 -43.02 9.36
N MET C 49 11.90 -44.20 9.45
CA MET C 49 13.17 -44.35 10.23
C MET C 49 14.26 -43.51 9.57
N GLU C 50 14.23 -43.38 8.25
CA GLU C 50 15.21 -42.53 7.52
C GLU C 50 15.00 -41.07 7.93
N GLU C 51 13.75 -40.64 8.03
CA GLU C 51 13.45 -39.25 8.47
C GLU C 51 13.92 -39.05 9.91
N LYS C 52 13.70 -40.04 10.77
CA LYS C 52 14.18 -39.97 12.18
C LYS C 52 15.71 -39.82 12.19
N TYR C 53 16.39 -40.60 11.38
CA TYR C 53 17.87 -40.51 11.30
C TYR C 53 18.28 -39.13 10.79
N GLN C 54 17.51 -38.56 9.86
CA GLN C 54 17.83 -37.22 9.30
C GLN C 54 17.70 -36.17 10.41
N LEU C 55 16.63 -36.24 11.20
CA LEU C 55 16.41 -35.25 12.29
C LEU C 55 17.51 -35.42 13.34
N THR C 56 17.89 -36.65 13.65
CA THR C 56 18.98 -36.88 14.64
C THR C 56 20.29 -36.35 14.07
N ALA C 57 20.50 -36.45 12.76
CA ALA C 57 21.70 -35.89 12.11
C ALA C 57 21.71 -34.36 12.28
N ARG C 58 20.57 -33.74 12.02
CA ARG C 58 20.41 -32.27 12.22
C ARG C 58 20.77 -31.92 13.67
N LEU C 59 20.19 -32.63 14.63
CA LEU C 59 20.43 -32.32 16.07
C LEU C 59 21.91 -32.53 16.40
N ASN C 60 22.53 -33.58 15.87
CA ASN C 60 23.95 -33.88 16.18
C ASN C 60 24.84 -32.77 15.61
N MET C 61 24.56 -32.34 14.39
CA MET C 61 25.35 -31.25 13.76
C MET C 61 25.18 -29.97 14.60
N GLU C 62 23.97 -29.64 15.01
CA GLU C 62 23.72 -28.41 15.81
C GLU C 62 24.45 -28.51 17.14
N GLN C 63 24.42 -29.68 17.77
CA GLN C 63 25.09 -29.88 19.08
C GLN C 63 26.61 -29.72 18.90
N LEU C 64 27.17 -30.29 17.83
CA LEU C 64 28.63 -30.20 17.59
C LEU C 64 29.02 -28.73 17.36
N LEU C 65 28.26 -28.02 16.56
CA LEU C 65 28.55 -26.59 16.30
C LEU C 65 28.44 -25.79 17.60
N GLN C 66 27.42 -26.05 18.41
CA GLN C 66 27.24 -25.33 19.68
C GLN C 66 28.43 -25.62 20.60
N SER C 67 28.88 -26.87 20.66
CA SER C 67 30.02 -27.24 21.52
C SER C 67 31.29 -26.55 21.00
N ALA C 68 31.42 -26.39 19.68
CA ALA C 68 32.59 -25.70 19.09
C ALA C 68 32.55 -24.22 19.45
N SER C 69 31.36 -23.62 19.47
CA SER C 69 31.19 -22.14 19.58
C SER C 69 30.97 -21.71 21.03
N MET C 70 30.79 -22.63 21.97
CA MET C 70 30.31 -22.28 23.33
C MET C 70 31.35 -21.44 24.07
N GLU C 71 32.63 -21.82 24.01
CA GLU C 71 33.70 -21.12 24.76
C GLU C 71 33.74 -19.65 24.31
N LEU C 72 33.78 -19.44 23.00
CA LEU C 72 33.88 -18.08 22.42
C LEU C 72 32.58 -17.31 22.73
N LYS C 73 31.43 -17.94 22.58
CA LYS C 73 30.14 -17.28 22.87
C LYS C 73 30.15 -16.78 24.32
N PHE C 74 30.56 -17.63 25.26
CA PHE C 74 30.51 -17.25 26.69
C PHE C 74 31.54 -16.15 26.97
N LEU C 75 32.71 -16.23 26.34
CA LEU C 75 33.73 -15.17 26.47
C LEU C 75 33.11 -13.83 26.07
N ILE C 76 32.54 -13.75 24.87
CA ILE C 76 32.03 -12.45 24.36
C ILE C 76 30.81 -12.03 25.17
N ILE C 77 29.99 -12.97 25.64
CA ILE C 77 28.77 -12.60 26.42
C ILE C 77 29.22 -12.00 27.75
N GLN C 78 30.14 -12.66 28.43
CA GLN C 78 30.72 -12.16 29.69
C GLN C 78 31.25 -10.74 29.47
N ASN C 79 32.10 -10.55 28.47
CA ASN C 79 32.77 -9.24 28.26
C ASN C 79 31.71 -8.19 27.92
N ALA C 80 30.73 -8.52 27.08
CA ALA C 80 29.66 -7.57 26.70
C ALA C 80 28.92 -7.10 27.95
N ALA C 81 28.49 -8.06 28.78
CA ALA C 81 27.73 -7.76 30.02
C ALA C 81 28.60 -6.86 30.91
N VAL C 82 29.84 -7.25 31.13
CA VAL C 82 30.74 -6.53 32.07
C VAL C 82 30.94 -5.11 31.55
N PHE C 83 31.27 -4.93 30.27
CA PHE C 83 31.54 -3.58 29.73
C PHE C 83 30.28 -2.73 29.82
N GLN C 84 29.12 -3.30 29.52
CA GLN C 84 27.84 -2.54 29.58
C GLN C 84 27.63 -2.03 31.00
N GLU C 85 27.73 -2.92 31.98
CA GLU C 85 27.47 -2.54 33.38
C GLU C 85 28.53 -1.53 33.83
N ALA C 86 29.77 -1.72 33.40
CA ALA C 86 30.89 -0.84 33.84
C ALA C 86 30.67 0.57 33.29
N PHE C 87 30.28 0.68 32.02
CA PHE C 87 29.99 2.01 31.41
C PHE C 87 28.82 2.67 32.14
N GLU C 88 27.79 1.90 32.48
CA GLU C 88 26.63 2.50 33.20
C GLU C 88 27.08 2.98 34.58
N ILE C 89 27.92 2.20 35.25
CA ILE C 89 28.46 2.58 36.58
C ILE C 89 29.27 3.87 36.45
N VAL C 90 30.11 3.96 35.42
CA VAL C 90 30.96 5.16 35.20
C VAL C 90 30.05 6.37 35.00
N VAL C 91 29.02 6.24 34.18
CA VAL C 91 28.13 7.39 33.87
C VAL C 91 27.41 7.81 35.17
N ARG C 92 26.93 6.84 35.93
CA ARG C 92 26.21 7.16 37.19
C ARG C 92 27.16 7.85 38.17
N HIS C 93 28.37 7.32 38.32
CA HIS C 93 29.37 7.92 39.25
C HIS C 93 29.73 9.33 38.81
N ALA C 94 29.86 9.56 37.51
CA ALA C 94 30.23 10.90 37.01
C ALA C 94 29.08 11.89 37.27
N LYS C 95 27.85 11.47 37.02
CA LYS C 95 26.68 12.31 37.35
C LYS C 95 26.67 12.61 38.84
N ASN C 96 26.97 11.60 39.66
CA ASN C 96 27.01 11.76 41.13
C ASN C 96 28.06 12.79 41.52
N TYR C 97 29.25 12.71 40.93
CA TYR C 97 30.36 13.61 41.29
C TYR C 97 30.03 15.04 40.86
N THR C 98 29.44 15.20 39.68
CA THR C 98 29.05 16.54 39.19
C THR C 98 27.99 17.13 40.13
N ASN C 99 26.99 16.33 40.51
CA ASN C 99 25.93 16.79 41.44
C ASN C 99 26.56 17.17 42.78
N ALA C 100 27.51 16.37 43.27
CA ALA C 100 28.13 16.62 44.60
C ALA C 100 28.95 17.91 44.54
N MET C 101 29.68 18.14 43.46
CA MET C 101 30.52 19.35 43.34
C MET C 101 29.61 20.57 43.17
N PHE C 102 28.45 20.41 42.57
CA PHE C 102 27.46 21.52 42.51
C PHE C 102 26.92 21.80 43.91
N LYS C 103 26.54 20.75 44.64
CA LYS C 103 26.06 20.89 46.03
C LYS C 103 27.11 21.64 46.87
N ASN C 104 28.38 21.32 46.69
CA ASN C 104 29.42 21.84 47.60
C ASN C 104 29.85 23.25 47.21
N ASN C 105 30.04 23.52 45.93
CA ASN C 105 30.65 24.80 45.48
C ASN C 105 29.61 25.82 45.05
N TYR C 106 28.46 25.39 44.52
CA TYR C 106 27.45 26.33 43.97
C TYR C 106 26.08 25.92 44.45
N PRO C 107 25.79 26.05 45.76
CA PRO C 107 24.47 25.73 46.28
C PRO C 107 23.38 26.64 45.69
N SER C 108 23.75 27.85 45.29
CA SER C 108 22.82 28.83 44.68
C SER C 108 22.29 28.32 43.33
N LEU C 109 22.99 27.39 42.68
CA LEU C 109 22.57 26.86 41.35
C LEU C 109 21.67 25.64 41.50
N THR C 110 21.63 25.03 42.69
CA THR C 110 20.74 23.88 42.98
C THR C 110 19.39 24.42 43.39
N PRO C 111 18.28 23.67 43.19
CA PRO C 111 18.26 22.33 42.61
C PRO C 111 18.17 22.24 41.08
N GLN C 112 18.18 23.39 40.41
CA GLN C 112 18.11 23.42 38.93
C GLN C 112 19.32 22.68 38.36
N ALA C 113 20.48 22.78 39.02
CA ALA C 113 21.71 22.13 38.53
C ALA C 113 21.47 20.61 38.41
N PHE C 114 20.77 20.01 39.37
CA PHE C 114 20.52 18.56 39.35
C PHE C 114 19.70 18.19 38.12
N GLU C 115 18.73 19.02 37.75
CA GLU C 115 17.86 18.72 36.58
C GLU C 115 18.71 18.66 35.30
N PHE C 116 19.51 19.68 35.04
CA PHE C 116 20.22 19.71 33.74
C PHE C 116 21.37 18.70 33.76
N VAL C 117 21.97 18.44 34.91
CA VAL C 117 23.04 17.42 34.99
C VAL C 117 22.43 16.04 34.73
N GLY C 118 21.29 15.76 35.33
CA GLY C 118 20.60 14.46 35.12
C GLY C 118 20.21 14.30 33.66
N GLU C 119 19.68 15.35 33.05
CA GLU C 119 19.29 15.29 31.62
C GLU C 119 20.54 15.06 30.77
N PHE C 120 21.63 15.75 31.08
CA PHE C 120 22.87 15.62 30.29
C PHE C 120 23.37 14.18 30.35
N PHE C 121 23.48 13.60 31.53
CA PHE C 121 24.07 12.25 31.67
C PHE C 121 23.07 11.18 31.20
N THR C 122 21.78 11.45 31.31
CA THR C 122 20.75 10.57 30.69
C THR C 122 20.99 10.52 29.16
N ASP C 123 21.13 11.67 28.53
CA ASP C 123 21.42 11.73 27.07
C ASP C 123 22.76 11.05 26.78
N VAL C 124 23.73 11.20 27.68
CA VAL C 124 25.04 10.50 27.53
C VAL C 124 24.78 9.00 27.41
N SER C 125 24.09 8.41 28.39
CA SER C 125 23.81 6.96 28.42
C SER C 125 23.01 6.57 27.16
N LEU C 126 22.04 7.39 26.79
CA LEU C 126 21.19 7.11 25.61
C LEU C 126 22.08 7.05 24.36
N TYR C 127 23.07 7.93 24.26
CA TYR C 127 23.99 7.91 23.11
C TYR C 127 24.85 6.64 23.16
N ILE C 128 25.35 6.30 24.34
CA ILE C 128 26.23 5.10 24.51
C ILE C 128 25.45 3.87 24.03
N LEU C 129 24.15 3.80 24.33
CA LEU C 129 23.35 2.58 24.03
C LEU C 129 22.79 2.62 22.61
N GLY C 130 23.25 3.54 21.76
CA GLY C 130 22.98 3.50 20.30
C GLY C 130 21.85 4.40 19.87
N SER C 131 21.17 5.10 20.77
CA SER C 131 20.08 6.02 20.39
C SER C 131 20.63 7.22 19.61
N ASP C 132 19.82 7.79 18.74
CA ASP C 132 20.23 8.97 17.95
C ASP C 132 20.24 10.20 18.87
N ILE C 133 21.40 10.49 19.44
CA ILE C 133 21.59 11.71 20.27
C ILE C 133 22.73 12.53 19.68
N ASN C 134 22.55 13.84 19.63
CA ASN C 134 23.59 14.77 19.14
C ASN C 134 24.44 15.24 20.33
N VAL C 135 25.73 14.95 20.29
CA VAL C 135 26.65 15.29 21.42
C VAL C 135 26.76 16.82 21.55
N ASP C 136 26.99 17.51 20.45
CA ASP C 136 27.07 19.00 20.44
C ASP C 136 25.77 19.56 21.05
N ASP C 137 24.63 18.97 20.73
CA ASP C 137 23.34 19.46 21.26
C ASP C 137 23.25 19.20 22.77
N MET C 138 23.78 18.08 23.26
CA MET C 138 23.84 17.81 24.71
C MET C 138 24.57 18.96 25.42
N VAL C 139 25.80 19.24 24.98
CA VAL C 139 26.64 20.29 25.61
C VAL C 139 25.94 21.64 25.50
N ASN C 140 25.37 21.94 24.34
CA ASN C 140 24.77 23.28 24.11
C ASN C 140 23.53 23.44 24.99
N GLU C 141 22.72 22.40 25.15
CA GLU C 141 21.52 22.47 26.03
C GLU C 141 21.99 22.58 27.48
N LEU C 142 23.06 21.87 27.83
CA LEU C 142 23.64 21.97 29.19
C LEU C 142 23.99 23.43 29.50
N PHE C 143 24.77 24.10 28.65
CA PHE C 143 25.19 25.48 28.92
C PHE C 143 24.01 26.45 28.78
N ASP C 144 23.09 26.18 27.87
CA ASP C 144 21.87 27.01 27.73
C ASP C 144 21.06 26.99 29.03
N SER C 145 20.92 25.85 29.67
CA SER C 145 20.18 25.75 30.95
C SER C 145 21.04 26.32 32.09
N LEU C 146 22.36 26.17 32.02
CA LEU C 146 23.24 26.57 33.14
C LEU C 146 23.35 28.10 33.24
N PHE C 147 23.40 28.81 32.12
CA PHE C 147 23.71 30.26 32.15
C PHE C 147 22.63 31.07 32.87
N PRO C 148 21.31 30.89 32.60
CA PRO C 148 20.30 31.75 33.23
C PRO C 148 20.30 31.67 34.76
N VAL C 149 20.48 30.48 35.33
CA VAL C 149 20.49 30.33 36.80
C VAL C 149 21.76 30.98 37.35
N ILE C 150 22.87 30.88 36.63
CA ILE C 150 24.11 31.60 37.05
C ILE C 150 23.82 33.10 37.09
N TYR C 151 23.17 33.63 36.08
CA TYR C 151 22.91 35.08 36.01
C TYR C 151 21.93 35.50 37.12
N THR C 152 20.89 34.73 37.37
CA THR C 152 19.82 35.14 38.30
C THR C 152 20.23 34.92 39.76
N GLN C 153 21.08 33.93 40.05
CA GLN C 153 21.39 33.58 41.46
C GLN C 153 22.79 34.05 41.86
N MET C 154 23.74 34.12 40.94
CA MET C 154 25.15 34.43 41.30
C MET C 154 25.52 35.86 40.91
N MET C 155 25.10 36.34 39.74
CA MET C 155 25.55 37.65 39.22
C MET C 155 24.53 38.75 39.54
N ASN C 156 23.26 38.55 39.21
CA ASN C 156 22.19 39.54 39.46
C ASN C 156 21.09 38.89 40.30
N PRO C 157 21.30 38.77 41.62
CA PRO C 157 20.24 38.27 42.51
C PRO C 157 19.03 39.21 42.54
N GLY C 158 17.90 38.68 42.08
CA GLY C 158 16.58 39.36 41.99
C GLY C 158 16.18 39.67 40.55
N LEU C 164 12.07 34.28 35.14
CA LEU C 164 11.22 33.16 34.62
C LEU C 164 10.72 33.51 33.21
N ASP C 165 10.27 34.74 33.00
CA ASP C 165 9.79 35.19 31.68
C ASP C 165 10.98 35.62 30.82
N ILE C 166 12.04 36.11 31.44
CA ILE C 166 13.21 36.66 30.73
C ILE C 166 14.16 35.51 30.43
N ASN C 167 13.77 34.28 30.74
CA ASN C 167 14.69 33.12 30.69
C ASN C 167 15.25 32.94 29.28
N GLU C 168 14.41 33.05 28.26
CA GLU C 168 14.82 32.79 26.86
C GLU C 168 15.80 33.86 26.37
N CYS C 169 15.64 35.10 26.81
CA CYS C 169 16.58 36.19 26.44
C CYS C 169 17.98 35.82 26.97
N LEU C 170 18.06 35.29 28.18
CA LEU C 170 19.35 34.84 28.76
C LEU C 170 19.89 33.66 27.95
N ARG C 171 19.02 32.72 27.58
CA ARG C 171 19.44 31.53 26.80
C ARG C 171 20.04 31.96 25.46
N GLY C 172 19.42 32.94 24.80
CA GLY C 172 19.95 33.47 23.53
C GLY C 172 21.26 34.21 23.76
N ALA C 173 21.36 35.00 24.81
CA ALA C 173 22.56 35.81 25.09
C ALA C 173 23.75 34.87 25.40
N ARG C 174 23.48 33.69 25.94
CA ARG C 174 24.54 32.71 26.24
C ARG C 174 25.37 32.45 24.98
N ARG C 175 24.71 32.17 23.86
CA ARG C 175 25.42 31.80 22.62
C ARG C 175 25.78 33.06 21.83
N ASP C 176 24.92 34.07 21.83
CA ASP C 176 25.18 35.31 21.04
C ASP C 176 26.42 36.03 21.57
N LEU C 177 26.66 36.01 22.87
CA LEU C 177 27.82 36.74 23.45
C LEU C 177 28.97 35.79 23.77
N LYS C 178 28.81 34.49 23.52
CA LYS C 178 29.90 33.48 23.71
C LYS C 178 30.45 33.62 25.14
N VAL C 179 29.55 33.65 26.11
CA VAL C 179 29.91 33.93 27.54
C VAL C 179 30.85 32.82 28.05
N PHE C 180 30.70 31.59 27.59
CA PHE C 180 31.51 30.46 28.13
C PHE C 180 32.81 30.27 27.36
N GLY C 181 33.14 31.16 26.41
CA GLY C 181 34.39 31.05 25.63
C GLY C 181 34.48 29.74 24.87
N SER C 182 35.65 29.12 24.87
CA SER C 182 35.94 27.87 24.12
C SER C 182 35.58 26.63 24.95
N PHE C 183 35.09 26.79 26.17
CA PHE C 183 34.79 25.64 27.06
C PHE C 183 33.76 24.72 26.43
N PRO C 184 32.64 25.21 25.85
CA PRO C 184 31.68 24.29 25.25
C PRO C 184 32.26 23.42 24.13
N LYS C 185 33.08 23.99 23.24
CA LYS C 185 33.67 23.20 22.13
C LYS C 185 34.71 22.22 22.70
N LEU C 186 35.47 22.64 23.71
CA LEU C 186 36.45 21.74 24.37
C LEU C 186 35.73 20.50 24.91
N ILE C 187 34.70 20.70 25.71
CA ILE C 187 33.91 19.57 26.26
C ILE C 187 33.29 18.78 25.12
N MET C 188 32.80 19.48 24.10
CA MET C 188 32.11 18.82 22.95
C MET C 188 33.05 17.78 22.34
N THR C 189 34.24 18.19 21.95
CA THR C 189 35.20 17.26 21.29
C THR C 189 35.62 16.22 22.31
N GLN C 190 35.96 16.65 23.53
CA GLN C 190 36.47 15.73 24.58
C GLN C 190 35.51 14.55 24.75
N VAL C 191 34.21 14.81 24.76
CA VAL C 191 33.23 13.73 25.12
C VAL C 191 32.76 13.02 23.85
N SER C 192 32.64 13.70 22.73
CA SER C 192 32.20 13.07 21.47
C SER C 192 33.22 12.00 21.06
N LYS C 193 34.51 12.30 21.20
CA LYS C 193 35.60 11.40 20.73
C LYS C 193 35.52 10.08 21.50
N SER C 194 35.35 10.14 22.81
CA SER C 194 35.27 8.92 23.66
C SER C 194 33.92 8.22 23.48
N LEU C 195 32.82 8.97 23.48
CA LEU C 195 31.48 8.34 23.41
C LEU C 195 31.31 7.60 22.08
N GLN C 196 31.87 8.10 20.98
CA GLN C 196 31.69 7.40 19.68
C GLN C 196 32.42 6.06 19.69
N VAL C 197 33.63 6.04 20.23
CA VAL C 197 34.43 4.78 20.25
C VAL C 197 33.73 3.80 21.19
N THR C 198 33.20 4.26 22.32
CA THR C 198 32.51 3.36 23.26
C THR C 198 31.24 2.79 22.61
N ARG C 199 30.46 3.64 21.95
CA ARG C 199 29.21 3.20 21.30
C ARG C 199 29.53 2.12 20.27
N ILE C 200 30.58 2.34 19.48
CA ILE C 200 30.87 1.40 18.36
C ILE C 200 31.48 0.12 18.95
N PHE C 201 32.22 0.23 20.06
CA PHE C 201 32.77 -0.95 20.76
C PHE C 201 31.62 -1.84 21.22
N LEU C 202 30.61 -1.26 21.86
CA LEU C 202 29.47 -2.07 22.36
C LEU C 202 28.75 -2.70 21.18
N GLN C 203 28.50 -1.94 20.13
CA GLN C 203 27.74 -2.50 18.98
C GLN C 203 28.55 -3.63 18.34
N ALA C 204 29.88 -3.50 18.28
CA ALA C 204 30.76 -4.54 17.70
C ALA C 204 30.68 -5.82 18.55
N LEU C 205 30.76 -5.68 19.88
CA LEU C 205 30.62 -6.85 20.79
C LEU C 205 29.27 -7.53 20.54
N ASN C 206 28.21 -6.77 20.45
CA ASN C 206 26.85 -7.35 20.30
C ASN C 206 26.75 -8.06 18.95
N LEU C 207 27.32 -7.50 17.89
CA LEU C 207 27.22 -8.13 16.56
C LEU C 207 28.07 -9.40 16.51
N GLY C 208 29.20 -9.42 17.22
CA GLY C 208 29.98 -10.66 17.35
C GLY C 208 29.19 -11.74 18.05
N ILE C 209 28.52 -11.39 19.14
CA ILE C 209 27.58 -12.33 19.82
C ILE C 209 26.57 -12.83 18.78
N GLU C 210 26.03 -11.92 17.96
CA GLU C 210 24.95 -12.29 17.01
C GLU C 210 25.47 -13.35 16.03
N VAL C 211 26.64 -13.11 15.46
CA VAL C 211 27.13 -14.02 14.38
C VAL C 211 27.56 -15.34 15.02
N ILE C 212 28.12 -15.31 16.21
CA ILE C 212 28.54 -16.57 16.88
C ILE C 212 27.29 -17.38 17.24
N ASN C 213 26.21 -16.72 17.61
CA ASN C 213 24.94 -17.45 17.88
C ASN C 213 24.37 -17.99 16.57
N THR C 214 24.60 -17.31 15.46
CA THR C 214 24.11 -17.79 14.15
C THR C 214 24.87 -19.05 13.71
N THR C 215 26.16 -19.15 14.01
CA THR C 215 27.00 -20.28 13.52
C THR C 215 26.35 -21.62 13.85
N ASP C 216 26.02 -21.88 15.11
CA ASP C 216 25.55 -23.23 15.50
C ASP C 216 24.09 -23.41 15.06
N HIS C 217 23.45 -22.35 14.61
CA HIS C 217 22.05 -22.38 14.11
C HIS C 217 22.03 -22.22 12.58
N LEU C 218 23.16 -22.46 11.92
CA LEU C 218 23.25 -22.37 10.45
C LEU C 218 22.54 -23.58 9.86
N LYS C 219 21.40 -23.35 9.22
CA LYS C 219 20.71 -24.42 8.46
C LYS C 219 21.49 -24.70 7.17
N PHE C 220 21.57 -25.97 6.81
CA PHE C 220 22.36 -26.44 5.64
C PHE C 220 21.42 -26.95 4.54
N SER C 221 22.02 -27.27 3.40
CA SER C 221 21.30 -27.85 2.23
C SER C 221 20.70 -29.21 2.59
N LYS C 222 19.72 -29.62 1.80
CA LYS C 222 19.10 -30.96 1.94
C LYS C 222 20.12 -32.04 1.54
N ASP C 223 20.90 -31.80 0.48
CA ASP C 223 21.92 -32.76 0.03
C ASP C 223 22.90 -33.02 1.17
N CYS C 224 23.26 -32.00 1.93
CA CYS C 224 24.20 -32.17 3.05
C CYS C 224 23.52 -32.96 4.17
N GLY C 225 22.23 -32.70 4.39
CA GLY C 225 21.45 -33.47 5.38
C GLY C 225 21.51 -34.96 5.06
N ARG C 226 21.31 -35.30 3.79
CA ARG C 226 21.32 -36.72 3.35
C ARG C 226 22.74 -37.27 3.47
N MET C 227 23.75 -36.48 3.14
CA MET C 227 25.15 -36.98 3.23
C MET C 227 25.52 -37.22 4.70
N LEU C 228 25.13 -36.32 5.60
CA LEU C 228 25.41 -36.50 7.05
C LEU C 228 24.64 -37.71 7.56
N THR C 229 23.39 -37.89 7.13
CA THR C 229 22.58 -39.07 7.55
C THR C 229 23.28 -40.34 7.08
N ARG C 230 23.78 -40.36 5.85
CA ARG C 230 24.51 -41.53 5.33
C ARG C 230 25.77 -41.75 6.15
N MET C 231 26.51 -40.68 6.45
CA MET C 231 27.82 -40.80 7.13
C MET C 231 27.63 -41.29 8.58
N TRP C 232 26.56 -40.87 9.25
CA TRP C 232 26.43 -41.12 10.71
C TRP C 232 25.50 -42.30 11.02
N TYR C 233 24.50 -42.57 10.18
CA TYR C 233 23.39 -43.46 10.62
C TYR C 233 23.06 -44.53 9.58
N CYS C 234 23.26 -44.26 8.29
CA CYS C 234 22.83 -45.19 7.23
C CYS C 234 23.54 -46.55 7.38
N SER C 235 24.63 -46.61 8.15
CA SER C 235 25.31 -47.89 8.43
C SER C 235 24.41 -48.78 9.28
N TYR C 236 23.58 -48.18 10.13
CA TYR C 236 22.64 -48.93 10.98
C TYR C 236 21.55 -49.58 10.12
N CYS C 237 21.15 -48.93 9.03
CA CYS C 237 20.12 -49.49 8.12
C CYS C 237 20.63 -50.76 7.44
N GLN C 238 21.95 -50.88 7.29
CA GLN C 238 22.57 -52.08 6.65
C GLN C 238 22.92 -53.12 7.71
N GLY C 239 22.52 -52.88 8.97
CA GLY C 239 22.65 -53.87 10.06
C GLY C 239 24.00 -53.80 10.76
N LEU C 240 24.77 -52.73 10.58
CA LEU C 240 26.08 -52.61 11.26
C LEU C 240 25.89 -51.88 12.59
N MET C 241 26.61 -52.30 13.62
CA MET C 241 26.35 -51.84 14.99
C MET C 241 27.38 -50.80 15.45
N MET C 242 28.66 -51.02 15.22
CA MET C 242 29.70 -50.11 15.78
C MET C 242 30.63 -49.56 14.69
N VAL C 243 30.32 -49.78 13.42
CA VAL C 243 31.14 -49.25 12.30
C VAL C 243 31.04 -47.72 12.24
N LYS C 244 32.19 -47.06 12.13
CA LYS C 244 32.31 -45.58 12.03
C LYS C 244 32.66 -45.19 10.59
N PRO C 245 32.26 -43.97 10.18
CA PRO C 245 32.64 -43.47 8.86
C PRO C 245 34.13 -43.16 8.73
N CYS C 246 34.62 -43.23 7.50
CA CYS C 246 36.02 -42.96 7.16
C CYS C 246 36.35 -41.47 7.40
N GLY C 247 37.57 -41.21 7.86
CA GLY C 247 38.09 -39.84 8.03
C GLY C 247 38.03 -39.06 6.74
N GLY C 248 38.39 -39.67 5.61
CA GLY C 248 38.37 -38.99 4.31
C GLY C 248 36.96 -38.68 3.86
N TYR C 249 36.03 -39.59 4.13
CA TYR C 249 34.60 -39.36 3.79
C TYR C 249 34.05 -38.21 4.62
N CYS C 250 34.43 -38.13 5.90
CA CYS C 250 34.01 -36.99 6.76
C CYS C 250 34.59 -35.70 6.19
N ASN C 251 35.83 -35.75 5.71
CA ASN C 251 36.52 -34.56 5.15
C ASN C 251 35.76 -34.08 3.90
N VAL C 252 35.44 -34.99 3.00
CA VAL C 252 34.78 -34.59 1.73
C VAL C 252 33.38 -34.05 2.06
N VAL C 253 32.66 -34.69 2.98
CA VAL C 253 31.28 -34.23 3.34
C VAL C 253 31.37 -32.83 3.96
N MET C 254 32.26 -32.64 4.92
CA MET C 254 32.34 -31.36 5.66
C MET C 254 32.81 -30.23 4.73
N GLN C 255 33.88 -30.45 3.98
CA GLN C 255 34.31 -29.47 2.95
C GLN C 255 33.23 -29.30 1.88
N GLY C 256 32.28 -30.24 1.77
CA GLY C 256 31.14 -30.11 0.84
C GLY C 256 30.12 -29.11 1.32
N CYS C 257 29.68 -29.19 2.58
CA CYS C 257 28.60 -28.29 3.07
C CYS C 257 29.15 -27.09 3.84
N MET C 258 30.46 -26.98 4.05
CA MET C 258 31.00 -25.79 4.76
C MET C 258 31.75 -24.90 3.76
N ALA C 259 31.47 -25.03 2.47
CA ALA C 259 32.16 -24.23 1.43
C ALA C 259 31.81 -22.75 1.63
N GLY C 260 30.57 -22.47 2.05
CA GLY C 260 30.10 -21.10 2.31
C GLY C 260 30.59 -20.61 3.66
N VAL C 261 30.55 -21.45 4.68
CA VAL C 261 30.87 -21.04 6.07
C VAL C 261 32.36 -20.69 6.14
N VAL C 262 33.21 -21.39 5.42
CA VAL C 262 34.68 -21.15 5.45
C VAL C 262 34.99 -19.77 4.84
N GLU C 263 34.16 -19.28 3.94
CA GLU C 263 34.38 -17.96 3.30
C GLU C 263 34.21 -16.83 4.32
N ILE C 264 33.61 -17.11 5.47
CA ILE C 264 33.44 -16.07 6.52
C ILE C 264 34.80 -15.77 7.18
N ASP C 265 35.79 -16.64 7.02
CA ASP C 265 37.03 -16.58 7.83
C ASP C 265 37.78 -15.27 7.57
N LYS C 266 37.87 -14.83 6.32
CA LYS C 266 38.54 -13.55 5.98
C LYS C 266 37.91 -12.41 6.78
N TYR C 267 36.59 -12.31 6.76
CA TYR C 267 35.87 -11.18 7.38
C TYR C 267 35.96 -11.29 8.90
N TRP C 268 35.95 -12.50 9.44
CA TRP C 268 36.07 -12.69 10.90
C TRP C 268 37.47 -12.26 11.36
N ARG C 269 38.49 -12.61 10.59
CA ARG C 269 39.87 -12.19 10.91
C ARG C 269 39.97 -10.67 10.85
N GLU C 270 39.39 -10.05 9.83
CA GLU C 270 39.41 -8.57 9.69
C GLU C 270 38.65 -7.96 10.86
N TYR C 271 37.58 -8.59 11.31
CA TYR C 271 36.80 -8.10 12.47
C TYR C 271 37.68 -8.09 13.72
N ILE C 272 38.34 -9.21 13.98
CA ILE C 272 39.24 -9.33 15.17
C ILE C 272 40.30 -8.23 15.09
N LEU C 273 40.94 -8.09 13.94
CA LEU C 273 42.10 -7.15 13.81
C LEU C 273 41.60 -5.71 13.92
N SER C 274 40.42 -5.40 13.40
CA SER C 274 39.86 -4.03 13.47
C SER C 274 39.48 -3.72 14.92
N LEU C 275 38.95 -4.69 15.65
CA LEU C 275 38.66 -4.48 17.09
C LEU C 275 39.97 -4.19 17.83
N GLU C 276 41.03 -4.93 17.49
CA GLU C 276 42.37 -4.67 18.07
C GLU C 276 42.81 -3.25 17.72
N GLU C 277 42.48 -2.79 16.51
CA GLU C 277 42.85 -1.43 16.06
C GLU C 277 42.11 -0.41 16.91
N LEU C 278 40.87 -0.72 17.30
CA LEU C 278 40.01 0.22 18.05
C LEU C 278 40.41 0.33 19.51
N VAL C 279 40.73 -0.78 20.16
CA VAL C 279 41.06 -0.71 21.61
C VAL C 279 42.24 0.24 21.80
N ASN C 280 43.24 0.19 20.93
CA ASN C 280 44.43 1.07 21.04
C ASN C 280 44.08 2.53 20.77
N ASP C 287 39.66 5.73 28.47
CA ASP C 287 39.51 6.67 27.32
C ASP C 287 38.21 7.47 27.49
N MET C 288 37.20 6.84 28.08
CA MET C 288 35.90 7.50 28.37
C MET C 288 35.75 7.73 29.88
N GLU C 289 36.43 6.97 30.72
CA GLU C 289 36.32 7.11 32.19
C GLU C 289 36.91 8.45 32.65
N ASN C 290 38.11 8.78 32.17
CA ASN C 290 38.83 10.01 32.57
C ASN C 290 38.02 11.25 32.14
N VAL C 291 37.48 11.24 30.93
CA VAL C 291 36.76 12.42 30.38
C VAL C 291 35.52 12.70 31.23
N LEU C 292 34.63 11.71 31.36
CA LEU C 292 33.36 11.89 32.11
C LEU C 292 33.69 12.25 33.56
N LEU C 293 34.81 11.78 34.08
CA LEU C 293 35.13 12.04 35.50
C LEU C 293 35.77 13.41 35.70
N GLY C 294 36.38 14.00 34.67
CA GLY C 294 36.96 15.36 34.75
C GLY C 294 35.96 16.43 34.32
N LEU C 295 34.82 15.99 33.78
CA LEU C 295 33.75 16.92 33.35
C LEU C 295 33.44 17.96 34.43
N PHE C 296 33.39 17.56 35.69
CA PHE C 296 33.00 18.48 36.78
C PHE C 296 34.03 19.61 36.91
N SER C 297 35.32 19.27 36.86
CA SER C 297 36.41 20.27 36.95
C SER C 297 36.29 21.23 35.76
N THR C 298 36.04 20.69 34.58
CA THR C 298 35.96 21.53 33.37
C THR C 298 34.78 22.49 33.52
N ILE C 299 33.64 22.00 33.99
CA ILE C 299 32.44 22.85 34.15
C ILE C 299 32.71 23.94 35.19
N HIS C 300 33.33 23.58 36.30
CA HIS C 300 33.68 24.57 37.34
C HIS C 300 34.57 25.67 36.75
N ASP C 301 35.58 25.29 35.98
CA ASP C 301 36.50 26.30 35.40
C ASP C 301 35.71 27.19 34.44
N SER C 302 34.76 26.62 33.71
CA SER C 302 33.94 27.42 32.77
C SER C 302 33.08 28.42 33.57
N ILE C 303 32.56 27.99 34.71
CA ILE C 303 31.73 28.88 35.57
C ILE C 303 32.61 30.01 36.11
N GLN C 304 33.81 29.69 36.56
CA GLN C 304 34.77 30.73 37.00
C GLN C 304 35.01 31.70 35.85
N TYR C 305 35.22 31.17 34.65
CA TYR C 305 35.54 31.99 33.47
C TYR C 305 34.39 32.98 33.22
N VAL C 306 33.16 32.51 33.29
CA VAL C 306 32.00 33.39 33.03
C VAL C 306 31.91 34.44 34.15
N GLN C 307 32.12 34.02 35.40
CA GLN C 307 32.03 34.98 36.52
C GLN C 307 33.16 36.00 36.43
N LYS C 308 34.22 35.71 35.67
CA LYS C 308 35.40 36.61 35.60
C LYS C 308 35.01 37.93 34.91
N ASN C 309 34.06 37.90 33.97
CA ASN C 309 33.68 39.10 33.19
C ASN C 309 32.30 39.59 33.59
N GLY C 310 31.90 39.31 34.83
CA GLY C 310 30.56 39.67 35.34
C GLY C 310 30.28 41.15 35.24
N GLY C 311 31.28 41.99 35.48
CA GLY C 311 31.13 43.45 35.43
C GLY C 311 30.44 43.89 34.14
N LYS C 312 31.07 43.60 33.01
CA LYS C 312 30.53 43.97 31.69
C LYS C 312 29.31 43.10 31.38
N LEU C 313 29.29 41.84 31.80
CA LEU C 313 28.23 40.89 31.34
C LEU C 313 26.89 41.30 31.94
N THR C 314 26.86 41.63 33.23
CA THR C 314 25.58 41.97 33.91
C THR C 314 25.00 43.24 33.31
N THR C 315 25.83 44.23 33.04
CA THR C 315 25.33 45.52 32.50
C THR C 315 24.83 45.30 31.08
N THR C 316 25.61 44.60 30.25
CA THR C 316 25.21 44.34 28.85
C THR C 316 23.89 43.57 28.83
N ILE C 317 23.74 42.59 29.71
CA ILE C 317 22.54 41.70 29.69
C ILE C 317 21.35 42.47 30.27
N GLY C 318 21.56 43.27 31.31
CA GLY C 318 20.49 44.11 31.88
C GLY C 318 19.95 45.07 30.83
N LYS C 319 20.85 45.63 30.03
CA LYS C 319 20.46 46.53 28.91
C LYS C 319 19.71 45.75 27.83
N LEU C 320 20.24 44.58 27.43
CA LEU C 320 19.70 43.85 26.26
C LEU C 320 18.37 43.18 26.62
N CYS C 321 18.18 42.79 27.88
CA CYS C 321 17.00 42.01 28.29
C CYS C 321 16.26 42.78 29.40
N THR C 355 40.76 -0.22 35.80
CA THR C 355 40.85 -1.66 35.41
C THR C 355 40.10 -1.90 34.11
N LEU C 356 39.64 -0.85 33.45
CA LEU C 356 39.00 -0.94 32.12
C LEU C 356 40.01 -1.36 31.06
N SER C 357 41.15 -0.68 30.95
CA SER C 357 42.14 -0.94 29.88
C SER C 357 42.64 -2.37 30.01
N SER C 358 42.82 -2.84 31.25
CA SER C 358 43.22 -4.24 31.51
C SER C 358 42.18 -5.19 30.90
N ARG C 359 40.89 -4.88 31.09
CA ARG C 359 39.81 -5.77 30.60
C ARG C 359 39.83 -5.83 29.08
N ARG C 360 39.90 -4.70 28.39
CA ARG C 360 39.88 -4.73 26.91
C ARG C 360 41.16 -5.40 26.40
N ARG C 361 42.29 -5.24 27.09
CA ARG C 361 43.56 -5.90 26.66
C ARG C 361 43.39 -7.42 26.79
N GLU C 362 42.91 -7.89 27.94
CA GLU C 362 42.72 -9.34 28.14
C GLU C 362 41.66 -9.87 27.16
N LEU C 363 40.63 -9.07 26.88
CA LEU C 363 39.58 -9.48 25.90
C LEU C 363 40.21 -9.67 24.52
N ILE C 364 41.04 -8.74 24.08
CA ILE C 364 41.64 -8.84 22.72
C ILE C 364 42.61 -10.02 22.69
N GLN C 365 43.40 -10.20 23.75
CA GLN C 365 44.39 -11.31 23.79
C GLN C 365 43.67 -12.66 23.84
N LYS C 366 42.50 -12.75 24.46
CA LYS C 366 41.71 -14.00 24.45
C LYS C 366 40.98 -14.16 23.10
N LEU C 367 40.58 -13.06 22.47
CA LEU C 367 39.83 -13.13 21.19
C LEU C 367 40.76 -13.54 20.05
N LYS C 368 42.05 -13.21 20.13
CA LYS C 368 43.00 -13.56 19.05
C LYS C 368 43.27 -15.07 19.05
N SER C 369 42.96 -15.79 20.11
CA SER C 369 43.08 -17.27 20.17
C SER C 369 41.98 -17.93 19.33
N PHE C 370 40.94 -17.20 18.93
CA PHE C 370 39.82 -17.78 18.14
C PHE C 370 39.81 -17.20 16.72
N ILE C 371 40.92 -16.70 16.23
CA ILE C 371 40.96 -16.09 14.87
C ILE C 371 40.81 -17.18 13.81
N ASN C 372 41.11 -18.43 14.14
CA ASN C 372 41.03 -19.57 13.20
C ASN C 372 39.69 -20.28 13.31
N PHE C 373 38.71 -19.68 14.00
CA PHE C 373 37.46 -20.37 14.38
C PHE C 373 36.77 -20.95 13.14
N TYR C 374 36.58 -20.14 12.10
CA TYR C 374 35.80 -20.55 10.90
C TYR C 374 36.62 -21.50 10.02
N SER C 375 37.94 -21.39 10.02
CA SER C 375 38.81 -22.23 9.14
C SER C 375 39.01 -23.61 9.79
N ALA C 376 39.03 -23.69 11.12
CA ALA C 376 39.23 -24.96 11.85
C ALA C 376 37.89 -25.66 12.12
N LEU C 377 36.77 -25.14 11.62
CA LEU C 377 35.45 -25.66 12.06
C LEU C 377 35.18 -27.04 11.46
N PRO C 378 35.36 -27.31 10.15
CA PRO C 378 35.16 -28.65 9.64
C PRO C 378 36.10 -29.70 10.28
N GLY C 379 37.35 -29.29 10.54
CA GLY C 379 38.31 -30.15 11.27
C GLY C 379 37.77 -30.51 12.64
N TYR C 380 37.13 -29.55 13.30
CA TYR C 380 36.52 -29.79 14.62
C TYR C 380 35.38 -30.80 14.48
N ILE C 381 34.51 -30.61 13.51
CA ILE C 381 33.32 -31.47 13.34
C ILE C 381 33.80 -32.91 13.10
N CYS C 382 34.84 -33.10 12.29
CA CYS C 382 35.30 -34.47 12.00
C CYS C 382 36.11 -35.04 13.17
N SER C 383 36.86 -34.21 13.89
CA SER C 383 37.74 -34.72 14.98
C SER C 383 36.91 -34.97 16.25
N HIS C 384 35.71 -34.41 16.33
CA HIS C 384 34.80 -34.63 17.48
C HIS C 384 33.64 -35.53 17.09
N SER C 385 33.51 -35.90 15.81
CA SER C 385 32.53 -36.95 15.45
C SER C 385 33.21 -38.30 15.43
N PRO C 386 32.50 -39.40 15.73
CA PRO C 386 33.10 -40.74 15.61
C PRO C 386 33.49 -41.08 14.17
N VAL C 387 34.80 -41.14 13.91
CA VAL C 387 35.33 -41.46 12.56
C VAL C 387 36.47 -42.45 12.69
N ALA C 388 36.66 -43.27 11.66
CA ALA C 388 37.82 -44.17 11.54
C ALA C 388 38.95 -43.36 10.89
N GLU C 389 39.85 -42.82 11.69
CA GLU C 389 41.01 -42.03 11.19
C GLU C 389 41.89 -42.89 10.28
N ASN C 390 42.00 -44.19 10.53
CA ASN C 390 42.90 -45.07 9.75
C ASN C 390 42.36 -45.29 8.33
N ASP C 391 41.11 -44.91 8.07
CA ASP C 391 40.43 -45.18 6.77
C ASP C 391 40.46 -46.68 6.46
N THR C 392 40.42 -47.51 7.49
CA THR C 392 40.39 -48.99 7.33
C THR C 392 39.14 -49.54 7.97
N LEU C 393 38.49 -50.50 7.30
CA LEU C 393 37.22 -51.14 7.77
C LEU C 393 36.25 -50.05 8.23
N CYS C 394 35.89 -49.14 7.33
CA CYS C 394 35.08 -47.95 7.68
C CYS C 394 33.88 -47.84 6.76
N TRP C 395 32.98 -46.94 7.12
CA TRP C 395 31.73 -46.69 6.36
C TRP C 395 31.95 -45.50 5.42
N ASN C 396 31.65 -45.69 4.15
CA ASN C 396 31.90 -44.65 3.12
C ASN C 396 30.57 -43.99 2.68
N GLY C 397 29.52 -44.13 3.49
CA GLY C 397 28.20 -43.55 3.16
C GLY C 397 27.27 -44.53 2.48
N GLN C 398 27.79 -45.60 1.88
CA GLN C 398 26.90 -46.57 1.19
C GLN C 398 27.30 -48.04 1.46
N GLU C 399 28.56 -48.34 1.77
CA GLU C 399 28.98 -49.73 2.00
C GLU C 399 30.17 -49.76 2.93
N LEU C 400 30.41 -50.91 3.54
CA LEU C 400 31.61 -51.10 4.39
C LEU C 400 32.78 -51.47 3.47
N VAL C 401 33.82 -50.64 3.48
CA VAL C 401 34.96 -50.81 2.56
C VAL C 401 36.21 -51.13 3.38
N GLU C 402 37.19 -51.71 2.73
CA GLU C 402 38.49 -51.99 3.40
C GLU C 402 39.29 -50.69 3.44
N ARG C 403 39.36 -50.00 2.31
CA ARG C 403 39.98 -48.65 2.24
C ARG C 403 39.08 -47.72 1.44
N TYR C 404 39.12 -46.45 1.80
CA TYR C 404 38.21 -45.42 1.22
C TYR C 404 38.79 -44.94 -0.11
N SER C 405 37.94 -44.80 -1.11
CA SER C 405 38.36 -44.49 -2.51
C SER C 405 38.72 -43.01 -2.65
N GLN C 406 37.79 -42.11 -2.27
CA GLN C 406 37.85 -40.65 -2.61
C GLN C 406 37.92 -40.46 -4.15
N GLU C 428 23.77 -20.22 1.90
CA GLU C 428 24.24 -18.91 1.40
C GLU C 428 23.50 -17.71 2.00
N PRO C 429 22.16 -17.66 2.01
CA PRO C 429 21.45 -16.44 2.44
C PRO C 429 21.87 -15.96 3.83
N VAL C 430 21.91 -16.88 4.79
CA VAL C 430 22.25 -16.53 6.19
C VAL C 430 23.75 -16.21 6.27
N VAL C 431 24.57 -16.98 5.56
CA VAL C 431 26.02 -16.71 5.46
C VAL C 431 26.22 -15.35 4.81
N SER C 432 25.40 -15.01 3.82
CA SER C 432 25.49 -13.70 3.15
C SER C 432 25.18 -12.59 4.15
N GLN C 433 24.21 -12.82 5.04
CA GLN C 433 23.85 -11.79 6.06
C GLN C 433 25.01 -11.65 7.04
N ILE C 434 25.60 -12.76 7.45
CA ILE C 434 26.78 -12.73 8.37
C ILE C 434 27.86 -11.89 7.72
N ILE C 435 28.15 -12.12 6.45
CA ILE C 435 29.25 -11.42 5.76
C ILE C 435 28.88 -9.94 5.57
N ASP C 436 27.63 -9.65 5.29
CA ASP C 436 27.16 -8.25 5.17
C ASP C 436 27.41 -7.51 6.48
N LYS C 437 26.96 -8.07 7.59
CA LYS C 437 27.12 -7.39 8.89
C LYS C 437 28.59 -7.30 9.27
N LEU C 438 29.38 -8.32 8.96
CA LEU C 438 30.83 -8.25 9.25
C LEU C 438 31.47 -7.14 8.43
N LYS C 439 31.13 -7.02 7.15
CA LYS C 439 31.69 -5.94 6.29
C LYS C 439 31.30 -4.59 6.88
N HIS C 440 30.04 -4.45 7.27
CA HIS C 440 29.54 -3.18 7.85
C HIS C 440 30.35 -2.83 9.10
N ILE C 441 30.41 -3.75 10.05
CA ILE C 441 31.08 -3.47 11.35
C ILE C 441 32.57 -3.27 11.10
N ASN C 442 33.14 -3.90 10.10
CA ASN C 442 34.59 -3.76 9.83
C ASN C 442 34.89 -2.37 9.27
N GLN C 443 34.08 -1.91 8.34
CA GLN C 443 34.21 -0.53 7.83
C GLN C 443 34.04 0.45 9.01
N LEU C 444 33.02 0.25 9.82
CA LEU C 444 32.76 1.16 10.97
C LEU C 444 33.96 1.14 11.92
N LEU C 445 34.52 -0.03 12.18
CA LEU C 445 35.71 -0.15 13.05
C LEU C 445 36.87 0.64 12.42
N ARG C 446 37.23 0.30 11.19
CA ARG C 446 38.43 0.89 10.53
C ARG C 446 38.29 2.41 10.47
N THR C 447 37.09 2.96 10.33
CA THR C 447 36.99 4.43 10.20
C THR C 447 37.32 5.12 11.52
N MET C 448 37.06 4.49 12.66
CA MET C 448 37.39 5.13 13.96
C MET C 448 38.89 5.07 14.17
N SER C 449 39.60 4.63 13.15
CA SER C 449 41.07 4.53 13.13
C SER C 449 41.58 5.34 11.95
N LEU D 34 -5.07 34.60 35.11
CA LEU D 34 -5.60 33.23 35.32
C LEU D 34 -6.56 32.86 34.19
N GLN D 35 -6.68 31.57 33.91
CA GLN D 35 -7.52 31.07 32.79
C GLN D 35 -8.62 30.13 33.30
N VAL D 36 -8.64 29.84 34.60
CA VAL D 36 -9.66 28.95 35.20
C VAL D 36 -10.31 29.70 36.35
N CYS D 37 -9.52 30.04 37.35
CA CYS D 37 -9.99 30.78 38.56
C CYS D 37 -10.41 32.19 38.16
N LEU D 38 -11.72 32.46 38.13
CA LEU D 38 -12.24 33.82 37.84
C LEU D 38 -11.81 34.77 38.97
N PRO D 39 -10.88 35.70 38.71
CA PRO D 39 -10.37 36.56 39.79
C PRO D 39 -11.33 37.70 40.17
N LYS D 40 -12.08 37.54 41.24
CA LYS D 40 -13.02 38.58 41.70
C LYS D 40 -12.30 39.61 42.57
N GLY D 41 -11.49 39.15 43.52
CA GLY D 41 -10.66 40.04 44.33
C GLY D 41 -9.19 39.83 43.98
N PRO D 42 -8.29 39.80 44.97
CA PRO D 42 -6.94 39.31 44.75
C PRO D 42 -6.95 37.78 44.66
N THR D 43 -5.77 37.17 44.60
CA THR D 43 -5.66 35.70 44.47
C THR D 43 -4.34 35.25 45.08
N CYS D 44 -4.35 34.09 45.72
CA CYS D 44 -3.18 33.53 46.42
C CYS D 44 -2.46 32.51 45.53
N CYS D 45 -2.88 32.34 44.28
CA CYS D 45 -2.31 31.29 43.41
C CYS D 45 -2.00 31.84 42.02
N SER D 46 -0.92 31.35 41.43
CA SER D 46 -0.44 31.77 40.09
C SER D 46 -1.05 30.86 39.02
N ARG D 47 -0.56 30.97 37.79
CA ARG D 47 -1.03 30.13 36.67
C ARG D 47 -0.55 28.68 36.83
N LYS D 48 0.66 28.48 37.34
CA LYS D 48 1.23 27.12 37.49
C LYS D 48 0.47 26.36 38.57
N MET D 49 0.12 27.04 39.65
CA MET D 49 -0.72 26.43 40.71
C MET D 49 -2.08 26.07 40.12
N GLU D 50 -2.58 26.87 39.19
CA GLU D 50 -3.86 26.57 38.51
C GLU D 50 -3.72 25.28 37.70
N GLU D 51 -2.60 25.10 37.01
CA GLU D 51 -2.35 23.85 36.24
C GLU D 51 -2.27 22.66 37.21
N LYS D 52 -1.59 22.84 38.34
CA LYS D 52 -1.50 21.76 39.36
C LYS D 52 -2.91 21.40 39.84
N TYR D 53 -3.74 22.40 40.11
CA TYR D 53 -5.14 22.15 40.55
C TYR D 53 -5.91 21.42 39.45
N GLN D 54 -5.64 21.76 38.19
CA GLN D 54 -6.36 21.11 37.06
C GLN D 54 -5.97 19.62 36.99
N LEU D 55 -4.68 19.32 37.12
CA LEU D 55 -4.22 17.91 37.05
C LEU D 55 -4.79 17.13 38.24
N THR D 56 -4.81 17.74 39.41
CA THR D 56 -5.38 17.07 40.61
C THR D 56 -6.87 16.87 40.41
N ALA D 57 -7.56 17.78 39.74
CA ALA D 57 -9.01 17.63 39.44
C ALA D 57 -9.22 16.42 38.51
N ARG D 58 -8.42 16.33 37.46
CA ARG D 58 -8.49 15.17 36.54
C ARG D 58 -8.29 13.87 37.33
N LEU D 59 -7.24 13.82 38.13
CA LEU D 59 -6.92 12.59 38.89
C LEU D 59 -8.02 12.28 39.91
N ASN D 60 -8.59 13.29 40.56
CA ASN D 60 -9.66 13.08 41.56
C ASN D 60 -10.90 12.50 40.84
N MET D 61 -11.24 13.04 39.69
CA MET D 61 -12.41 12.55 38.92
C MET D 61 -12.17 11.08 38.53
N GLU D 62 -10.97 10.77 38.04
CA GLU D 62 -10.64 9.39 37.60
C GLU D 62 -10.73 8.46 38.81
N GLN D 63 -10.23 8.88 39.97
CA GLN D 63 -10.24 8.05 41.19
C GLN D 63 -11.69 7.83 41.63
N LEU D 64 -12.52 8.85 41.57
CA LEU D 64 -13.95 8.71 41.96
C LEU D 64 -14.64 7.72 41.02
N LEU D 65 -14.40 7.83 39.71
CA LEU D 65 -15.01 6.89 38.75
C LEU D 65 -14.52 5.47 39.03
N GLN D 66 -13.23 5.30 39.31
CA GLN D 66 -12.66 3.96 39.59
C GLN D 66 -13.32 3.40 40.85
N SER D 67 -13.50 4.22 41.88
CA SER D 67 -14.13 3.78 43.14
C SER D 67 -15.59 3.40 42.87
N ALA D 68 -16.25 4.11 41.97
CA ALA D 68 -17.66 3.81 41.63
C ALA D 68 -17.74 2.47 40.90
N SER D 69 -16.77 2.19 40.04
CA SER D 69 -16.83 1.04 39.10
C SER D 69 -16.13 -0.20 39.67
N MET D 70 -15.42 -0.08 40.77
CA MET D 70 -14.51 -1.16 41.23
C MET D 70 -15.32 -2.40 41.64
N GLU D 71 -16.41 -2.21 42.37
CA GLU D 71 -17.22 -3.36 42.88
C GLU D 71 -17.73 -4.18 41.70
N LEU D 72 -18.32 -3.51 40.71
CA LEU D 72 -18.92 -4.19 39.53
C LEU D 72 -17.78 -4.81 38.71
N LYS D 73 -16.69 -4.09 38.51
CA LYS D 73 -15.55 -4.63 37.73
C LYS D 73 -15.08 -5.94 38.38
N PHE D 74 -14.90 -5.95 39.70
CA PHE D 74 -14.35 -7.14 40.39
C PHE D 74 -15.38 -8.26 40.38
N LEU D 75 -16.67 -7.93 40.50
CA LEU D 75 -17.74 -8.94 40.37
C LEU D 75 -17.60 -9.65 39.02
N ILE D 76 -17.57 -8.90 37.93
CA ILE D 76 -17.58 -9.53 36.58
C ILE D 76 -16.23 -10.23 36.36
N ILE D 77 -15.14 -9.70 36.88
CA ILE D 77 -13.80 -10.34 36.68
C ILE D 77 -13.80 -11.69 37.39
N GLN D 78 -14.22 -11.70 38.65
CA GLN D 78 -14.34 -12.94 39.44
C GLN D 78 -15.19 -13.95 38.66
N ASN D 79 -16.38 -13.55 38.23
CA ASN D 79 -17.31 -14.50 37.58
C ASN D 79 -16.71 -15.00 36.26
N ALA D 80 -16.08 -14.12 35.48
CA ALA D 80 -15.46 -14.53 34.19
C ALA D 80 -14.41 -15.61 34.48
N ALA D 81 -13.51 -15.35 35.43
CA ALA D 81 -12.43 -16.29 35.77
C ALA D 81 -13.04 -17.61 36.24
N VAL D 82 -14.01 -17.53 37.15
CA VAL D 82 -14.60 -18.75 37.75
C VAL D 82 -15.28 -19.57 36.65
N PHE D 83 -16.09 -18.93 35.80
CA PHE D 83 -16.83 -19.68 34.76
C PHE D 83 -15.82 -20.30 33.78
N GLN D 84 -14.76 -19.57 33.44
CA GLN D 84 -13.73 -20.12 32.51
C GLN D 84 -13.14 -21.39 33.14
N GLU D 85 -12.73 -21.31 34.39
CA GLU D 85 -12.10 -22.48 35.06
C GLU D 85 -13.12 -23.60 35.18
N ALA D 86 -14.38 -23.27 35.46
CA ALA D 86 -15.43 -24.29 35.68
C ALA D 86 -15.69 -25.03 34.36
N PHE D 87 -15.78 -24.29 33.26
CA PHE D 87 -15.97 -24.92 31.93
C PHE D 87 -14.77 -25.79 31.58
N GLU D 88 -13.56 -25.35 31.91
CA GLU D 88 -12.36 -26.17 31.63
C GLU D 88 -12.42 -27.44 32.47
N ILE D 89 -12.86 -27.32 33.72
CA ILE D 89 -13.02 -28.50 34.61
C ILE D 89 -14.04 -29.46 34.00
N VAL D 90 -15.16 -28.93 33.51
CA VAL D 90 -16.23 -29.77 32.91
C VAL D 90 -15.64 -30.50 31.70
N VAL D 91 -14.91 -29.80 30.84
CA VAL D 91 -14.36 -30.41 29.60
C VAL D 91 -13.36 -31.50 30.01
N ARG D 92 -12.50 -31.21 30.98
CA ARG D 92 -11.49 -32.20 31.43
C ARG D 92 -12.18 -33.43 32.01
N HIS D 93 -13.19 -33.22 32.85
CA HIS D 93 -13.93 -34.33 33.48
C HIS D 93 -14.64 -35.17 32.40
N ALA D 94 -15.20 -34.52 31.39
CA ALA D 94 -15.92 -35.25 30.31
C ALA D 94 -14.93 -36.06 29.48
N LYS D 95 -13.77 -35.48 29.15
CA LYS D 95 -12.71 -36.22 28.43
C LYS D 95 -12.28 -37.42 29.29
N ASN D 96 -12.12 -37.20 30.59
CA ASN D 96 -11.71 -38.28 31.51
C ASN D 96 -12.77 -39.39 31.52
N TYR D 97 -14.04 -39.02 31.57
CA TYR D 97 -15.15 -39.99 31.65
C TYR D 97 -15.22 -40.80 30.34
N THR D 98 -15.06 -40.12 29.21
CA THR D 98 -15.06 -40.79 27.89
C THR D 98 -13.88 -41.78 27.83
N ASN D 99 -12.69 -41.33 28.25
CA ASN D 99 -11.49 -42.20 28.24
C ASN D 99 -11.71 -43.40 29.17
N ALA D 100 -12.33 -43.18 30.31
CA ALA D 100 -12.53 -44.27 31.30
C ALA D 100 -13.52 -45.29 30.73
N MET D 101 -14.58 -44.82 30.08
CA MET D 101 -15.57 -45.78 29.53
C MET D 101 -14.99 -46.47 28.30
N PHE D 102 -14.06 -45.84 27.57
CA PHE D 102 -13.34 -46.55 26.49
C PHE D 102 -12.45 -47.64 27.10
N LYS D 103 -11.70 -47.29 28.15
CA LYS D 103 -10.84 -48.27 28.84
C LYS D 103 -11.68 -49.45 29.33
N ASN D 104 -12.88 -49.18 29.83
CA ASN D 104 -13.68 -50.23 30.50
C ASN D 104 -14.45 -51.07 29.47
N ASN D 105 -15.07 -50.46 28.48
CA ASN D 105 -15.99 -51.19 27.57
C ASN D 105 -15.28 -51.61 26.28
N TYR D 106 -14.29 -50.87 25.81
CA TYR D 106 -13.63 -51.16 24.50
C TYR D 106 -12.12 -51.06 24.66
N PRO D 107 -11.49 -51.98 25.43
CA PRO D 107 -10.04 -51.96 25.58
C PRO D 107 -9.31 -52.20 24.25
N SER D 108 -9.95 -52.87 23.30
CA SER D 108 -9.38 -53.15 21.95
C SER D 108 -9.20 -51.85 21.16
N LEU D 109 -9.91 -50.77 21.52
CA LEU D 109 -9.82 -49.49 20.77
C LEU D 109 -8.74 -48.58 21.35
N THR D 110 -8.25 -48.86 22.55
CA THR D 110 -7.14 -48.08 23.16
C THR D 110 -5.82 -48.64 22.66
N PRO D 111 -4.73 -47.84 22.60
CA PRO D 111 -4.69 -46.43 23.00
C PRO D 111 -5.06 -45.38 21.94
N GLN D 112 -5.48 -45.83 20.75
CA GLN D 112 -5.87 -44.90 19.67
C GLN D 112 -7.06 -44.06 20.14
N ALA D 113 -7.96 -44.64 20.92
CA ALA D 113 -9.15 -43.93 21.42
C ALA D 113 -8.72 -42.67 22.20
N PHE D 114 -7.67 -42.78 23.00
CA PHE D 114 -7.19 -41.64 23.82
C PHE D 114 -6.75 -40.50 22.90
N GLU D 115 -6.11 -40.82 21.78
CA GLU D 115 -5.63 -39.77 20.85
C GLU D 115 -6.82 -38.97 20.30
N PHE D 116 -7.82 -39.64 19.75
CA PHE D 116 -8.90 -38.87 19.08
C PHE D 116 -9.80 -38.22 20.13
N VAL D 117 -9.95 -38.81 21.31
CA VAL D 117 -10.75 -38.19 22.38
C VAL D 117 -10.04 -36.91 22.85
N GLY D 118 -8.73 -36.98 23.05
CA GLY D 118 -7.94 -35.81 23.46
C GLY D 118 -8.02 -34.71 22.43
N GLU D 119 -7.89 -35.06 21.15
CA GLU D 119 -7.97 -34.06 20.06
C GLU D 119 -9.38 -33.45 20.06
N PHE D 120 -10.41 -34.26 20.21
CA PHE D 120 -11.81 -33.78 20.18
C PHE D 120 -12.03 -32.77 21.31
N PHE D 121 -11.65 -33.12 22.53
CA PHE D 121 -11.93 -32.25 23.69
C PHE D 121 -10.99 -31.05 23.71
N THR D 122 -9.78 -31.17 23.16
CA THR D 122 -8.90 -30.01 22.96
C THR D 122 -9.61 -29.01 22.03
N ASP D 123 -10.13 -29.47 20.91
CA ASP D 123 -10.87 -28.59 19.98
C ASP D 123 -12.11 -28.04 20.67
N VAL D 124 -12.74 -28.84 21.52
CA VAL D 124 -13.91 -28.37 22.31
C VAL D 124 -13.49 -27.14 23.12
N SER D 125 -12.46 -27.27 23.94
CA SER D 125 -11.99 -26.16 24.82
C SER D 125 -11.58 -24.96 23.96
N LEU D 126 -10.88 -25.21 22.84
CA LEU D 126 -10.45 -24.10 21.96
C LEU D 126 -11.68 -23.36 21.43
N TYR D 127 -12.74 -24.08 21.10
CA TYR D 127 -13.97 -23.42 20.62
C TYR D 127 -14.62 -22.62 21.75
N ILE D 128 -14.65 -23.19 22.94
CA ILE D 128 -15.28 -22.50 24.11
C ILE D 128 -14.54 -21.18 24.32
N LEU D 129 -13.22 -21.19 24.14
CA LEU D 129 -12.41 -19.98 24.45
C LEU D 129 -12.39 -19.05 23.24
N GLY D 130 -13.22 -19.32 22.23
CA GLY D 130 -13.47 -18.35 21.14
C GLY D 130 -12.66 -18.60 19.88
N SER D 131 -11.79 -19.61 19.83
CA SER D 131 -11.02 -19.89 18.60
C SER D 131 -11.94 -20.35 17.47
N ASP D 132 -11.53 -20.10 16.23
CA ASP D 132 -12.28 -20.55 15.04
C ASP D 132 -12.19 -22.07 14.90
N ILE D 133 -13.15 -22.78 15.49
CA ILE D 133 -13.23 -24.27 15.36
C ILE D 133 -14.61 -24.62 14.80
N ASN D 134 -14.64 -25.54 13.86
CA ASN D 134 -15.90 -26.02 13.25
C ASN D 134 -16.39 -27.23 14.03
N VAL D 135 -17.58 -27.13 14.61
CA VAL D 135 -18.13 -28.21 15.45
C VAL D 135 -18.42 -29.44 14.59
N ASP D 136 -19.07 -29.27 13.45
CA ASP D 136 -19.33 -30.38 12.51
C ASP D 136 -18.01 -31.07 12.16
N ASP D 137 -16.95 -30.30 11.96
CA ASP D 137 -15.62 -30.87 11.62
C ASP D 137 -15.07 -31.66 12.80
N MET D 138 -15.27 -31.17 14.02
CA MET D 138 -14.84 -31.92 15.23
C MET D 138 -15.48 -33.31 15.22
N VAL D 139 -16.80 -33.36 15.15
CA VAL D 139 -17.55 -34.64 15.21
C VAL D 139 -17.14 -35.53 14.03
N ASN D 140 -17.01 -34.96 12.84
CA ASN D 140 -16.71 -35.76 11.63
C ASN D 140 -15.30 -36.35 11.73
N GLU D 141 -14.34 -35.58 12.23
CA GLU D 141 -12.95 -36.10 12.40
C GLU D 141 -12.95 -37.16 13.50
N LEU D 142 -13.75 -36.93 14.55
CA LEU D 142 -13.88 -37.93 15.64
C LEU D 142 -14.34 -39.27 15.06
N PHE D 143 -15.44 -39.30 14.30
CA PHE D 143 -15.96 -40.57 13.76
C PHE D 143 -15.03 -41.12 12.67
N ASP D 144 -14.41 -40.24 11.89
CA ASP D 144 -13.43 -40.67 10.86
C ASP D 144 -12.27 -41.43 11.53
N SER D 145 -11.79 -40.95 12.66
CA SER D 145 -10.68 -41.64 13.38
C SER D 145 -11.22 -42.88 14.11
N LEU D 146 -12.46 -42.84 14.57
CA LEU D 146 -13.01 -43.94 15.39
C LEU D 146 -13.30 -45.18 14.54
N PHE D 147 -13.79 -45.01 13.31
CA PHE D 147 -14.29 -46.16 12.52
C PHE D 147 -13.16 -47.15 12.16
N PRO D 148 -11.98 -46.72 11.66
CA PRO D 148 -10.96 -47.68 11.25
C PRO D 148 -10.48 -48.60 12.37
N VAL D 149 -10.31 -48.08 13.57
CA VAL D 149 -9.84 -48.92 14.71
C VAL D 149 -10.97 -49.89 15.10
N ILE D 150 -12.21 -49.44 15.02
CA ILE D 150 -13.37 -50.36 15.27
C ILE D 150 -13.32 -51.49 14.25
N TYR D 151 -13.09 -51.19 12.98
CA TYR D 151 -13.10 -52.21 11.92
C TYR D 151 -11.93 -53.17 12.12
N THR D 152 -10.75 -52.67 12.45
CA THR D 152 -9.53 -53.49 12.51
C THR D 152 -9.46 -54.31 13.80
N GLN D 153 -10.03 -53.83 14.91
CA GLN D 153 -9.86 -54.50 16.22
C GLN D 153 -11.13 -55.26 16.63
N MET D 154 -12.32 -54.80 16.23
CA MET D 154 -13.58 -55.41 16.73
C MET D 154 -14.24 -56.29 15.67
N MET D 155 -14.27 -55.87 14.41
CA MET D 155 -15.03 -56.61 13.36
C MET D 155 -14.10 -57.56 12.59
N ASN D 156 -12.99 -57.06 12.06
CA ASN D 156 -12.04 -57.90 11.27
C ASN D 156 -10.67 -57.81 11.92
N PRO D 157 -10.42 -58.54 13.02
CA PRO D 157 -9.09 -58.58 13.63
C PRO D 157 -8.05 -59.22 12.70
N GLY D 158 -7.07 -58.40 12.32
CA GLY D 158 -5.96 -58.75 11.40
C GLY D 158 -6.07 -58.04 10.06
N LEU D 164 -3.34 -50.00 8.28
CA LEU D 164 -2.49 -48.77 8.33
C LEU D 164 -2.35 -48.13 6.95
N ASP D 165 -2.14 -48.93 5.91
CA ASP D 165 -2.11 -48.39 4.52
C ASP D 165 -3.53 -48.25 3.98
N ILE D 166 -4.44 -49.10 4.44
CA ILE D 166 -5.84 -49.13 3.94
C ILE D 166 -6.65 -48.12 4.74
N ASN D 167 -6.00 -47.33 5.59
CA ASN D 167 -6.70 -46.52 6.60
C ASN D 167 -7.67 -45.53 5.95
N GLU D 168 -7.24 -44.88 4.87
CA GLU D 168 -8.03 -43.81 4.21
C GLU D 168 -9.27 -44.42 3.53
N CYS D 169 -9.17 -45.62 3.01
CA CYS D 169 -10.34 -46.31 2.39
C CYS D 169 -11.42 -46.49 3.46
N LEU D 170 -11.04 -46.87 4.67
CA LEU D 170 -12.01 -47.02 5.79
C LEU D 170 -12.58 -45.65 6.14
N ARG D 171 -11.75 -44.62 6.18
CA ARG D 171 -12.21 -43.25 6.55
C ARG D 171 -13.25 -42.78 5.53
N GLY D 172 -13.01 -43.02 4.24
CA GLY D 172 -13.99 -42.68 3.20
C GLY D 172 -15.27 -43.50 3.34
N ALA D 173 -15.13 -44.79 3.59
CA ALA D 173 -16.29 -45.70 3.69
C ALA D 173 -17.16 -45.31 4.89
N ARG D 174 -16.55 -44.73 5.93
CA ARG D 174 -17.30 -44.28 7.12
C ARG D 174 -18.44 -43.35 6.69
N ARG D 175 -18.14 -42.36 5.87
CA ARG D 175 -19.15 -41.34 5.48
C ARG D 175 -19.94 -41.83 4.25
N ASP D 176 -19.29 -42.52 3.32
CA ASP D 176 -19.96 -42.98 2.09
C ASP D 176 -21.06 -44.00 2.41
N LEU D 177 -20.87 -44.84 3.42
CA LEU D 177 -21.87 -45.88 3.75
C LEU D 177 -22.72 -45.47 4.96
N LYS D 178 -22.44 -44.31 5.57
CA LYS D 178 -23.24 -43.79 6.71
C LYS D 178 -23.32 -44.88 7.78
N VAL D 179 -22.17 -45.44 8.15
CA VAL D 179 -22.09 -46.58 9.08
C VAL D 179 -22.63 -46.17 10.46
N PHE D 180 -22.47 -44.92 10.87
CA PHE D 180 -22.88 -44.48 12.22
C PHE D 180 -24.32 -43.96 12.25
N GLY D 181 -25.06 -44.08 11.15
CA GLY D 181 -26.46 -43.60 11.09
C GLY D 181 -26.59 -42.13 11.43
N SER D 182 -27.59 -41.77 12.23
CA SER D 182 -27.91 -40.37 12.59
C SER D 182 -27.09 -39.90 13.80
N PHE D 183 -26.27 -40.78 14.39
CA PHE D 183 -25.51 -40.46 15.62
C PHE D 183 -24.59 -39.25 15.42
N PRO D 184 -23.80 -39.16 14.32
CA PRO D 184 -22.96 -37.98 14.14
C PRO D 184 -23.72 -36.64 14.10
N LYS D 185 -24.86 -36.59 13.41
CA LYS D 185 -25.64 -35.33 13.32
C LYS D 185 -26.29 -35.03 14.68
N LEU D 186 -26.73 -36.07 15.39
CA LEU D 186 -27.31 -35.90 16.75
C LEU D 186 -26.28 -35.22 17.65
N ILE D 187 -25.08 -35.79 17.73
CA ILE D 187 -24.00 -35.20 18.57
C ILE D 187 -23.67 -33.80 18.04
N MET D 188 -23.63 -33.63 16.72
CA MET D 188 -23.27 -32.34 16.10
C MET D 188 -24.19 -31.24 16.65
N THR D 189 -25.50 -31.41 16.52
CA THR D 189 -26.47 -30.38 16.98
C THR D 189 -26.39 -30.28 18.50
N GLN D 190 -26.38 -31.43 19.18
CA GLN D 190 -26.39 -31.47 20.66
C GLN D 190 -25.27 -30.60 21.22
N VAL D 191 -24.09 -30.66 20.63
CA VAL D 191 -22.92 -29.98 21.24
C VAL D 191 -22.77 -28.58 20.66
N SER D 192 -23.13 -28.36 19.40
CA SER D 192 -23.02 -27.01 18.79
C SER D 192 -23.94 -26.06 19.54
N LYS D 193 -25.15 -26.51 19.89
CA LYS D 193 -26.18 -25.64 20.53
C LYS D 193 -25.65 -25.14 21.87
N SER D 194 -25.07 -26.02 22.69
CA SER D 194 -24.55 -25.64 24.02
C SER D 194 -23.24 -24.86 23.88
N LEU D 195 -22.33 -25.31 23.03
CA LEU D 195 -21.01 -24.65 22.93
C LEU D 195 -21.17 -23.21 22.43
N GLN D 196 -22.12 -22.94 21.54
CA GLN D 196 -22.29 -21.57 21.01
C GLN D 196 -22.79 -20.64 22.11
N VAL D 197 -23.74 -21.10 22.93
CA VAL D 197 -24.31 -20.24 23.99
C VAL D 197 -23.22 -20.01 25.04
N THR D 198 -22.41 -21.02 25.33
CA THR D 198 -21.34 -20.86 26.34
C THR D 198 -20.29 -19.86 25.81
N ARG D 199 -19.91 -20.00 24.55
CA ARG D 199 -18.91 -19.11 23.94
C ARG D 199 -19.41 -17.67 24.03
N ILE D 200 -20.68 -17.46 23.71
CA ILE D 200 -21.22 -16.07 23.65
C ILE D 200 -21.37 -15.56 25.08
N PHE D 201 -21.67 -16.43 26.04
CA PHE D 201 -21.73 -16.05 27.47
C PHE D 201 -20.38 -15.51 27.91
N LEU D 202 -19.31 -16.24 27.60
CA LEU D 202 -17.95 -15.81 28.03
C LEU D 202 -17.61 -14.49 27.33
N GLN D 203 -17.91 -14.37 26.04
CA GLN D 203 -17.54 -13.11 25.33
C GLN D 203 -18.35 -11.95 25.90
N ALA D 204 -19.58 -12.18 26.30
CA ALA D 204 -20.44 -11.12 26.91
C ALA D 204 -19.82 -10.68 28.25
N LEU D 205 -19.41 -11.63 29.08
CA LEU D 205 -18.76 -11.29 30.37
C LEU D 205 -17.50 -10.46 30.09
N ASN D 206 -16.69 -10.87 29.13
CA ASN D 206 -15.42 -10.17 28.84
C ASN D 206 -15.71 -8.76 28.32
N LEU D 207 -16.73 -8.60 27.49
CA LEU D 207 -17.02 -7.25 26.93
C LEU D 207 -17.60 -6.34 28.03
N GLY D 208 -18.36 -6.90 28.96
CA GLY D 208 -18.80 -6.12 30.13
C GLY D 208 -17.61 -5.64 30.94
N ILE D 209 -16.66 -6.54 31.19
CA ILE D 209 -15.38 -6.15 31.86
C ILE D 209 -14.74 -5.02 31.04
N GLU D 210 -14.69 -5.13 29.73
CA GLU D 210 -14.00 -4.15 28.87
C GLU D 210 -14.66 -2.77 29.05
N VAL D 211 -15.98 -2.70 28.98
CA VAL D 211 -16.68 -1.39 29.01
C VAL D 211 -16.58 -0.81 30.42
N ILE D 212 -16.62 -1.66 31.43
CA ILE D 212 -16.50 -1.16 32.82
C ILE D 212 -15.09 -0.62 33.00
N ASN D 213 -14.11 -1.21 32.33
CA ASN D 213 -12.72 -0.70 32.34
C ASN D 213 -12.68 0.63 31.61
N THR D 214 -13.47 0.76 30.55
CA THR D 214 -13.47 2.02 29.78
C THR D 214 -14.04 3.16 30.62
N THR D 215 -15.00 2.89 31.47
CA THR D 215 -15.70 3.95 32.24
C THR D 215 -14.69 4.82 32.98
N ASP D 216 -13.79 4.23 33.75
CA ASP D 216 -12.91 5.00 34.67
C ASP D 216 -11.77 5.69 33.91
N HIS D 217 -11.58 5.38 32.63
CA HIS D 217 -10.54 6.06 31.80
C HIS D 217 -11.17 7.08 30.85
N LEU D 218 -12.40 7.51 31.10
CA LEU D 218 -13.08 8.46 30.19
C LEU D 218 -12.45 9.84 30.36
N LYS D 219 -11.70 10.27 29.36
CA LYS D 219 -11.20 11.66 29.30
C LYS D 219 -12.37 12.59 28.98
N PHE D 220 -12.39 13.75 29.61
CA PHE D 220 -13.49 14.73 29.46
C PHE D 220 -12.98 15.96 28.71
N SER D 221 -13.91 16.87 28.42
CA SER D 221 -13.62 18.16 27.75
C SER D 221 -12.71 19.03 28.63
N LYS D 222 -12.06 19.99 27.99
CA LYS D 222 -11.23 21.01 28.68
C LYS D 222 -12.14 21.89 29.56
N ASP D 223 -13.31 22.28 29.03
CA ASP D 223 -14.25 23.14 29.76
C ASP D 223 -14.67 22.42 31.06
N CYS D 224 -14.87 21.11 31.01
CA CYS D 224 -15.25 20.36 32.22
C CYS D 224 -14.08 20.31 33.19
N GLY D 225 -12.85 20.17 32.68
CA GLY D 225 -11.65 20.22 33.52
C GLY D 225 -11.61 21.52 34.32
N ARG D 226 -11.86 22.63 33.64
CA ARG D 226 -11.83 23.97 34.30
C ARG D 226 -13.00 24.07 35.28
N MET D 227 -14.17 23.54 34.94
CA MET D 227 -15.34 23.62 35.85
C MET D 227 -15.07 22.78 37.11
N LEU D 228 -14.48 21.60 36.95
CA LEU D 228 -14.14 20.74 38.12
C LEU D 228 -13.06 21.44 38.96
N THR D 229 -12.09 22.07 38.32
CA THR D 229 -11.02 22.81 39.05
C THR D 229 -11.68 23.93 39.87
N ARG D 230 -12.61 24.66 39.26
CA ARG D 230 -13.33 25.75 39.96
C ARG D 230 -14.12 25.16 41.13
N MET D 231 -14.81 24.05 40.91
CA MET D 231 -15.72 23.48 41.92
C MET D 231 -14.93 22.91 43.11
N TRP D 232 -13.75 22.34 42.86
CA TRP D 232 -13.01 21.60 43.92
C TRP D 232 -11.87 22.42 44.54
N TYR D 233 -11.26 23.33 43.80
CA TYR D 233 -9.96 23.88 44.25
C TYR D 233 -9.91 25.41 44.18
N CYS D 234 -10.65 26.03 43.26
CA CYS D 234 -10.53 27.49 43.05
C CYS D 234 -10.92 28.25 44.33
N SER D 235 -11.58 27.61 45.27
CA SER D 235 -11.91 28.23 46.58
C SER D 235 -10.61 28.46 47.37
N TYR D 236 -9.63 27.58 47.20
CA TYR D 236 -8.32 27.72 47.90
C TYR D 236 -7.57 28.94 47.36
N CYS D 237 -7.73 29.27 46.08
CA CYS D 237 -7.05 30.45 45.48
C CYS D 237 -7.58 31.75 46.11
N GLN D 238 -8.83 31.73 46.59
CA GLN D 238 -9.45 32.91 47.22
C GLN D 238 -9.20 32.90 48.73
N GLY D 239 -8.39 31.96 49.23
CA GLY D 239 -7.94 31.92 50.63
C GLY D 239 -8.89 31.18 51.55
N LEU D 240 -9.84 30.40 51.02
CA LEU D 240 -10.79 29.64 51.88
C LEU D 240 -10.20 28.26 52.16
N MET D 241 -10.40 27.76 53.38
CA MET D 241 -9.73 26.50 53.79
C MET D 241 -10.69 25.31 53.79
N MET D 242 -11.90 25.45 54.30
CA MET D 242 -12.78 24.25 54.47
C MET D 242 -14.13 24.43 53.76
N VAL D 243 -14.30 25.48 52.96
CA VAL D 243 -15.56 25.71 52.20
C VAL D 243 -15.70 24.64 51.11
N LYS D 244 -16.88 24.04 51.02
CA LYS D 244 -17.23 23.01 50.00
C LYS D 244 -18.14 23.62 48.95
N PRO D 245 -18.12 23.07 47.71
CA PRO D 245 -19.04 23.53 46.67
C PRO D 245 -20.50 23.15 46.94
N CYS D 246 -21.40 23.95 46.37
CA CYS D 246 -22.85 23.75 46.50
C CYS D 246 -23.28 22.46 45.79
N GLY D 247 -24.26 21.77 46.37
CA GLY D 247 -24.87 20.57 45.77
C GLY D 247 -25.42 20.87 44.38
N GLY D 248 -26.10 22.00 44.22
CA GLY D 248 -26.69 22.36 42.92
C GLY D 248 -25.61 22.67 41.89
N TYR D 249 -24.52 23.30 42.32
CA TYR D 249 -23.39 23.59 41.40
C TYR D 249 -22.75 22.27 40.96
N CYS D 250 -22.60 21.33 41.89
CA CYS D 250 -22.06 19.99 41.53
C CYS D 250 -23.01 19.31 40.55
N ASN D 251 -24.31 19.47 40.75
CA ASN D 251 -25.32 18.86 39.86
C ASN D 251 -25.19 19.44 38.45
N VAL D 252 -25.12 20.75 38.33
CA VAL D 252 -25.06 21.39 36.99
C VAL D 252 -23.74 20.98 36.31
N VAL D 253 -22.63 20.97 37.05
CA VAL D 253 -21.32 20.59 36.45
C VAL D 253 -21.37 19.14 35.97
N MET D 254 -21.84 18.24 36.83
CA MET D 254 -21.83 16.79 36.52
C MET D 254 -22.77 16.49 35.35
N GLN D 255 -24.01 16.98 35.42
CA GLN D 255 -24.95 16.85 34.28
C GLN D 255 -24.42 17.58 33.05
N GLY D 256 -23.45 18.48 33.21
CA GLY D 256 -22.80 19.16 32.08
C GLY D 256 -21.85 18.25 31.32
N CYS D 257 -20.95 17.57 32.02
CA CYS D 257 -19.93 16.73 31.35
C CYS D 257 -20.33 15.25 31.29
N MET D 258 -21.45 14.84 31.88
CA MET D 258 -21.87 13.43 31.79
C MET D 258 -23.07 13.27 30.86
N ALA D 259 -23.32 14.25 29.99
CA ALA D 259 -24.49 14.21 29.08
C ALA D 259 -24.35 13.01 28.13
N GLY D 260 -23.13 12.72 27.70
CA GLY D 260 -22.83 11.58 26.81
C GLY D 260 -22.81 10.26 27.55
N VAL D 261 -22.23 10.25 28.75
CA VAL D 261 -22.04 8.98 29.51
C VAL D 261 -23.41 8.46 29.95
N VAL D 262 -24.33 9.36 30.29
CA VAL D 262 -25.69 8.95 30.75
C VAL D 262 -26.45 8.26 29.62
N GLU D 263 -26.17 8.60 28.37
CA GLU D 263 -26.86 7.97 27.21
C GLU D 263 -26.50 6.49 27.10
N ILE D 264 -25.44 6.04 27.76
CA ILE D 264 -25.06 4.61 27.71
C ILE D 264 -26.04 3.77 28.54
N ASP D 265 -26.84 4.39 29.39
CA ASP D 265 -27.63 3.66 30.42
C ASP D 265 -28.65 2.73 29.74
N LYS D 266 -29.31 3.19 28.68
CA LYS D 266 -30.29 2.35 27.95
C LYS D 266 -29.60 1.07 27.46
N TYR D 267 -28.45 1.19 26.84
CA TYR D 267 -27.76 0.03 26.23
C TYR D 267 -27.21 -0.87 27.32
N TRP D 268 -26.77 -0.31 28.43
CA TRP D 268 -26.27 -1.13 29.57
C TRP D 268 -27.42 -1.94 30.18
N ARG D 269 -28.58 -1.30 30.32
CA ARG D 269 -29.78 -2.01 30.84
C ARG D 269 -30.16 -3.13 29.87
N GLU D 270 -30.16 -2.86 28.58
CA GLU D 270 -30.51 -3.88 27.57
C GLU D 270 -29.47 -5.01 27.63
N TYR D 271 -28.21 -4.68 27.88
CA TYR D 271 -27.15 -5.71 28.01
C TYR D 271 -27.47 -6.63 29.19
N ILE D 272 -27.78 -6.03 30.34
CA ILE D 272 -28.12 -6.81 31.57
C ILE D 272 -29.30 -7.72 31.24
N LEU D 273 -30.35 -7.16 30.64
CA LEU D 273 -31.61 -7.93 30.43
C LEU D 273 -31.37 -9.04 29.40
N SER D 274 -30.55 -8.79 28.38
CA SER D 274 -30.24 -9.81 27.35
C SER D 274 -29.41 -10.93 27.98
N LEU D 275 -28.48 -10.60 28.86
CA LEU D 275 -27.71 -11.65 29.57
C LEU D 275 -28.68 -12.51 30.40
N GLU D 276 -29.63 -11.86 31.07
CA GLU D 276 -30.68 -12.59 31.83
C GLU D 276 -31.47 -13.48 30.86
N GLU D 277 -31.72 -13.00 29.64
CA GLU D 277 -32.47 -13.78 28.63
C GLU D 277 -31.65 -15.02 28.26
N LEU D 278 -30.33 -14.88 28.20
CA LEU D 278 -29.45 -15.99 27.74
C LEU D 278 -29.28 -17.06 28.81
N VAL D 279 -29.11 -16.68 30.06
CA VAL D 279 -28.87 -17.70 31.12
C VAL D 279 -30.05 -18.68 31.15
N ASN D 280 -31.28 -18.17 31.00
CA ASN D 280 -32.48 -19.04 31.05
C ASN D 280 -32.57 -19.93 29.80
N ASP D 287 -26.71 -26.62 30.75
CA ASP D 287 -27.05 -26.73 29.31
C ASP D 287 -25.89 -27.37 28.55
N MET D 288 -24.66 -27.17 29.03
CA MET D 288 -23.46 -27.76 28.38
C MET D 288 -22.87 -28.90 29.21
N GLU D 289 -23.12 -28.93 30.51
CA GLU D 289 -22.56 -29.98 31.39
C GLU D 289 -23.20 -31.34 31.05
N ASN D 290 -24.52 -31.39 30.95
CA ASN D 290 -25.27 -32.64 30.67
C ASN D 290 -24.86 -33.21 29.30
N VAL D 291 -24.73 -32.37 28.28
CA VAL D 291 -24.42 -32.83 26.91
C VAL D 291 -23.02 -33.48 26.91
N LEU D 292 -22.00 -32.74 27.33
CA LEU D 292 -20.62 -33.26 27.31
C LEU D 292 -20.54 -34.51 28.20
N LEU D 293 -21.36 -34.59 29.23
CA LEU D 293 -21.28 -35.74 30.16
C LEU D 293 -22.04 -36.96 29.63
N GLY D 294 -23.01 -36.78 28.73
CA GLY D 294 -23.73 -37.91 28.09
C GLY D 294 -23.08 -38.34 26.78
N LEU D 295 -22.09 -37.56 26.33
CA LEU D 295 -21.33 -37.90 25.10
C LEU D 295 -20.86 -39.37 25.11
N PHE D 296 -20.40 -39.87 26.24
CA PHE D 296 -19.84 -41.24 26.30
C PHE D 296 -20.95 -42.26 26.01
N SER D 297 -22.13 -42.07 26.58
CA SER D 297 -23.28 -42.98 26.35
C SER D 297 -23.64 -42.93 24.86
N THR D 298 -23.67 -41.74 24.29
CA THR D 298 -24.06 -41.60 22.87
C THR D 298 -23.04 -42.34 22.00
N ILE D 299 -21.75 -42.17 22.28
CA ILE D 299 -20.68 -42.82 21.48
C ILE D 299 -20.77 -44.34 21.64
N HIS D 300 -20.95 -44.83 22.85
CA HIS D 300 -21.10 -46.29 23.11
C HIS D 300 -22.27 -46.84 22.29
N ASP D 301 -23.41 -46.15 22.32
CA ASP D 301 -24.60 -46.62 21.57
C ASP D 301 -24.31 -46.59 20.06
N SER D 302 -23.56 -45.59 19.60
CA SER D 302 -23.20 -45.51 18.16
C SER D 302 -22.31 -46.70 17.78
N ILE D 303 -21.39 -47.08 18.66
CA ILE D 303 -20.48 -48.23 18.41
C ILE D 303 -21.33 -49.51 18.35
N GLN D 304 -22.26 -49.67 19.27
CA GLN D 304 -23.20 -50.81 19.22
C GLN D 304 -23.94 -50.79 17.87
N TYR D 305 -24.42 -49.63 17.47
CA TYR D 305 -25.22 -49.49 16.22
C TYR D 305 -24.39 -49.97 15.03
N VAL D 306 -23.13 -49.55 14.97
CA VAL D 306 -22.24 -49.96 13.85
C VAL D 306 -21.97 -51.46 13.92
N GLN D 307 -21.75 -51.99 15.11
CA GLN D 307 -21.49 -53.44 15.27
C GLN D 307 -22.73 -54.25 14.90
N LYS D 308 -23.90 -53.63 14.88
CA LYS D 308 -25.16 -54.37 14.64
C LYS D 308 -25.19 -54.89 13.19
N ASN D 309 -24.57 -54.20 12.27
CA ASN D 309 -24.62 -54.57 10.83
C ASN D 309 -23.26 -55.07 10.36
N GLY D 310 -22.48 -55.65 11.26
CA GLY D 310 -21.11 -56.10 10.96
C GLY D 310 -21.09 -57.12 9.83
N GLY D 311 -22.07 -58.02 9.80
CA GLY D 311 -22.15 -59.07 8.76
C GLY D 311 -22.00 -58.49 7.37
N LYS D 312 -22.89 -57.58 7.00
CA LYS D 312 -22.85 -56.94 5.66
C LYS D 312 -21.66 -55.99 5.59
N LEU D 313 -21.30 -55.33 6.70
CA LEU D 313 -20.28 -54.24 6.65
C LEU D 313 -18.92 -54.84 6.31
N THR D 314 -18.55 -55.94 6.94
CA THR D 314 -17.21 -56.54 6.74
C THR D 314 -17.08 -57.00 5.30
N THR D 315 -18.10 -57.63 4.74
CA THR D 315 -18.02 -58.15 3.35
C THR D 315 -17.96 -56.99 2.36
N THR D 316 -18.83 -56.01 2.53
CA THR D 316 -18.84 -54.85 1.59
C THR D 316 -17.48 -54.14 1.66
N ILE D 317 -16.91 -54.00 2.85
CA ILE D 317 -15.64 -53.23 3.00
C ILE D 317 -14.47 -54.06 2.49
N GLY D 318 -14.47 -55.37 2.72
CA GLY D 318 -13.42 -56.26 2.21
C GLY D 318 -13.38 -56.23 0.69
N LYS D 319 -14.56 -56.19 0.06
CA LYS D 319 -14.65 -56.05 -1.41
C LYS D 319 -14.21 -54.65 -1.83
N LEU D 320 -14.63 -53.61 -1.11
CA LEU D 320 -14.46 -52.19 -1.53
C LEU D 320 -13.00 -51.75 -1.39
N CYS D 321 -12.22 -52.37 -0.52
CA CYS D 321 -10.84 -51.90 -0.26
C CYS D 321 -9.87 -53.03 -0.54
N THR D 355 -23.77 -27.22 40.05
CA THR D 355 -23.70 -25.91 40.75
C THR D 355 -23.39 -24.80 39.75
N LEU D 356 -23.42 -25.10 38.46
CA LEU D 356 -23.16 -24.07 37.42
C LEU D 356 -24.36 -23.15 37.30
N SER D 357 -25.57 -23.70 37.19
CA SER D 357 -26.80 -22.89 37.01
C SER D 357 -26.99 -21.98 38.22
N SER D 358 -26.68 -22.48 39.42
CA SER D 358 -26.72 -21.67 40.66
C SER D 358 -25.79 -20.47 40.50
N ARG D 359 -24.59 -20.68 39.98
CA ARG D 359 -23.59 -19.59 39.87
C ARG D 359 -24.10 -18.51 38.90
N ARG D 360 -24.57 -18.90 37.72
CA ARG D 360 -25.05 -17.89 36.73
C ARG D 360 -26.31 -17.21 37.27
N ARG D 361 -27.13 -17.91 38.04
CA ARG D 361 -28.33 -17.28 38.65
C ARG D 361 -27.90 -16.21 39.65
N GLU D 362 -26.97 -16.54 40.53
CA GLU D 362 -26.45 -15.58 41.53
C GLU D 362 -25.77 -14.42 40.79
N LEU D 363 -25.07 -14.72 39.70
CA LEU D 363 -24.39 -13.66 38.92
C LEU D 363 -25.44 -12.70 38.34
N ILE D 364 -26.53 -13.20 37.79
CA ILE D 364 -27.56 -12.31 37.18
C ILE D 364 -28.24 -11.52 38.29
N GLN D 365 -28.53 -12.15 39.42
CA GLN D 365 -29.20 -11.45 40.54
C GLN D 365 -28.28 -10.36 41.13
N LYS D 366 -26.97 -10.58 41.13
CA LYS D 366 -26.00 -9.55 41.57
C LYS D 366 -25.83 -8.48 40.49
N LEU D 367 -25.93 -8.85 39.21
CA LEU D 367 -25.71 -7.89 38.11
C LEU D 367 -26.92 -6.94 38.02
N LYS D 368 -28.11 -7.40 38.41
CA LYS D 368 -29.32 -6.54 38.32
C LYS D 368 -29.26 -5.45 39.38
N SER D 369 -28.44 -5.58 40.41
CA SER D 369 -28.24 -4.53 41.43
C SER D 369 -27.45 -3.36 40.84
N PHE D 370 -26.80 -3.53 39.69
CA PHE D 370 -25.99 -2.45 39.06
C PHE D 370 -26.64 -1.96 37.77
N ILE D 371 -27.93 -2.17 37.59
CA ILE D 371 -28.61 -1.76 36.33
C ILE D 371 -28.69 -0.23 36.25
N ASN D 372 -28.61 0.46 37.38
CA ASN D 372 -28.68 1.95 37.42
C ASN D 372 -27.30 2.57 37.38
N PHE D 373 -26.27 1.80 37.06
CA PHE D 373 -24.86 2.23 37.23
C PHE D 373 -24.62 3.55 36.50
N TYR D 374 -24.98 3.62 35.22
CA TYR D 374 -24.67 4.79 34.37
C TYR D 374 -25.60 5.96 34.71
N SER D 375 -26.82 5.68 35.15
CA SER D 375 -27.80 6.75 35.48
C SER D 375 -27.51 7.35 36.85
N ALA D 376 -27.00 6.55 37.79
CA ALA D 376 -26.68 6.99 39.16
C ALA D 376 -25.25 7.52 39.25
N LEU D 377 -24.52 7.60 38.13
CA LEU D 377 -23.06 7.90 38.21
C LEU D 377 -22.82 9.35 38.60
N PRO D 378 -23.46 10.37 38.00
CA PRO D 378 -23.24 11.74 38.45
C PRO D 378 -23.66 11.96 39.91
N GLY D 379 -24.76 11.31 40.32
CA GLY D 379 -25.21 11.32 41.73
C GLY D 379 -24.13 10.75 42.64
N TYR D 380 -23.44 9.71 42.18
CA TYR D 380 -22.34 9.11 42.96
C TYR D 380 -21.21 10.13 43.10
N ILE D 381 -20.81 10.76 42.00
CA ILE D 381 -19.66 11.68 42.00
C ILE D 381 -19.96 12.83 42.96
N CYS D 382 -21.19 13.34 42.97
CA CYS D 382 -21.52 14.48 43.85
C CYS D 382 -21.71 14.01 45.29
N SER D 383 -22.24 12.81 45.50
CA SER D 383 -22.55 12.33 46.88
C SER D 383 -21.27 11.82 47.55
N HIS D 384 -20.23 11.53 46.78
CA HIS D 384 -18.92 11.09 47.33
C HIS D 384 -17.88 12.19 47.22
N SER D 385 -18.19 13.32 46.59
CA SER D 385 -17.28 14.48 46.69
C SER D 385 -17.74 15.38 47.83
N PRO D 386 -16.83 16.10 48.51
CA PRO D 386 -17.25 17.05 49.55
C PRO D 386 -18.10 18.19 48.95
N VAL D 387 -19.38 18.20 49.29
CA VAL D 387 -20.32 19.24 48.79
C VAL D 387 -21.20 19.70 49.95
N ALA D 388 -21.66 20.94 49.87
CA ALA D 388 -22.66 21.49 50.81
C ALA D 388 -24.04 21.14 50.26
N GLU D 389 -24.63 20.06 50.74
CA GLU D 389 -25.99 19.62 50.31
C GLU D 389 -27.03 20.71 50.60
N ASN D 390 -26.87 21.47 51.68
CA ASN D 390 -27.88 22.47 52.11
C ASN D 390 -27.90 23.66 51.13
N ASP D 391 -26.92 23.77 50.24
CA ASP D 391 -26.75 24.94 49.34
C ASP D 391 -26.66 26.23 50.15
N THR D 392 -26.11 26.16 51.37
CA THR D 392 -25.95 27.34 52.24
C THR D 392 -24.47 27.52 52.56
N LEU D 393 -24.00 28.77 52.53
CA LEU D 393 -22.59 29.14 52.79
C LEU D 393 -21.66 28.19 52.01
N CYS D 394 -21.79 28.19 50.69
CA CYS D 394 -21.10 27.21 49.83
C CYS D 394 -20.36 27.94 48.70
N TRP D 395 -19.53 27.18 48.00
CA TRP D 395 -18.72 27.69 46.87
C TRP D 395 -19.46 27.41 45.57
N ASN D 396 -19.66 28.43 44.75
CA ASN D 396 -20.44 28.30 43.49
C ASN D 396 -19.50 28.32 42.28
N GLY D 397 -18.21 28.06 42.48
CA GLY D 397 -17.22 28.07 41.39
C GLY D 397 -16.49 29.39 41.26
N GLN D 398 -17.05 30.49 41.79
CA GLN D 398 -16.39 31.81 41.67
C GLN D 398 -16.46 32.61 42.98
N GLU D 399 -17.45 32.41 43.85
CA GLU D 399 -17.57 33.21 45.09
C GLU D 399 -18.28 32.39 46.16
N LEU D 400 -18.11 32.80 47.40
CA LEU D 400 -18.84 32.19 48.54
C LEU D 400 -20.20 32.88 48.64
N VAL D 401 -21.27 32.11 48.50
CA VAL D 401 -22.65 32.66 48.47
C VAL D 401 -23.43 32.17 49.69
N GLU D 402 -24.49 32.90 50.03
CA GLU D 402 -25.38 32.50 51.14
C GLU D 402 -26.32 31.41 50.64
N ARG D 403 -26.91 31.62 49.48
CA ARG D 403 -27.73 30.60 48.79
C ARG D 403 -27.30 30.53 47.33
N TYR D 404 -27.39 29.36 46.74
CA TYR D 404 -26.91 29.14 45.36
C TYR D 404 -28.01 29.56 44.39
N SER D 405 -27.60 30.24 43.33
CA SER D 405 -28.53 30.88 42.35
C SER D 405 -29.13 29.83 41.40
N GLN D 406 -28.29 29.04 40.73
CA GLN D 406 -28.71 28.16 39.60
C GLN D 406 -29.33 29.01 38.48
N GLU D 428 -17.33 11.82 23.17
CA GLU D 428 -18.26 11.18 22.22
C GLU D 428 -17.67 10.01 21.46
N PRO D 429 -16.47 10.11 20.84
CA PRO D 429 -15.91 8.97 20.11
C PRO D 429 -15.79 7.69 20.97
N VAL D 430 -15.28 7.80 22.18
CA VAL D 430 -15.12 6.62 23.08
C VAL D 430 -16.50 6.15 23.55
N VAL D 431 -17.38 7.10 23.87
CA VAL D 431 -18.78 6.78 24.24
C VAL D 431 -19.44 6.10 23.06
N SER D 432 -19.18 6.56 21.85
CA SER D 432 -19.75 5.95 20.63
C SER D 432 -19.26 4.51 20.51
N GLN D 433 -17.99 4.25 20.82
CA GLN D 433 -17.44 2.88 20.73
C GLN D 433 -18.11 2.00 21.79
N ILE D 434 -18.28 2.52 22.99
CA ILE D 434 -18.96 1.76 24.08
C ILE D 434 -20.36 1.38 23.59
N ILE D 435 -21.08 2.32 23.01
CA ILE D 435 -22.49 2.07 22.59
C ILE D 435 -22.48 1.11 21.40
N ASP D 436 -21.52 1.24 20.50
CA ASP D 436 -21.38 0.32 19.35
C ASP D 436 -21.19 -1.12 19.83
N LYS D 437 -20.25 -1.33 20.75
CA LYS D 437 -19.96 -2.70 21.23
C LYS D 437 -21.17 -3.21 22.02
N LEU D 438 -21.84 -2.34 22.78
CA LEU D 438 -23.04 -2.77 23.52
C LEU D 438 -24.13 -3.20 22.53
N LYS D 439 -24.34 -2.43 21.46
CA LYS D 439 -25.35 -2.79 20.44
C LYS D 439 -24.98 -4.14 19.82
N HIS D 440 -23.71 -4.33 19.48
CA HIS D 440 -23.23 -5.59 18.87
C HIS D 440 -23.53 -6.76 19.81
N ILE D 441 -23.07 -6.67 21.04
CA ILE D 441 -23.21 -7.80 22.00
C ILE D 441 -24.70 -7.99 22.30
N ASN D 442 -25.51 -6.94 22.26
CA ASN D 442 -26.96 -7.07 22.58
C ASN D 442 -27.65 -7.82 21.44
N GLN D 443 -27.36 -7.47 20.20
CA GLN D 443 -27.88 -8.22 19.03
C GLN D 443 -27.44 -9.68 19.15
N LEU D 444 -26.17 -9.92 19.42
CA LEU D 444 -25.63 -11.30 19.51
C LEU D 444 -26.37 -12.05 20.62
N LEU D 445 -26.59 -11.40 21.76
CA LEU D 445 -27.33 -12.02 22.88
C LEU D 445 -28.75 -12.36 22.41
N ARG D 446 -29.49 -11.37 21.94
CA ARG D 446 -30.94 -11.53 21.62
C ARG D 446 -31.13 -12.63 20.58
N THR D 447 -30.19 -12.79 19.64
CA THR D 447 -30.38 -13.79 18.56
C THR D 447 -30.31 -15.21 19.13
N MET D 448 -29.57 -15.40 20.22
CA MET D 448 -29.42 -16.77 20.80
C MET D 448 -30.71 -17.19 21.48
N SER D 449 -31.39 -16.28 22.18
CA SER D 449 -32.65 -16.61 22.90
C SER D 449 -33.51 -15.36 23.08
N LEU E 6 9.93 2.11 -61.43
CA LEU E 6 9.73 3.32 -60.61
C LEU E 6 11.05 3.70 -59.96
N PRO E 7 11.18 4.91 -59.38
CA PRO E 7 12.39 5.27 -58.67
C PRO E 7 12.53 4.49 -57.36
N HIS E 8 13.70 3.93 -57.13
CA HIS E 8 13.99 3.19 -55.88
C HIS E 8 14.92 4.02 -55.03
N PHE E 9 14.52 4.30 -53.80
CA PHE E 9 15.34 5.12 -52.87
C PHE E 9 16.50 4.30 -52.32
N ILE E 10 17.70 4.84 -52.44
CA ILE E 10 18.92 4.20 -51.86
C ILE E 10 19.17 4.79 -50.47
N GLU E 11 19.13 6.12 -50.36
CA GLU E 11 19.33 6.83 -49.08
C GLU E 11 18.05 7.58 -48.75
N GLU E 12 17.18 6.94 -47.96
CA GLU E 12 15.92 7.57 -47.49
C GLU E 12 16.24 8.56 -46.38
N PRO E 13 15.60 9.74 -46.37
CA PRO E 13 15.86 10.72 -45.31
C PRO E 13 15.48 10.21 -43.93
N GLU E 14 16.40 10.36 -43.00
CA GLU E 14 16.24 9.95 -41.58
C GLU E 14 15.88 11.16 -40.72
N ASP E 15 15.00 10.93 -39.77
CA ASP E 15 14.53 12.00 -38.85
C ASP E 15 15.72 12.65 -38.15
N ALA E 16 15.93 13.94 -38.42
CA ALA E 16 17.06 14.72 -37.86
C ALA E 16 16.61 15.43 -36.59
N TYR E 17 17.58 15.80 -35.76
CA TYR E 17 17.35 16.55 -34.51
C TYR E 17 18.32 17.72 -34.46
N ILE E 18 17.78 18.91 -34.25
CA ILE E 18 18.58 20.16 -34.18
C ILE E 18 19.17 20.29 -32.78
N ILE E 19 20.48 20.46 -32.70
CA ILE E 19 21.20 20.57 -31.41
C ILE E 19 21.97 21.88 -31.40
N LYS E 20 21.75 22.69 -30.37
CA LYS E 20 22.44 23.99 -30.14
C LYS E 20 22.36 24.87 -31.40
N SER E 21 21.18 24.92 -32.02
CA SER E 21 20.88 25.77 -33.20
C SER E 21 21.83 25.44 -34.36
N ASN E 22 22.27 24.19 -34.46
CA ASN E 22 23.13 23.77 -35.60
C ASN E 22 22.22 23.19 -36.67
N PRO E 23 22.01 23.90 -37.81
CA PRO E 23 21.11 23.38 -38.84
C PRO E 23 21.68 22.11 -39.48
N ILE E 24 20.95 21.02 -39.37
CA ILE E 24 21.38 19.71 -39.95
C ILE E 24 20.52 19.44 -41.17
N ALA E 25 21.18 19.18 -42.29
CA ALA E 25 20.49 18.98 -43.59
C ALA E 25 19.97 17.55 -43.67
N LEU E 26 19.01 17.38 -44.58
CA LEU E 26 18.40 16.07 -44.86
C LEU E 26 18.91 15.56 -46.20
N ARG E 27 19.33 14.29 -46.20
CA ARG E 27 19.89 13.57 -47.37
C ARG E 27 18.78 12.79 -48.09
N CYS E 28 18.92 12.68 -49.40
CA CYS E 28 17.95 11.90 -50.22
C CYS E 28 18.65 11.40 -51.48
N LYS E 29 18.67 10.09 -51.69
CA LYS E 29 19.31 9.54 -52.90
C LYS E 29 18.45 8.42 -53.48
N ALA E 30 18.16 8.52 -54.77
CA ALA E 30 17.32 7.50 -55.47
C ALA E 30 17.82 7.27 -56.90
N ARG E 31 17.52 6.07 -57.38
CA ARG E 31 17.82 5.57 -58.75
C ARG E 31 16.75 4.58 -59.16
N PRO E 32 16.17 4.69 -60.37
CA PRO E 32 16.48 5.75 -61.34
C PRO E 32 15.71 7.02 -61.00
N ALA E 33 16.39 8.15 -60.94
CA ALA E 33 15.76 9.44 -60.57
C ALA E 33 16.31 10.57 -61.44
N MET E 34 15.42 11.45 -61.87
CA MET E 34 15.78 12.63 -62.67
C MET E 34 15.47 13.89 -61.86
N GLN E 35 14.45 13.82 -61.00
CA GLN E 35 14.10 14.93 -60.09
C GLN E 35 13.73 14.36 -58.73
N ILE E 36 14.35 14.89 -57.68
CA ILE E 36 14.03 14.49 -56.28
C ILE E 36 13.73 15.76 -55.50
N PHE E 37 12.57 15.82 -54.90
CA PHE E 37 12.15 17.01 -54.12
C PHE E 37 11.61 16.61 -52.76
N PHE E 38 11.64 17.59 -51.87
CA PHE E 38 11.17 17.42 -50.47
C PHE E 38 9.82 18.10 -50.30
N LYS E 39 8.94 17.40 -49.59
CA LYS E 39 7.59 17.86 -49.21
C LYS E 39 7.56 17.92 -47.69
N CYS E 40 7.98 19.04 -47.12
CA CYS E 40 8.01 19.18 -45.65
C CYS E 40 6.68 19.73 -45.16
N ASN E 41 5.98 18.92 -44.36
CA ASN E 41 4.69 19.28 -43.72
C ASN E 41 3.63 19.62 -44.77
N GLY E 42 3.48 18.78 -45.79
CA GLY E 42 2.39 18.88 -46.79
C GLY E 42 2.75 19.72 -48.00
N GLU E 43 3.62 20.72 -47.90
CA GLU E 43 3.89 21.64 -49.03
C GLU E 43 5.32 21.48 -49.56
N TRP E 44 5.48 21.75 -50.84
CA TRP E 44 6.77 21.67 -51.56
C TRP E 44 7.78 22.66 -50.98
N VAL E 45 9.04 22.26 -51.00
CA VAL E 45 10.17 23.11 -50.54
C VAL E 45 10.72 23.89 -51.72
N HIS E 46 11.04 25.15 -51.49
CA HIS E 46 11.54 26.08 -52.54
C HIS E 46 12.76 25.48 -53.25
N GLN E 47 12.82 25.73 -54.56
CA GLN E 47 13.90 25.26 -55.46
C GLN E 47 15.28 25.67 -54.93
N ASN E 48 15.41 26.88 -54.40
CA ASN E 48 16.71 27.38 -53.89
C ASN E 48 17.24 26.49 -52.76
N GLU E 49 16.36 25.93 -51.93
CA GLU E 49 16.79 25.11 -50.78
C GLU E 49 17.37 23.77 -51.25
N HIS E 50 16.94 23.26 -52.40
CA HIS E 50 17.41 21.95 -52.90
C HIS E 50 18.83 22.03 -53.46
N VAL E 51 19.64 21.03 -53.16
CA VAL E 51 21.01 20.90 -53.72
C VAL E 51 21.11 19.51 -54.35
N SER E 52 21.01 19.46 -55.67
CA SER E 52 21.04 18.20 -56.45
C SER E 52 22.47 17.76 -56.79
N GLU E 53 22.64 16.45 -56.89
CA GLU E 53 23.91 15.79 -57.29
C GLU E 53 23.56 14.74 -58.35
N GLU E 54 24.18 14.85 -59.51
CA GLU E 54 23.97 13.91 -60.64
C GLU E 54 25.08 12.86 -60.60
N SER E 55 24.81 11.71 -60.00
CA SER E 55 25.80 10.62 -59.81
C SER E 55 25.53 9.45 -60.75
N LEU E 56 26.55 8.63 -60.94
CA LEU E 56 26.46 7.38 -61.74
C LEU E 56 26.94 6.25 -60.85
N ASP E 57 26.15 5.18 -60.75
CA ASP E 57 26.50 4.04 -59.88
C ASP E 57 27.48 3.10 -60.57
N GLU E 58 28.32 2.46 -59.77
CA GLU E 58 29.34 1.50 -60.26
C GLU E 58 28.66 0.17 -60.64
N SER E 59 27.83 -0.36 -59.75
CA SER E 59 27.15 -1.67 -59.93
C SER E 59 26.35 -1.65 -61.23
N SER E 60 25.75 -0.52 -61.58
CA SER E 60 24.94 -0.41 -62.81
C SER E 60 25.00 1.02 -63.32
N GLY E 61 25.21 1.16 -64.63
CA GLY E 61 25.29 2.46 -65.32
C GLY E 61 23.93 3.11 -65.44
N LEU E 62 23.42 3.69 -64.37
CA LEU E 62 22.09 4.35 -64.39
C LEU E 62 22.19 5.66 -63.63
N LYS E 63 21.39 6.64 -64.05
CA LYS E 63 21.39 7.99 -63.46
C LYS E 63 20.88 7.95 -62.01
N VAL E 64 21.76 8.29 -61.08
CA VAL E 64 21.44 8.37 -59.63
C VAL E 64 21.33 9.84 -59.28
N ARG E 65 20.43 10.18 -58.37
CA ARG E 65 20.28 11.58 -57.94
C ARG E 65 20.29 11.66 -56.42
N GLU E 66 21.09 12.60 -55.91
CA GLU E 66 21.22 12.84 -54.46
C GLU E 66 20.94 14.32 -54.18
N VAL E 67 19.92 14.60 -53.38
CA VAL E 67 19.51 15.98 -53.04
C VAL E 67 19.61 16.18 -51.53
N PHE E 68 20.19 17.31 -51.14
CA PHE E 68 20.34 17.70 -49.72
C PHE E 68 19.57 18.99 -49.53
N ILE E 69 18.88 19.10 -48.40
CA ILE E 69 18.10 20.32 -48.05
C ILE E 69 18.39 20.70 -46.60
N ASN E 70 18.84 21.92 -46.39
CA ASN E 70 19.19 22.42 -45.05
C ASN E 70 17.90 22.76 -44.29
N VAL E 71 17.82 22.36 -43.02
CA VAL E 71 16.68 22.68 -42.14
C VAL E 71 17.20 23.42 -40.91
N THR E 72 16.78 24.66 -40.77
CA THR E 72 17.25 25.53 -39.67
C THR E 72 16.32 25.40 -38.46
N ARG E 73 16.82 25.86 -37.31
CA ARG E 73 16.04 25.85 -36.05
C ARG E 73 14.85 26.80 -36.18
N GLN E 74 15.04 27.96 -36.79
CA GLN E 74 13.96 28.97 -36.97
C GLN E 74 12.77 28.36 -37.70
N GLN E 75 13.00 27.43 -38.61
CA GLN E 75 11.89 26.80 -39.38
C GLN E 75 11.04 25.93 -38.45
N VAL E 76 11.69 25.19 -37.56
CA VAL E 76 10.96 24.24 -36.68
C VAL E 76 10.26 25.03 -35.58
N GLU E 77 10.95 25.98 -34.94
CA GLU E 77 10.35 26.72 -33.80
C GLU E 77 9.22 27.63 -34.28
N ASP E 78 9.22 28.05 -35.55
CA ASP E 78 8.15 28.93 -36.10
C ASP E 78 7.03 28.09 -36.73
N PHE E 79 7.23 26.79 -36.89
CA PHE E 79 6.21 25.89 -37.47
C PHE E 79 5.19 25.51 -36.40
N HIS E 80 3.93 25.85 -36.63
CA HIS E 80 2.81 25.58 -35.69
C HIS E 80 1.79 24.64 -36.34
N GLY E 81 2.25 23.53 -36.91
CA GLY E 81 1.37 22.56 -37.57
C GLY E 81 0.76 21.58 -36.58
N PRO E 82 -0.01 20.59 -37.07
CA PRO E 82 -0.64 19.61 -36.17
C PRO E 82 0.30 18.47 -35.77
N GLU E 83 1.16 18.04 -36.68
CA GLU E 83 2.10 16.93 -36.44
C GLU E 83 3.49 17.50 -36.25
N ASP E 84 4.42 16.63 -35.90
CA ASP E 84 5.83 17.02 -35.73
C ASP E 84 6.39 17.44 -37.08
N TYR E 85 7.23 18.45 -37.11
CA TYR E 85 7.86 18.94 -38.36
C TYR E 85 8.45 17.76 -39.12
N TRP E 86 7.69 17.24 -40.08
CA TRP E 86 8.08 16.08 -40.90
C TRP E 86 8.40 16.52 -42.33
N CYS E 87 9.20 15.71 -43.00
CA CYS E 87 9.59 15.95 -44.40
C CYS E 87 9.52 14.62 -45.14
N GLN E 88 9.13 14.68 -46.41
CA GLN E 88 9.07 13.46 -47.25
C GLN E 88 9.85 13.72 -48.52
N CYS E 89 10.30 12.63 -49.14
CA CYS E 89 11.09 12.72 -50.38
C CYS E 89 10.30 12.06 -51.51
N VAL E 90 10.15 12.79 -52.59
CA VAL E 90 9.44 12.31 -53.81
C VAL E 90 10.45 12.26 -54.95
N ALA E 91 10.57 11.10 -55.58
CA ALA E 91 11.47 10.93 -56.73
C ALA E 91 10.60 10.71 -57.97
N TRP E 92 10.99 11.34 -59.07
CA TRP E 92 10.26 11.30 -60.35
C TRP E 92 10.98 10.39 -61.35
N SER E 93 10.23 9.53 -62.03
CA SER E 93 10.79 8.62 -63.06
C SER E 93 9.94 8.67 -64.32
N HIS E 94 10.43 7.97 -65.35
CA HIS E 94 9.74 7.83 -66.65
C HIS E 94 8.51 6.94 -66.50
N LEU E 95 8.37 6.21 -65.39
CA LEU E 95 7.17 5.35 -65.18
C LEU E 95 6.17 6.02 -64.23
N GLY E 96 6.66 6.75 -63.24
CA GLY E 96 5.82 7.31 -62.19
C GLY E 96 6.64 7.97 -61.11
N THR E 97 6.08 8.00 -59.90
CA THR E 97 6.70 8.69 -58.76
C THR E 97 6.81 7.73 -57.58
N SER E 98 7.67 8.07 -56.65
CA SER E 98 7.83 7.25 -55.43
C SER E 98 8.09 8.15 -54.22
N LYS E 99 7.38 7.89 -53.14
CA LYS E 99 7.53 8.61 -51.86
C LYS E 99 8.46 7.83 -50.94
N SER E 100 9.14 8.54 -50.06
CA SER E 100 10.09 7.93 -49.10
C SER E 100 9.50 7.98 -47.69
N ARG E 101 10.35 7.73 -46.71
CA ARG E 101 9.95 7.80 -45.28
C ARG E 101 9.72 9.25 -44.86
N LYS E 102 8.77 9.46 -43.96
CA LYS E 102 8.51 10.81 -43.40
C LYS E 102 9.47 11.06 -42.24
N ALA E 103 10.58 11.75 -42.50
CA ALA E 103 11.58 12.09 -41.47
C ALA E 103 11.08 13.33 -40.72
N SER E 104 10.83 13.22 -39.41
CA SER E 104 10.33 14.34 -38.59
C SER E 104 11.50 15.02 -37.87
N VAL E 105 11.84 16.23 -38.30
CA VAL E 105 12.89 17.05 -37.64
C VAL E 105 12.30 17.77 -36.43
N ARG E 106 12.81 17.48 -35.23
CA ARG E 106 12.28 18.09 -33.99
C ARG E 106 13.36 18.80 -33.16
N ILE E 107 12.93 19.79 -32.40
CA ILE E 107 13.85 20.62 -31.59
C ILE E 107 14.09 19.88 -30.27
N ALA E 108 15.29 19.33 -30.12
CA ALA E 108 15.70 18.60 -28.90
C ALA E 108 15.79 19.57 -27.73
N TYR E 109 15.15 19.24 -26.62
CA TYR E 109 15.20 20.06 -25.40
C TYR E 109 15.07 19.16 -24.18
N LEU E 110 15.98 19.35 -23.22
CA LEU E 110 15.99 18.61 -21.94
C LEU E 110 15.76 19.60 -20.81
N ARG E 111 14.91 19.25 -19.87
CA ARG E 111 14.59 20.13 -18.73
C ARG E 111 15.53 19.88 -17.57
N LYS E 112 15.66 20.88 -16.71
CA LYS E 112 16.52 20.80 -15.50
C LYS E 112 15.76 20.09 -14.38
N ASN E 113 14.53 20.51 -14.13
CA ASN E 113 13.72 20.00 -13.00
C ASN E 113 13.28 18.56 -13.26
N PHE E 114 13.60 17.66 -12.35
CA PHE E 114 13.19 16.24 -12.44
C PHE E 114 11.70 16.13 -12.13
N GLU E 115 11.01 15.27 -12.86
CA GLU E 115 9.56 15.06 -12.65
C GLU E 115 9.29 14.49 -11.27
N GLN E 116 10.12 13.59 -10.77
CA GLN E 116 9.93 13.02 -9.41
C GLN E 116 11.27 12.50 -8.91
N ASP E 117 11.80 13.14 -7.86
CA ASP E 117 13.11 12.79 -7.28
C ASP E 117 13.00 11.59 -6.35
N PRO E 118 14.05 10.76 -6.27
CA PRO E 118 14.02 9.60 -5.37
C PRO E 118 13.98 10.05 -3.91
N GLN E 119 13.22 9.33 -3.10
CA GLN E 119 13.01 9.66 -1.67
C GLN E 119 13.87 8.75 -0.80
N GLY E 120 14.55 9.35 0.17
CA GLY E 120 15.35 8.61 1.16
C GLY E 120 14.44 7.73 2.00
N ARG E 121 14.86 6.52 2.31
CA ARG E 121 13.99 5.60 3.08
C ARG E 121 14.78 4.86 4.14
N GLU E 122 14.06 4.46 5.19
CA GLU E 122 14.58 3.62 6.29
C GLU E 122 13.97 2.23 6.10
N VAL E 123 14.81 1.21 5.94
CA VAL E 123 14.28 -0.13 5.65
C VAL E 123 15.01 -1.18 6.49
N PRO E 124 14.28 -2.12 7.10
CA PRO E 124 14.91 -3.18 7.88
C PRO E 124 15.77 -4.11 7.01
N ILE E 125 16.54 -4.96 7.67
CA ILE E 125 17.53 -5.84 7.01
C ILE E 125 16.81 -6.71 5.97
N GLU E 126 15.56 -7.07 6.22
CA GLU E 126 14.81 -7.97 5.31
C GLU E 126 13.85 -7.18 4.43
N GLY E 127 13.53 -5.95 4.82
CA GLY E 127 12.56 -5.14 4.06
C GLY E 127 12.97 -4.93 2.62
N MET E 128 11.97 -4.64 1.79
CA MET E 128 12.16 -4.35 0.36
C MET E 128 11.75 -2.92 0.09
N ILE E 129 12.53 -2.22 -0.72
CA ILE E 129 12.25 -0.80 -1.03
C ILE E 129 12.43 -0.56 -2.52
N VAL E 130 11.52 0.24 -3.04
CA VAL E 130 11.54 0.65 -4.47
C VAL E 130 11.80 2.14 -4.53
N LEU E 131 12.83 2.51 -5.27
CA LEU E 131 13.18 3.94 -5.47
C LEU E 131 12.62 4.37 -6.82
N HIS E 132 11.67 5.31 -6.77
CA HIS E 132 10.96 5.82 -7.96
C HIS E 132 11.77 6.98 -8.55
N CYS E 133 11.74 7.08 -9.88
CA CYS E 133 12.42 8.19 -10.57
C CYS E 133 11.69 8.48 -11.87
N ARG E 134 11.27 9.72 -12.02
CA ARG E 134 10.62 10.20 -13.25
C ARG E 134 11.53 11.25 -13.87
N PRO E 135 12.23 10.93 -14.97
CA PRO E 135 13.17 11.86 -15.56
C PRO E 135 12.46 13.10 -16.09
N PRO E 136 13.20 14.21 -16.32
CA PRO E 136 12.58 15.42 -16.85
C PRO E 136 12.12 15.25 -18.29
N GLU E 137 11.17 16.09 -18.68
CA GLU E 137 10.60 16.10 -20.05
C GLU E 137 11.70 16.37 -21.06
N GLY E 138 11.76 15.57 -22.13
CA GLY E 138 12.82 15.73 -23.15
C GLY E 138 12.65 14.79 -24.34
N VAL E 139 13.09 15.25 -25.51
CA VAL E 139 13.06 14.43 -26.75
C VAL E 139 14.50 14.24 -27.20
N PRO E 140 15.01 13.00 -27.31
CA PRO E 140 14.29 11.75 -27.04
C PRO E 140 14.10 11.43 -25.55
N ALA E 141 13.42 10.32 -25.25
CA ALA E 141 13.14 9.89 -23.87
C ALA E 141 14.45 9.73 -23.10
N ALA E 142 14.53 10.36 -21.92
CA ALA E 142 15.73 10.35 -21.06
C ALA E 142 16.06 8.92 -20.64
N GLU E 143 17.35 8.59 -20.66
CA GLU E 143 17.86 7.26 -20.28
C GLU E 143 18.23 7.33 -18.79
N VAL E 144 17.42 6.72 -17.95
CA VAL E 144 17.64 6.74 -16.49
C VAL E 144 18.73 5.74 -16.11
N GLU E 145 19.71 6.21 -15.32
CA GLU E 145 20.80 5.37 -14.77
C GLU E 145 20.91 5.64 -13.28
N TRP E 146 21.04 4.59 -12.49
CA TRP E 146 21.14 4.70 -11.02
C TRP E 146 22.61 4.70 -10.61
N LEU E 147 22.96 5.56 -9.67
CA LEU E 147 24.34 5.69 -9.16
C LEU E 147 24.32 5.58 -7.64
N LYS E 148 24.96 4.54 -7.12
CA LYS E 148 25.10 4.39 -5.66
C LYS E 148 26.36 5.11 -5.22
N ASN E 149 26.20 6.16 -4.43
CA ASN E 149 27.32 6.98 -3.91
C ASN E 149 28.18 7.44 -5.08
N GLU E 150 27.54 8.09 -6.06
CA GLU E 150 28.20 8.68 -7.25
C GLU E 150 28.93 7.58 -8.03
N GLU E 151 28.42 6.35 -8.02
CA GLU E 151 29.02 5.24 -8.79
C GLU E 151 27.91 4.36 -9.31
N PRO E 152 27.92 4.08 -10.63
CA PRO E 152 26.85 3.28 -11.23
C PRO E 152 26.73 1.88 -10.65
N ILE E 153 25.52 1.34 -10.69
CA ILE E 153 25.17 -0.01 -10.18
C ILE E 153 24.85 -0.91 -11.35
N ASP E 154 25.33 -2.14 -11.31
CA ASP E 154 25.08 -3.12 -12.40
C ASP E 154 23.94 -4.04 -11.99
N SER E 155 22.84 -4.01 -12.73
CA SER E 155 21.64 -4.82 -12.46
C SER E 155 21.92 -6.31 -12.67
N GLU E 156 22.81 -6.63 -13.63
CA GLU E 156 23.16 -8.04 -13.95
C GLU E 156 24.10 -8.60 -12.88
N GLN E 157 24.82 -7.74 -12.16
CA GLN E 157 25.83 -8.18 -11.17
C GLN E 157 25.16 -8.89 -9.98
N ASP E 158 23.95 -8.47 -9.60
CA ASP E 158 23.28 -9.01 -8.38
C ASP E 158 21.80 -9.28 -8.66
N GLU E 159 21.31 -10.38 -8.10
CA GLU E 159 19.90 -10.80 -8.21
C GLU E 159 19.01 -9.84 -7.41
N ASN E 160 19.55 -9.27 -6.35
CA ASN E 160 18.78 -8.42 -5.41
C ASN E 160 18.37 -7.11 -6.09
N ILE E 161 19.19 -6.62 -7.02
CA ILE E 161 18.91 -5.32 -7.69
C ILE E 161 18.61 -5.58 -9.16
N ASP E 162 17.60 -4.87 -9.65
CA ASP E 162 17.18 -4.94 -11.06
C ASP E 162 16.63 -3.57 -11.45
N THR E 163 16.83 -3.21 -12.70
CA THR E 163 16.35 -1.93 -13.27
C THR E 163 15.10 -2.21 -14.11
N ARG E 164 14.05 -1.45 -13.87
CA ARG E 164 12.74 -1.63 -14.54
C ARG E 164 12.58 -0.63 -15.69
N ALA E 165 11.73 -1.02 -16.65
CA ALA E 165 11.41 -0.24 -17.86
C ALA E 165 10.85 1.13 -17.46
N ASP E 166 10.20 1.23 -16.31
CA ASP E 166 9.57 2.50 -15.87
C ASP E 166 10.47 3.24 -14.89
N HIS E 167 11.78 3.00 -14.95
CA HIS E 167 12.83 3.68 -14.14
C HIS E 167 12.51 3.54 -12.65
N ASN E 168 12.73 2.35 -12.13
CA ASN E 168 12.55 2.06 -10.69
C ASN E 168 13.65 1.13 -10.24
N LEU E 169 14.17 1.38 -9.05
CA LEU E 169 15.23 0.53 -8.47
C LEU E 169 14.61 -0.27 -7.33
N ILE E 170 14.46 -1.57 -7.52
CA ILE E 170 13.82 -2.45 -6.50
C ILE E 170 14.92 -3.23 -5.80
N ILE E 171 14.87 -3.19 -4.47
CA ILE E 171 15.78 -3.97 -3.61
C ILE E 171 14.89 -4.86 -2.76
N ARG E 172 15.07 -6.16 -2.88
CA ARG E 172 14.26 -7.16 -2.13
C ARG E 172 14.77 -7.28 -0.71
N GLN E 173 16.06 -7.50 -0.55
CA GLN E 173 16.69 -7.65 0.78
C GLN E 173 17.75 -6.56 0.94
N ALA E 174 17.76 -5.95 2.11
CA ALA E 174 18.71 -4.89 2.49
C ALA E 174 20.06 -5.48 2.89
N ARG E 175 20.31 -6.73 2.53
CA ARG E 175 21.57 -7.45 2.86
C ARG E 175 22.52 -7.38 1.66
N LEU E 176 22.03 -7.74 0.47
CA LEU E 176 22.85 -7.80 -0.76
C LEU E 176 23.09 -6.39 -1.31
N SER E 177 22.33 -5.39 -0.87
CA SER E 177 22.47 -3.97 -1.27
C SER E 177 22.20 -3.10 -0.04
N ASP E 178 23.26 -2.81 0.73
CA ASP E 178 23.14 -2.03 1.98
C ASP E 178 22.98 -0.54 1.67
N SER E 179 22.96 0.25 2.73
CA SER E 179 22.75 1.71 2.73
C SER E 179 23.62 2.44 1.70
N GLY E 180 23.24 3.68 1.38
CA GLY E 180 24.03 4.57 0.52
C GLY E 180 23.22 5.77 0.05
N ASN E 181 23.88 6.64 -0.69
CA ASN E 181 23.24 7.84 -1.29
C ASN E 181 22.92 7.52 -2.75
N TYR E 182 21.78 6.89 -2.99
CA TYR E 182 21.36 6.53 -4.36
C TYR E 182 20.93 7.80 -5.09
N THR E 183 21.43 7.99 -6.30
CA THR E 183 21.05 9.17 -7.11
C THR E 183 20.64 8.71 -8.52
N CYS E 184 19.54 9.26 -8.99
CA CYS E 184 18.99 8.97 -10.33
C CYS E 184 19.54 10.01 -11.30
N MET E 185 20.02 9.57 -12.45
CA MET E 185 20.62 10.50 -13.44
C MET E 185 20.07 10.18 -14.83
N ALA E 186 19.51 11.19 -15.48
CA ALA E 186 18.91 11.04 -16.82
C ALA E 186 19.92 11.52 -17.87
N ALA E 187 20.17 10.70 -18.87
CA ALA E 187 21.14 11.01 -19.96
C ALA E 187 20.38 11.15 -21.27
N ASN E 188 20.79 12.13 -22.07
CA ASN E 188 20.16 12.40 -23.38
C ASN E 188 21.21 12.90 -24.36
N ILE E 189 20.84 12.96 -25.63
CA ILE E 189 21.74 13.47 -26.70
C ILE E 189 22.01 14.95 -26.43
N VAL E 190 21.10 15.63 -25.74
CA VAL E 190 21.28 17.07 -25.41
C VAL E 190 22.31 17.20 -24.29
N ALA E 191 21.99 16.65 -23.12
CA ALA E 191 22.89 16.73 -21.94
C ALA E 191 22.46 15.71 -20.90
N LYS E 192 22.98 15.83 -19.68
CA LYS E 192 22.63 14.92 -18.56
C LYS E 192 22.09 15.75 -17.40
N ARG E 193 21.23 15.16 -16.58
CA ARG E 193 20.59 15.85 -15.44
C ARG E 193 20.60 14.93 -14.22
N ARG E 194 21.05 15.48 -13.09
CA ARG E 194 21.14 14.72 -11.82
C ARG E 194 19.94 15.07 -10.94
N SER E 195 19.34 14.05 -10.33
CA SER E 195 18.18 14.22 -9.42
C SER E 195 18.70 14.41 -7.99
N LEU E 196 17.79 14.67 -7.06
CA LEU E 196 18.20 14.80 -5.64
C LEU E 196 18.51 13.41 -5.08
N SER E 197 19.70 13.25 -4.52
CA SER E 197 20.18 11.97 -3.95
C SER E 197 19.32 11.56 -2.75
N ALA E 198 18.90 10.31 -2.74
CA ALA E 198 18.11 9.73 -1.64
C ALA E 198 19.06 9.02 -0.69
N THR E 199 18.98 9.35 0.60
CA THR E 199 19.80 8.73 1.65
C THR E 199 19.07 7.49 2.15
N VAL E 200 19.39 6.33 1.58
CA VAL E 200 18.74 5.07 1.99
C VAL E 200 19.60 4.42 3.08
N VAL E 201 19.06 4.35 4.29
CA VAL E 201 19.77 3.78 5.45
C VAL E 201 18.98 2.58 5.94
N VAL E 202 19.66 1.44 6.04
CA VAL E 202 19.04 0.19 6.53
C VAL E 202 19.22 0.12 8.04
N TYR E 203 18.13 0.00 8.75
CA TYR E 203 18.03 0.07 10.22
C TYR E 203 17.65 -1.33 10.73
N VAL E 204 18.32 -1.79 11.77
CA VAL E 204 18.13 -3.13 12.38
C VAL E 204 17.48 -3.00 13.76
N ASN E 205 16.31 -3.59 13.97
CA ASN E 205 15.67 -3.48 15.30
C ASN E 205 16.29 -4.43 16.32
N GLY E 206 16.30 -3.97 17.57
CA GLY E 206 16.77 -4.72 18.73
C GLY E 206 15.88 -5.89 19.02
N GLY E 207 16.47 -7.05 19.33
CA GLY E 207 15.68 -8.24 19.67
C GLY E 207 16.18 -9.00 20.86
N TRP E 208 15.27 -9.33 21.78
CA TRP E 208 15.60 -9.94 23.09
C TRP E 208 16.23 -11.33 22.93
N SER E 209 17.16 -11.65 23.83
CA SER E 209 17.75 -13.00 23.94
C SER E 209 16.99 -13.80 25.00
N SER E 210 17.20 -15.12 24.97
CA SER E 210 16.54 -16.08 25.90
C SER E 210 16.97 -15.79 27.33
N TRP E 211 16.16 -16.22 28.30
CA TRP E 211 16.53 -16.11 29.73
C TRP E 211 17.61 -17.14 30.08
N THR E 212 18.80 -16.66 30.46
CA THR E 212 19.90 -17.53 30.94
C THR E 212 19.49 -18.29 32.20
N GLU E 213 20.43 -18.97 32.82
CA GLU E 213 20.19 -19.76 34.05
C GLU E 213 20.30 -18.88 35.29
N TRP E 214 19.60 -19.27 36.33
CA TRP E 214 19.63 -18.54 37.62
C TRP E 214 20.94 -18.84 38.35
N SER E 215 21.62 -17.79 38.79
CA SER E 215 22.89 -17.92 39.54
C SER E 215 22.62 -18.49 40.94
N ALA E 216 23.67 -19.06 41.53
CA ALA E 216 23.63 -19.61 42.90
C ALA E 216 23.48 -18.47 43.92
N CYS E 217 22.80 -18.74 45.02
CA CYS E 217 22.61 -17.75 46.11
C CYS E 217 23.98 -17.43 46.73
N ASN E 218 24.44 -16.19 46.56
CA ASN E 218 25.74 -15.71 47.06
C ASN E 218 25.84 -15.95 48.57
N VAL E 219 24.76 -15.73 49.31
CA VAL E 219 24.76 -15.92 50.78
C VAL E 219 24.35 -17.35 51.09
N ARG E 220 25.15 -18.03 51.91
CA ARG E 220 24.96 -19.48 52.19
C ARG E 220 23.74 -19.62 53.09
N CYS E 221 23.62 -18.78 54.11
CA CYS E 221 22.47 -18.85 55.04
C CYS E 221 21.77 -17.49 55.11
N GLY E 222 20.46 -17.49 54.85
CA GLY E 222 19.59 -16.31 54.92
C GLY E 222 19.19 -15.78 53.56
N ARG E 223 19.14 -14.45 53.40
CA ARG E 223 18.71 -13.83 52.14
C ARG E 223 19.81 -13.93 51.09
N GLY E 224 19.49 -14.56 49.98
CA GLY E 224 20.43 -14.74 48.86
C GLY E 224 19.89 -14.09 47.61
N TRP E 225 20.66 -14.19 46.55
CA TRP E 225 20.34 -13.54 45.26
C TRP E 225 20.43 -14.56 44.14
N GLN E 226 19.58 -14.41 43.13
CA GLN E 226 19.67 -15.24 41.92
C GLN E 226 19.44 -14.32 40.73
N LYS E 227 20.39 -14.37 39.80
CA LYS E 227 20.43 -13.47 38.63
C LYS E 227 20.15 -14.24 37.33
N ARG E 228 19.57 -13.54 36.38
CA ARG E 228 19.26 -14.06 35.03
C ARG E 228 19.51 -12.92 34.05
N SER E 229 20.41 -13.13 33.11
CA SER E 229 20.78 -12.09 32.13
C SER E 229 19.97 -12.23 30.85
N ARG E 230 19.73 -11.11 30.20
CA ARG E 230 18.95 -11.04 28.94
C ARG E 230 19.62 -9.99 28.06
N THR E 231 20.45 -10.42 27.14
CA THR E 231 21.21 -9.49 26.28
C THR E 231 20.40 -9.11 25.04
N CYS E 232 20.79 -7.99 24.46
CA CYS E 232 20.16 -7.46 23.23
C CYS E 232 21.02 -7.86 22.03
N THR E 233 20.97 -9.13 21.67
CA THR E 233 21.84 -9.64 20.58
C THR E 233 21.10 -10.48 19.56
N ASN E 234 19.80 -10.72 19.71
CA ASN E 234 19.09 -11.61 18.76
C ASN E 234 17.87 -10.92 18.16
N PRO E 235 18.00 -10.00 17.20
CA PRO E 235 19.26 -9.48 16.64
C PRO E 235 19.81 -8.23 17.36
N ALA E 236 21.10 -7.96 17.21
CA ALA E 236 21.75 -6.77 17.81
C ALA E 236 21.48 -5.56 16.92
N PRO E 237 21.14 -4.41 17.51
CA PRO E 237 20.88 -3.20 16.73
C PRO E 237 22.06 -2.79 15.84
N LEU E 238 21.75 -2.40 14.61
CA LEU E 238 22.76 -1.94 13.62
C LEU E 238 22.34 -0.63 12.96
N ASN E 239 23.34 0.17 12.57
CA ASN E 239 23.15 1.45 11.83
C ASN E 239 22.07 2.31 12.49
N GLY E 240 22.14 2.36 13.81
CA GLY E 240 21.26 3.18 14.65
C GLY E 240 19.90 2.55 14.81
N GLY E 241 19.82 1.23 14.92
CA GLY E 241 18.54 0.56 15.19
C GLY E 241 18.07 0.79 16.60
N ALA E 242 16.76 0.71 16.79
CA ALA E 242 16.14 0.88 18.12
C ALA E 242 16.72 -0.17 19.07
N PHE E 243 17.15 0.25 20.24
CA PHE E 243 17.69 -0.70 21.24
C PHE E 243 16.55 -1.51 21.84
N CYS E 244 16.89 -2.62 22.45
CA CYS E 244 15.89 -3.51 23.10
C CYS E 244 15.12 -2.72 24.16
N GLU E 245 13.82 -2.98 24.26
CA GLU E 245 12.91 -2.27 25.20
C GLU E 245 12.67 -3.16 26.42
N GLY E 246 12.96 -2.59 27.59
CA GLY E 246 12.73 -3.25 28.89
C GLY E 246 14.01 -3.49 29.67
N MET E 247 13.96 -4.43 30.60
CA MET E 247 15.09 -4.70 31.51
C MET E 247 16.02 -5.77 30.93
N SER E 248 17.29 -5.69 31.31
CA SER E 248 18.34 -6.63 30.84
C SER E 248 18.68 -7.66 31.92
N VAL E 249 18.48 -7.33 33.20
CA VAL E 249 18.80 -8.28 34.29
C VAL E 249 17.54 -8.61 35.08
N GLN E 250 17.51 -9.81 35.64
CA GLN E 250 16.40 -10.30 36.48
C GLN E 250 17.00 -10.79 37.80
N LYS E 251 16.49 -10.30 38.92
CA LYS E 251 17.01 -10.68 40.25
C LYS E 251 15.86 -11.13 41.14
N ILE E 252 16.05 -12.26 41.80
CA ILE E 252 15.05 -12.79 42.76
C ILE E 252 15.74 -13.12 44.07
N THR E 253 15.02 -12.90 45.18
CA THR E 253 15.49 -13.25 46.53
C THR E 253 15.33 -14.76 46.74
N CYS E 254 16.34 -15.39 47.31
CA CYS E 254 16.31 -16.84 47.59
C CYS E 254 16.64 -17.13 49.05
N THR E 255 16.05 -18.19 49.59
CA THR E 255 16.32 -18.64 50.97
C THR E 255 16.92 -20.04 50.91
N ALA E 256 18.17 -20.18 51.32
CA ALA E 256 18.90 -21.47 51.29
C ALA E 256 18.82 -22.12 52.67
N LEU F 6 -34.06 33.70 -41.66
CA LEU F 6 -33.76 32.27 -41.83
C LEU F 6 -34.76 31.46 -41.02
N PRO F 7 -34.84 30.13 -41.22
CA PRO F 7 -35.71 29.30 -40.40
C PRO F 7 -35.19 29.18 -38.95
N HIS F 8 -36.09 29.38 -38.00
CA HIS F 8 -35.78 29.25 -36.56
C HIS F 8 -36.43 27.98 -36.04
N PHE F 9 -35.64 27.09 -35.45
CA PHE F 9 -36.14 25.81 -34.93
C PHE F 9 -36.89 26.03 -33.61
N ILE F 10 -38.12 25.54 -33.55
CA ILE F 10 -38.93 25.59 -32.30
C ILE F 10 -38.72 24.29 -31.51
N GLU F 11 -38.84 23.15 -32.18
CA GLU F 11 -38.68 21.82 -31.55
C GLU F 11 -37.48 21.14 -32.21
N GLU F 12 -36.31 21.29 -31.60
CA GLU F 12 -35.06 20.64 -32.07
C GLU F 12 -35.07 19.19 -31.64
N PRO F 13 -34.61 18.27 -32.51
CA PRO F 13 -34.59 16.85 -32.16
C PRO F 13 -33.66 16.54 -30.98
N GLU F 14 -34.18 15.79 -30.01
CA GLU F 14 -33.42 15.35 -28.81
C GLU F 14 -32.95 13.91 -29.00
N ASP F 15 -31.75 13.61 -28.53
CA ASP F 15 -31.14 12.26 -28.68
C ASP F 15 -32.08 11.20 -28.11
N ALA F 16 -32.56 10.32 -28.97
CA ALA F 16 -33.50 9.24 -28.60
C ALA F 16 -32.73 7.96 -28.26
N TYR F 17 -33.37 7.08 -27.51
CA TYR F 17 -32.78 5.76 -27.12
C TYR F 17 -33.81 4.67 -27.38
N ILE F 18 -33.41 3.66 -28.13
CA ILE F 18 -34.29 2.52 -28.48
C ILE F 18 -34.29 1.55 -27.29
N ILE F 19 -35.48 1.23 -26.80
CA ILE F 19 -35.63 0.30 -25.66
C ILE F 19 -36.51 -0.86 -26.09
N LYS F 20 -36.02 -2.07 -25.89
CA LYS F 20 -36.77 -3.32 -26.18
C LYS F 20 -37.34 -3.30 -27.60
N SER F 21 -36.53 -2.87 -28.57
CA SER F 21 -36.85 -2.87 -30.02
C SER F 21 -38.10 -2.03 -30.29
N ASN F 22 -38.36 -1.01 -29.50
CA ASN F 22 -39.51 -0.11 -29.74
C ASN F 22 -39.02 1.07 -30.55
N PRO F 23 -39.37 1.17 -31.85
CA PRO F 23 -38.88 2.25 -32.69
C PRO F 23 -39.45 3.62 -32.25
N ILE F 24 -38.56 4.52 -31.85
CA ILE F 24 -38.96 5.87 -31.40
C ILE F 24 -38.59 6.87 -32.49
N ALA F 25 -39.58 7.62 -32.94
CA ALA F 25 -39.43 8.59 -34.04
C ALA F 25 -38.78 9.87 -33.51
N LEU F 26 -38.21 10.62 -34.43
CA LEU F 26 -37.57 11.93 -34.11
C LEU F 26 -38.46 13.05 -34.63
N ARG F 27 -38.68 14.02 -33.73
CA ARG F 27 -39.53 15.23 -33.96
C ARG F 27 -38.65 16.38 -34.46
N CYS F 28 -39.23 17.23 -35.30
CA CYS F 28 -38.52 18.42 -35.82
C CYS F 28 -39.55 19.48 -36.19
N LYS F 29 -39.44 20.67 -35.60
CA LYS F 29 -40.40 21.75 -35.90
C LYS F 29 -39.67 23.08 -36.03
N ALA F 30 -39.91 23.77 -37.14
CA ALA F 30 -39.27 25.06 -37.42
C ALA F 30 -40.23 26.01 -38.15
N ARG F 31 -39.97 27.30 -37.97
CA ARG F 31 -40.72 28.42 -38.59
C ARG F 31 -39.77 29.58 -38.80
N PRO F 32 -39.74 30.22 -40.00
CA PRO F 32 -40.56 29.84 -41.16
C PRO F 32 -39.92 28.70 -41.95
N ALA F 33 -40.69 27.67 -42.28
CA ALA F 33 -40.15 26.50 -43.00
C ALA F 33 -41.14 26.00 -44.04
N MET F 34 -40.60 25.67 -45.21
CA MET F 34 -41.39 25.12 -46.35
C MET F 34 -40.92 23.70 -46.65
N GLN F 35 -39.66 23.39 -46.39
CA GLN F 35 -39.11 22.02 -46.57
C GLN F 35 -38.22 21.72 -45.37
N ILE F 36 -38.45 20.57 -44.73
CA ILE F 36 -37.59 20.10 -43.61
C ILE F 36 -37.17 18.67 -43.93
N PHE F 37 -35.88 18.42 -43.92
CA PHE F 37 -35.33 17.08 -44.22
C PHE F 37 -34.35 16.66 -43.14
N PHE F 38 -34.16 15.36 -43.04
CA PHE F 38 -33.23 14.76 -42.06
C PHE F 38 -31.99 14.26 -42.79
N LYS F 39 -30.83 14.51 -42.17
CA LYS F 39 -29.51 14.05 -42.65
C LYS F 39 -28.96 13.13 -41.56
N CYS F 40 -29.30 11.86 -41.63
CA CYS F 40 -28.83 10.88 -40.63
C CYS F 40 -27.50 10.29 -41.08
N ASN F 41 -26.45 10.53 -40.27
CA ASN F 41 -25.09 10.00 -40.48
C ASN F 41 -24.53 10.46 -41.84
N GLY F 42 -24.64 11.75 -42.15
CA GLY F 42 -24.03 12.34 -43.35
C GLY F 42 -24.92 12.34 -44.57
N GLU F 43 -25.85 11.39 -44.73
CA GLU F 43 -26.66 11.28 -45.96
C GLU F 43 -28.14 11.58 -45.69
N TRP F 44 -28.79 12.10 -46.71
CA TRP F 44 -30.23 12.46 -46.70
C TRP F 44 -31.11 11.23 -46.44
N VAL F 45 -32.21 11.45 -45.75
CA VAL F 45 -33.21 10.40 -45.48
C VAL F 45 -34.27 10.43 -46.57
N HIS F 46 -34.68 9.26 -47.02
CA HIS F 46 -35.67 9.09 -48.11
C HIS F 46 -36.95 9.88 -47.82
N GLN F 47 -37.52 10.45 -48.88
CA GLN F 47 -38.76 11.27 -48.82
C GLN F 47 -39.90 10.49 -48.14
N ASN F 48 -40.02 9.20 -48.42
CA ASN F 48 -41.10 8.35 -47.85
C ASN F 48 -41.03 8.31 -46.32
N GLU F 49 -39.83 8.33 -45.74
CA GLU F 49 -39.67 8.24 -44.27
C GLU F 49 -40.18 9.51 -43.59
N HIS F 50 -40.14 10.66 -44.26
CA HIS F 50 -40.57 11.94 -43.64
C HIS F 50 -42.09 12.05 -43.57
N VAL F 51 -42.59 12.57 -42.45
CA VAL F 51 -44.03 12.83 -42.24
C VAL F 51 -44.17 14.29 -41.86
N SER F 52 -44.60 15.12 -42.80
CA SER F 52 -44.71 16.59 -42.64
C SER F 52 -46.08 17.00 -42.07
N GLU F 53 -46.08 18.10 -41.32
CA GLU F 53 -47.28 18.74 -40.75
C GLU F 53 -47.19 20.24 -41.04
N GLU F 54 -48.22 20.76 -41.68
CA GLU F 54 -48.32 22.20 -42.06
C GLU F 54 -49.14 22.92 -40.99
N SER F 55 -48.48 23.52 -40.01
CA SER F 55 -49.13 24.17 -38.85
C SER F 55 -49.06 25.69 -38.96
N LEU F 56 -49.91 26.36 -38.18
CA LEU F 56 -49.93 27.84 -38.08
C LEU F 56 -49.82 28.19 -36.60
N ASP F 57 -48.89 29.07 -36.28
CA ASP F 57 -48.64 29.46 -34.87
C ASP F 57 -49.63 30.52 -34.41
N GLU F 58 -49.96 30.49 -33.12
CA GLU F 58 -50.92 31.47 -32.56
C GLU F 58 -50.22 32.79 -32.28
N SER F 59 -49.05 32.74 -31.66
CA SER F 59 -48.27 33.97 -31.34
C SER F 59 -48.05 34.82 -32.61
N SER F 60 -47.83 34.19 -33.76
CA SER F 60 -47.62 34.92 -35.03
C SER F 60 -48.12 34.08 -36.19
N GLY F 61 -48.84 34.71 -37.11
CA GLY F 61 -49.44 34.06 -38.29
C GLY F 61 -48.40 33.73 -39.34
N LEU F 62 -47.60 32.68 -39.13
CA LEU F 62 -46.55 32.29 -40.09
C LEU F 62 -46.56 30.78 -40.26
N LYS F 63 -46.18 30.32 -41.44
CA LYS F 63 -46.17 28.88 -41.79
C LYS F 63 -45.13 28.12 -40.96
N VAL F 64 -45.61 27.22 -40.12
CA VAL F 64 -44.75 26.35 -39.27
C VAL F 64 -44.75 24.96 -39.90
N ARG F 65 -43.63 24.26 -39.81
CA ARG F 65 -43.55 22.90 -40.34
C ARG F 65 -42.98 21.96 -39.29
N GLU F 66 -43.65 20.82 -39.11
CA GLU F 66 -43.22 19.78 -38.16
C GLU F 66 -43.11 18.45 -38.90
N VAL F 67 -41.91 17.87 -38.89
CA VAL F 67 -41.63 16.60 -39.60
C VAL F 67 -41.17 15.55 -38.58
N PHE F 68 -41.72 14.36 -38.71
CA PHE F 68 -41.38 13.20 -37.85
C PHE F 68 -40.78 12.12 -38.73
N ILE F 69 -39.74 11.47 -38.23
CA ILE F 69 -39.06 10.37 -38.97
C ILE F 69 -38.81 9.20 -38.03
N ASN F 70 -39.32 8.04 -38.41
CA ASN F 70 -39.16 6.81 -37.61
C ASN F 70 -37.72 6.28 -37.73
N VAL F 71 -37.16 5.88 -36.60
CA VAL F 71 -35.81 5.24 -36.56
C VAL F 71 -35.98 3.89 -35.89
N THR F 72 -35.75 2.82 -36.65
CA THR F 72 -35.91 1.45 -36.15
C THR F 72 -34.61 0.93 -35.54
N ARG F 73 -34.74 -0.15 -34.77
CA ARG F 73 -33.59 -0.82 -34.15
C ARG F 73 -32.69 -1.40 -35.26
N GLN F 74 -33.30 -1.97 -36.30
CA GLN F 74 -32.54 -2.58 -37.44
C GLN F 74 -31.64 -1.51 -38.08
N GLN F 75 -32.05 -0.25 -38.09
CA GLN F 75 -31.23 0.83 -38.71
C GLN F 75 -29.97 1.06 -37.88
N VAL F 76 -30.09 1.06 -36.56
CA VAL F 76 -28.95 1.37 -35.67
C VAL F 76 -28.02 0.15 -35.61
N GLU F 77 -28.56 -1.04 -35.42
CA GLU F 77 -27.73 -2.26 -35.27
C GLU F 77 -27.01 -2.60 -36.58
N ASP F 78 -27.53 -2.20 -37.73
CA ASP F 78 -26.90 -2.49 -39.04
C ASP F 78 -25.98 -1.35 -39.46
N PHE F 79 -25.99 -0.23 -38.75
CA PHE F 79 -25.09 0.90 -39.03
C PHE F 79 -23.73 0.61 -38.41
N HIS F 80 -22.69 0.54 -39.23
CA HIS F 80 -21.32 0.22 -38.74
C HIS F 80 -20.37 1.39 -38.96
N GLY F 81 -20.80 2.60 -38.62
CA GLY F 81 -20.00 3.80 -38.88
C GLY F 81 -19.07 4.13 -37.72
N PRO F 82 -18.39 5.29 -37.79
CA PRO F 82 -17.37 5.63 -36.81
C PRO F 82 -17.91 6.24 -35.51
N GLU F 83 -18.95 7.05 -35.65
CA GLU F 83 -19.55 7.80 -34.54
C GLU F 83 -20.90 7.17 -34.25
N ASP F 84 -21.53 7.67 -33.22
CA ASP F 84 -22.86 7.19 -32.82
C ASP F 84 -23.89 7.59 -33.88
N TYR F 85 -24.85 6.71 -34.15
CA TYR F 85 -25.92 6.95 -35.13
C TYR F 85 -26.58 8.31 -34.84
N TRP F 86 -26.15 9.34 -35.57
CA TRP F 86 -26.65 10.72 -35.38
C TRP F 86 -27.54 11.13 -36.55
N CYS F 87 -28.41 12.09 -36.29
CA CYS F 87 -29.33 12.67 -37.30
C CYS F 87 -29.35 14.18 -37.13
N GLN F 88 -29.48 14.88 -38.23
CA GLN F 88 -29.56 16.36 -38.20
C GLN F 88 -30.79 16.80 -38.98
N CYS F 89 -31.27 17.99 -38.68
CA CYS F 89 -32.48 18.56 -39.32
C CYS F 89 -32.07 19.81 -40.11
N VAL F 90 -32.44 19.84 -41.38
CA VAL F 90 -32.17 20.99 -42.27
C VAL F 90 -33.50 21.58 -42.69
N ALA F 91 -33.67 22.88 -42.46
CA ALA F 91 -34.89 23.62 -42.83
C ALA F 91 -34.58 24.63 -43.93
N TRP F 92 -35.50 24.73 -44.89
CA TRP F 92 -35.38 25.62 -46.08
C TRP F 92 -36.28 26.83 -45.91
N SER F 93 -35.72 27.99 -46.22
CA SER F 93 -36.46 29.28 -46.22
C SER F 93 -36.17 30.00 -47.54
N HIS F 94 -36.87 31.10 -47.76
CA HIS F 94 -36.68 31.93 -48.97
C HIS F 94 -35.30 32.59 -48.95
N LEU F 95 -34.68 32.65 -47.78
CA LEU F 95 -33.39 33.33 -47.54
C LEU F 95 -32.23 32.34 -47.52
N GLY F 96 -32.44 31.13 -47.01
CA GLY F 96 -31.37 30.13 -46.89
C GLY F 96 -31.82 28.90 -46.13
N THR F 97 -30.87 28.23 -45.51
CA THR F 97 -31.12 26.97 -44.78
C THR F 97 -30.59 27.07 -43.36
N SER F 98 -31.06 26.19 -42.50
CA SER F 98 -30.60 26.13 -41.10
C SER F 98 -30.54 24.69 -40.62
N LYS F 99 -29.43 24.34 -39.97
CA LYS F 99 -29.20 23.00 -39.38
C LYS F 99 -29.58 23.02 -37.90
N SER F 100 -29.97 21.87 -37.37
CA SER F 100 -30.39 21.74 -35.96
C SER F 100 -29.33 20.96 -35.17
N ARG F 101 -29.71 20.54 -33.96
CA ARG F 101 -28.84 19.74 -33.08
C ARG F 101 -28.68 18.33 -33.63
N LYS F 102 -27.51 17.74 -33.44
CA LYS F 102 -27.25 16.34 -33.87
C LYS F 102 -27.73 15.38 -32.80
N ALA F 103 -28.93 14.84 -32.94
CA ALA F 103 -29.48 13.86 -31.98
C ALA F 103 -28.93 12.48 -32.34
N SER F 104 -28.16 11.85 -31.44
CA SER F 104 -27.56 10.53 -31.70
C SER F 104 -28.42 9.43 -31.09
N VAL F 105 -29.12 8.67 -31.93
CA VAL F 105 -29.95 7.52 -31.48
C VAL F 105 -29.04 6.31 -31.30
N ARG F 106 -28.94 5.80 -30.07
CA ARG F 106 -28.05 4.65 -29.81
C ARG F 106 -28.78 3.49 -29.17
N ILE F 107 -28.30 2.29 -29.44
CA ILE F 107 -28.91 1.09 -28.84
C ILE F 107 -28.39 1.02 -27.42
N ALA F 108 -29.20 1.47 -26.49
CA ALA F 108 -28.85 1.50 -25.06
C ALA F 108 -28.60 0.07 -24.62
N TYR F 109 -27.48 -0.19 -23.97
CA TYR F 109 -27.17 -1.57 -23.58
C TYR F 109 -26.38 -1.57 -22.29
N LEU F 110 -26.87 -2.38 -21.35
CA LEU F 110 -26.26 -2.59 -20.02
C LEU F 110 -25.87 -4.07 -19.93
N ARG F 111 -24.67 -4.34 -19.43
CA ARG F 111 -24.19 -5.72 -19.32
C ARG F 111 -24.60 -6.33 -17.98
N LYS F 112 -24.65 -7.66 -17.94
CA LYS F 112 -24.97 -8.41 -16.71
C LYS F 112 -23.74 -8.52 -15.81
N ASN F 113 -22.62 -8.94 -16.37
CA ASN F 113 -21.38 -9.21 -15.60
C ASN F 113 -20.76 -7.89 -15.12
N PHE F 114 -20.55 -7.77 -13.83
CA PHE F 114 -19.92 -6.57 -13.22
C PHE F 114 -18.44 -6.55 -13.58
N GLU F 115 -17.92 -5.37 -13.86
CA GLU F 115 -16.49 -5.21 -14.19
C GLU F 115 -15.60 -5.59 -12.99
N GLN F 116 -16.01 -5.25 -11.78
CA GLN F 116 -15.23 -5.64 -10.58
C GLN F 116 -16.15 -5.63 -9.37
N ASP F 117 -16.38 -6.81 -8.79
CA ASP F 117 -17.27 -6.99 -7.62
C ASP F 117 -16.54 -6.60 -6.34
N PRO F 118 -17.27 -6.07 -5.34
CA PRO F 118 -16.66 -5.72 -4.07
C PRO F 118 -16.15 -6.96 -3.34
N GLN F 119 -15.00 -6.82 -2.69
CA GLN F 119 -14.32 -7.93 -1.99
C GLN F 119 -14.58 -7.86 -0.48
N GLY F 120 -14.96 -9.00 0.10
CA GLY F 120 -15.19 -9.12 1.55
C GLY F 120 -13.87 -8.90 2.29
N ARG F 121 -13.90 -8.17 3.39
CA ARG F 121 -12.65 -7.85 4.11
C ARG F 121 -12.81 -7.99 5.62
N GLU F 122 -11.69 -8.27 6.27
CA GLU F 122 -11.59 -8.35 7.75
C GLU F 122 -10.80 -7.13 8.20
N VAL F 123 -11.41 -6.29 9.03
CA VAL F 123 -10.76 -5.02 9.43
C VAL F 123 -10.96 -4.80 10.93
N PRO F 124 -9.90 -4.39 11.66
CA PRO F 124 -10.04 -4.12 13.08
C PRO F 124 -10.97 -2.94 13.37
N ILE F 125 -11.31 -2.79 14.64
CA ILE F 125 -12.30 -1.78 15.11
C ILE F 125 -11.85 -0.39 14.67
N GLU F 126 -10.56 -0.14 14.59
CA GLU F 126 -10.06 1.19 14.21
C GLU F 126 -9.65 1.24 12.74
N GLY F 127 -9.43 0.08 12.12
CA GLY F 127 -8.98 0.01 10.73
C GLY F 127 -9.91 0.73 9.78
N MET F 128 -9.38 1.12 8.62
CA MET F 128 -10.17 1.75 7.55
C MET F 128 -10.19 0.81 6.35
N ILE F 129 -11.33 0.71 5.70
CA ILE F 129 -11.45 -0.17 4.50
C ILE F 129 -12.18 0.55 3.39
N VAL F 130 -11.68 0.32 2.17
CA VAL F 130 -12.26 0.89 0.95
C VAL F 130 -12.79 -0.26 0.11
N LEU F 131 -14.07 -0.20 -0.22
CA LEU F 131 -14.74 -1.23 -1.05
C LEU F 131 -14.83 -0.70 -2.48
N HIS F 132 -14.14 -1.38 -3.38
CA HIS F 132 -14.05 -1.00 -4.81
C HIS F 132 -15.23 -1.59 -5.57
N CYS F 133 -15.72 -0.86 -6.55
CA CYS F 133 -16.83 -1.32 -7.41
C CYS F 133 -16.71 -0.68 -8.77
N ARG F 134 -16.62 -1.52 -9.80
CA ARG F 134 -16.58 -1.07 -11.20
C ARG F 134 -17.84 -1.56 -11.88
N PRO F 135 -18.81 -0.66 -12.18
CA PRO F 135 -20.06 -1.10 -12.78
C PRO F 135 -19.86 -1.69 -14.17
N PRO F 136 -20.83 -2.45 -14.69
CA PRO F 136 -20.69 -3.04 -16.02
C PRO F 136 -20.72 -1.98 -17.13
N GLU F 137 -20.16 -2.36 -18.27
CA GLU F 137 -20.13 -1.52 -19.49
C GLU F 137 -21.56 -1.16 -19.91
N GLY F 138 -21.81 0.12 -20.17
CA GLY F 138 -23.17 0.58 -20.51
C GLY F 138 -23.24 2.06 -20.85
N VAL F 139 -24.14 2.42 -21.75
CA VAL F 139 -24.37 3.82 -22.15
C VAL F 139 -25.79 4.18 -21.76
N PRO F 140 -26.04 5.18 -20.88
CA PRO F 140 -25.03 6.02 -20.24
C PRO F 140 -24.26 5.35 -19.10
N ALA F 141 -23.31 6.07 -18.52
CA ALA F 141 -22.46 5.57 -17.41
C ALA F 141 -23.35 5.10 -16.26
N ALA F 142 -23.14 3.88 -15.80
CA ALA F 142 -23.96 3.26 -14.72
C ALA F 142 -23.80 4.06 -13.42
N GLU F 143 -24.91 4.26 -12.72
CA GLU F 143 -24.95 5.03 -11.46
C GLU F 143 -24.80 4.03 -10.32
N VAL F 144 -23.65 4.05 -9.68
CA VAL F 144 -23.33 3.11 -8.57
C VAL F 144 -24.00 3.59 -7.29
N GLU F 145 -24.70 2.67 -6.63
CA GLU F 145 -25.37 2.89 -5.33
C GLU F 145 -24.98 1.76 -4.39
N TRP F 146 -24.60 2.10 -3.16
CA TRP F 146 -24.20 1.11 -2.15
C TRP F 146 -25.40 0.76 -1.27
N LEU F 147 -25.54 -0.53 -0.97
CA LEU F 147 -26.62 -1.04 -0.12
C LEU F 147 -26.00 -1.89 0.99
N LYS F 148 -26.19 -1.47 2.22
CA LYS F 148 -25.71 -2.26 3.38
C LYS F 148 -26.80 -3.24 3.77
N ASN F 149 -26.50 -4.53 3.60
CA ASN F 149 -27.43 -5.63 3.95
C ASN F 149 -28.78 -5.36 3.27
N GLU F 150 -28.73 -5.21 1.95
CA GLU F 150 -29.91 -5.00 1.07
C GLU F 150 -30.65 -3.72 1.50
N GLU F 151 -29.94 -2.71 2.01
CA GLU F 151 -30.57 -1.44 2.40
C GLU F 151 -29.61 -0.31 2.07
N PRO F 152 -30.07 0.74 1.34
CA PRO F 152 -29.19 1.82 0.92
C PRO F 152 -28.59 2.60 2.10
N ILE F 153 -27.41 3.15 1.86
CA ILE F 153 -26.65 3.92 2.89
C ILE F 153 -26.62 5.39 2.48
N ASP F 154 -26.82 6.28 3.43
CA ASP F 154 -26.77 7.75 3.18
C ASP F 154 -25.39 8.27 3.58
N SER F 155 -24.64 8.78 2.62
CA SER F 155 -23.26 9.29 2.84
C SER F 155 -23.31 10.56 3.71
N GLU F 156 -24.36 11.37 3.57
CA GLU F 156 -24.47 12.63 4.35
C GLU F 156 -24.91 12.34 5.79
N GLN F 157 -25.54 11.19 6.04
CA GLN F 157 -26.08 10.86 7.37
C GLN F 157 -24.93 10.66 8.37
N ASP F 158 -23.80 10.15 7.92
CA ASP F 158 -22.68 9.82 8.83
C ASP F 158 -21.37 10.31 8.25
N GLU F 159 -20.54 10.86 9.15
CA GLU F 159 -19.19 11.38 8.87
C GLU F 159 -18.31 10.20 8.45
N ASN F 160 -18.53 9.02 9.03
CA ASN F 160 -17.66 7.85 8.84
C ASN F 160 -17.73 7.32 7.40
N ILE F 161 -18.86 7.47 6.73
CA ILE F 161 -19.06 6.91 5.37
C ILE F 161 -19.23 8.03 4.35
N ASP F 162 -18.61 7.86 3.19
CA ASP F 162 -18.68 8.83 2.07
C ASP F 162 -18.58 8.06 0.76
N THR F 163 -19.27 8.57 -0.26
CA THR F 163 -19.32 7.97 -1.62
C THR F 163 -18.40 8.77 -2.55
N ARG F 164 -17.55 8.08 -3.30
CA ARG F 164 -16.55 8.70 -4.20
C ARG F 164 -17.04 8.69 -5.65
N ALA F 165 -16.51 9.65 -6.42
CA ALA F 165 -16.84 9.84 -7.84
C ALA F 165 -16.47 8.59 -8.64
N ASP F 166 -15.49 7.82 -8.18
CA ASP F 166 -15.01 6.62 -8.93
C ASP F 166 -15.62 5.35 -8.31
N HIS F 167 -16.79 5.48 -7.68
CA HIS F 167 -17.57 4.35 -7.10
C HIS F 167 -16.73 3.56 -6.11
N ASN F 168 -16.49 4.14 -4.96
CA ASN F 168 -15.71 3.50 -3.88
C ASN F 168 -16.37 3.86 -2.55
N LEU F 169 -16.47 2.89 -1.66
CA LEU F 169 -17.06 3.12 -0.33
C LEU F 169 -15.93 3.10 0.69
N ILE F 170 -15.60 4.26 1.25
CA ILE F 170 -14.49 4.37 2.22
C ILE F 170 -15.09 4.49 3.61
N ILE F 171 -14.58 3.65 4.50
CA ILE F 171 -14.93 3.68 5.94
C ILE F 171 -13.65 3.94 6.70
N ARG F 172 -13.64 5.03 7.45
CA ARG F 172 -12.44 5.49 8.20
C ARG F 172 -12.30 4.64 9.45
N GLN F 173 -13.37 4.55 10.23
CA GLN F 173 -13.38 3.78 11.49
C GLN F 173 -14.47 2.73 11.38
N ALA F 174 -14.15 1.52 11.82
CA ALA F 174 -15.05 0.35 11.86
C ALA F 174 -15.99 0.43 13.07
N ARG F 175 -16.16 1.60 13.65
CA ARG F 175 -17.00 1.82 14.85
C ARG F 175 -18.38 2.36 14.43
N LEU F 176 -18.39 3.44 13.65
CA LEU F 176 -19.64 4.13 13.24
C LEU F 176 -20.38 3.35 12.15
N SER F 177 -19.71 2.39 11.51
CA SER F 177 -20.29 1.52 10.45
C SER F 177 -19.72 0.12 10.64
N ASP F 178 -20.39 -0.70 11.44
CA ASP F 178 -19.96 -2.08 11.75
C ASP F 178 -20.20 -3.02 10.57
N SER F 179 -19.78 -4.26 10.79
CA SER F 179 -19.85 -5.41 9.85
C SER F 179 -21.20 -5.52 9.12
N GLY F 180 -21.16 -6.23 7.99
CA GLY F 180 -22.36 -6.52 7.19
C GLY F 180 -22.02 -7.00 5.79
N ASN F 181 -23.07 -7.32 5.05
CA ASN F 181 -22.98 -7.78 3.64
C ASN F 181 -23.28 -6.61 2.71
N TYR F 182 -22.25 -5.82 2.42
CA TYR F 182 -22.34 -4.63 1.54
C TYR F 182 -22.48 -5.10 0.08
N THR F 183 -23.44 -4.53 -0.64
CA THR F 183 -23.64 -4.90 -2.05
C THR F 183 -23.69 -3.64 -2.91
N CYS F 184 -22.97 -3.68 -4.01
CA CYS F 184 -22.89 -2.59 -4.99
C CYS F 184 -23.93 -2.82 -6.07
N MET F 185 -24.68 -1.79 -6.43
CA MET F 185 -25.77 -1.94 -7.43
C MET F 185 -25.68 -0.80 -8.43
N ALA F 186 -25.63 -1.14 -9.72
CA ALA F 186 -25.53 -0.15 -10.81
C ALA F 186 -26.92 0.08 -11.38
N ALA F 187 -27.33 1.34 -11.49
CA ALA F 187 -28.64 1.72 -12.02
C ALA F 187 -28.45 2.48 -13.33
N ASN F 188 -29.30 2.18 -14.30
CA ASN F 188 -29.25 2.83 -15.63
C ASN F 188 -30.68 2.98 -16.15
N ILE F 189 -30.81 3.76 -17.21
CA ILE F 189 -32.14 4.00 -17.82
C ILE F 189 -32.62 2.67 -18.43
N VAL F 190 -31.68 1.77 -18.74
CA VAL F 190 -32.04 0.43 -19.29
C VAL F 190 -32.62 -0.43 -18.17
N ALA F 191 -31.80 -0.74 -17.17
CA ALA F 191 -32.21 -1.60 -16.04
C ALA F 191 -31.23 -1.45 -14.88
N LYS F 192 -31.30 -2.35 -13.90
CA LYS F 192 -30.41 -2.34 -12.72
C LYS F 192 -29.66 -3.67 -12.64
N ARG F 193 -28.45 -3.64 -12.08
CA ARG F 193 -27.61 -4.85 -11.96
C ARG F 193 -26.98 -4.90 -10.57
N ARG F 194 -27.09 -6.03 -9.91
CA ARG F 194 -26.55 -6.24 -8.55
C ARG F 194 -25.22 -6.99 -8.62
N SER F 195 -24.24 -6.55 -7.85
CA SER F 195 -22.90 -7.18 -7.77
C SER F 195 -22.89 -8.22 -6.67
N LEU F 196 -21.77 -8.96 -6.55
CA LEU F 196 -21.60 -9.93 -5.44
C LEU F 196 -21.37 -9.19 -4.14
N SER F 197 -22.18 -9.49 -3.12
CA SER F 197 -22.08 -8.87 -1.79
C SER F 197 -20.74 -9.23 -1.12
N ALA F 198 -20.10 -8.23 -0.54
CA ALA F 198 -18.84 -8.37 0.23
C ALA F 198 -19.18 -8.49 1.72
N THR F 199 -18.67 -9.54 2.35
CA THR F 199 -18.87 -9.82 3.79
C THR F 199 -17.77 -9.12 4.58
N VAL F 200 -18.07 -7.92 5.07
CA VAL F 200 -17.08 -7.15 5.85
C VAL F 200 -17.33 -7.44 7.33
N VAL F 201 -16.37 -8.11 7.95
CA VAL F 201 -16.45 -8.51 9.39
C VAL F 201 -15.31 -7.83 10.12
N VAL F 202 -15.64 -7.09 11.15
CA VAL F 202 -14.64 -6.34 11.95
C VAL F 202 -14.23 -7.21 13.12
N TYR F 203 -12.94 -7.48 13.21
CA TYR F 203 -12.43 -8.33 14.31
C TYR F 203 -11.61 -7.46 15.26
N VAL F 204 -11.86 -7.66 16.55
CA VAL F 204 -11.14 -6.93 17.63
C VAL F 204 -10.16 -7.92 18.25
N ASN F 205 -8.88 -7.60 18.20
CA ASN F 205 -7.90 -8.56 18.74
C ASN F 205 -7.89 -8.48 20.26
N GLY F 206 -7.67 -9.65 20.88
CA GLY F 206 -7.64 -9.79 22.34
C GLY F 206 -6.45 -9.07 22.93
N GLY F 207 -6.68 -8.41 24.06
CA GLY F 207 -5.62 -7.70 24.80
C GLY F 207 -5.64 -7.96 26.28
N TRP F 208 -4.45 -7.88 26.86
CA TRP F 208 -4.14 -8.32 28.24
C TRP F 208 -4.77 -7.47 29.34
N SER F 209 -4.28 -7.76 30.54
CA SER F 209 -4.61 -7.06 31.80
C SER F 209 -3.33 -6.87 32.64
N SER F 210 -3.26 -5.80 33.43
CA SER F 210 -2.13 -5.58 34.36
C SER F 210 -2.22 -6.60 35.52
N TRP F 211 -1.10 -7.12 36.05
CA TRP F 211 -1.06 -8.17 37.13
C TRP F 211 -1.65 -7.76 38.51
N THR F 212 -2.78 -8.35 38.93
CA THR F 212 -3.45 -8.09 40.28
C THR F 212 -2.50 -8.30 41.48
N GLU F 213 -3.05 -8.26 42.70
CA GLU F 213 -2.23 -8.45 43.92
C GLU F 213 -2.11 -9.94 44.28
N TRP F 214 -1.00 -10.27 44.93
CA TRP F 214 -0.76 -11.65 45.42
C TRP F 214 -1.65 -11.94 46.62
N SER F 215 -2.38 -13.05 46.57
CA SER F 215 -3.30 -13.46 47.66
C SER F 215 -2.49 -13.91 48.89
N ALA F 216 -3.14 -13.88 50.04
CA ALA F 216 -2.55 -14.35 51.32
C ALA F 216 -2.36 -15.87 51.27
N CYS F 217 -1.33 -16.36 51.93
CA CYS F 217 -1.01 -17.80 51.98
C CYS F 217 -2.13 -18.51 52.75
N ASN F 218 -2.91 -19.34 52.05
CA ASN F 218 -4.08 -20.06 52.61
C ASN F 218 -3.65 -20.86 53.84
N VAL F 219 -2.48 -21.47 53.80
CA VAL F 219 -1.99 -22.29 54.95
C VAL F 219 -1.17 -21.39 55.85
N ARG F 220 -1.49 -21.40 57.13
CA ARG F 220 -0.85 -20.47 58.11
C ARG F 220 0.56 -20.96 58.38
N CYS F 221 0.73 -22.26 58.56
CA CYS F 221 2.08 -22.84 58.82
C CYS F 221 2.42 -23.88 57.77
N GLY F 222 3.47 -23.64 57.02
CA GLY F 222 3.98 -24.56 56.00
C GLY F 222 3.86 -24.00 54.61
N ARG F 223 3.62 -24.89 53.65
CA ARG F 223 3.46 -24.51 52.24
C ARG F 223 2.13 -23.82 52.00
N GLY F 224 2.23 -22.61 51.49
CA GLY F 224 1.06 -21.78 51.18
C GLY F 224 1.03 -21.47 49.71
N TRP F 225 -0.01 -20.74 49.33
CA TRP F 225 -0.28 -20.38 47.92
C TRP F 225 -0.48 -18.87 47.79
N GLN F 226 -0.04 -18.33 46.68
CA GLN F 226 -0.31 -16.92 46.34
C GLN F 226 -0.68 -16.86 44.87
N LYS F 227 -1.83 -16.26 44.60
CA LYS F 227 -2.42 -16.19 43.24
C LYS F 227 -2.38 -14.76 42.70
N ARG F 228 -2.29 -14.67 41.39
CA ARG F 228 -2.29 -13.39 40.64
C ARG F 228 -3.07 -13.62 39.36
N SER F 229 -4.14 -12.87 39.13
CA SER F 229 -5.00 -13.03 37.94
C SER F 229 -4.60 -12.03 36.84
N ARG F 230 -4.81 -12.44 35.60
CA ARG F 230 -4.50 -11.64 34.39
C ARG F 230 -5.60 -11.90 33.37
N THR F 231 -6.59 -11.00 33.30
CA THR F 231 -7.73 -11.20 32.39
C THR F 231 -7.46 -10.65 31.00
N CYS F 232 -8.21 -11.16 30.03
CA CYS F 232 -8.10 -10.73 28.63
C CYS F 232 -9.23 -9.76 28.32
N THR F 233 -9.15 -8.54 28.84
CA THR F 233 -10.26 -7.58 28.68
C THR F 233 -9.82 -6.19 28.23
N ASN F 234 -8.54 -5.95 27.99
CA ASN F 234 -8.09 -4.59 27.58
C ASN F 234 -7.28 -4.66 26.31
N PRO F 235 -7.90 -4.79 25.11
CA PRO F 235 -9.36 -4.91 24.91
C PRO F 235 -9.86 -6.36 24.87
N ALA F 236 -11.16 -6.55 25.10
CA ALA F 236 -11.79 -7.88 25.08
C ALA F 236 -12.05 -8.28 23.64
N PRO F 237 -11.75 -9.54 23.26
CA PRO F 237 -11.96 -9.99 21.89
C PRO F 237 -13.42 -9.85 21.44
N LEU F 238 -13.59 -9.38 20.20
CA LEU F 238 -14.93 -9.21 19.62
C LEU F 238 -15.01 -9.84 18.22
N ASN F 239 -16.19 -10.31 17.88
CA ASN F 239 -16.52 -10.87 16.53
C ASN F 239 -15.42 -11.80 16.02
N GLY F 240 -14.91 -12.64 16.90
CA GLY F 240 -13.90 -13.66 16.58
C GLY F 240 -12.49 -13.08 16.51
N GLY F 241 -12.15 -12.10 17.35
CA GLY F 241 -10.76 -11.66 17.47
C GLY F 241 -9.92 -12.70 18.15
N ALA F 242 -8.63 -12.74 17.84
CA ALA F 242 -7.67 -13.65 18.48
C ALA F 242 -7.66 -13.39 19.99
N PHE F 243 -7.80 -14.44 20.78
CA PHE F 243 -7.73 -14.33 22.26
C PHE F 243 -6.29 -14.15 22.72
N CYS F 244 -6.14 -13.71 23.95
CA CYS F 244 -4.83 -13.44 24.59
C CYS F 244 -3.96 -14.70 24.57
N GLU F 245 -2.69 -14.53 24.26
CA GLU F 245 -1.72 -15.64 24.11
C GLU F 245 -0.90 -15.81 25.39
N GLY F 246 -0.95 -17.03 25.95
CA GLY F 246 -0.24 -17.43 27.17
C GLY F 246 -1.18 -17.68 28.36
N MET F 247 -0.64 -17.58 29.57
CA MET F 247 -1.38 -17.94 30.79
C MET F 247 -2.13 -16.75 31.39
N SER F 248 -3.21 -17.07 32.08
CA SER F 248 -4.12 -16.07 32.72
C SER F 248 -3.92 -16.04 34.23
N VAL F 249 -3.47 -17.12 34.85
CA VAL F 249 -3.27 -17.17 36.32
C VAL F 249 -1.80 -17.46 36.64
N GLN F 250 -1.35 -16.93 37.76
CA GLN F 250 0.02 -17.13 38.26
C GLN F 250 -0.06 -17.58 39.71
N LYS F 251 0.60 -18.69 40.03
CA LYS F 251 0.59 -19.24 41.41
C LYS F 251 2.01 -19.47 41.87
N ILE F 252 2.31 -19.02 43.08
CA ILE F 252 3.65 -19.20 43.68
C ILE F 252 3.50 -19.80 45.08
N THR F 253 4.47 -20.64 45.44
CA THR F 253 4.52 -21.29 46.77
C THR F 253 5.12 -20.29 47.76
N CYS F 254 4.53 -20.22 48.94
CA CYS F 254 5.00 -19.27 49.98
C CYS F 254 5.19 -20.01 51.32
N THR F 255 6.16 -19.56 52.11
CA THR F 255 6.43 -20.13 53.46
C THR F 255 6.23 -19.04 54.49
N ALA F 256 5.23 -19.21 55.35
CA ALA F 256 4.88 -18.24 56.42
C ALA F 256 5.54 -18.67 57.73
N LEU G 6 -13.97 -0.90 62.27
CA LEU G 6 -12.62 -0.72 61.66
C LEU G 6 -12.39 0.77 61.42
N PRO G 7 -11.13 1.20 61.21
CA PRO G 7 -10.86 2.59 60.88
C PRO G 7 -11.36 2.93 59.47
N HIS G 8 -12.09 4.04 59.37
CA HIS G 8 -12.60 4.55 58.07
C HIS G 8 -11.79 5.79 57.70
N PHE G 9 -11.19 5.77 56.52
CA PHE G 9 -10.35 6.89 56.06
C PHE G 9 -11.23 8.05 55.60
N ILE G 10 -10.98 9.23 56.13
CA ILE G 10 -11.69 10.47 55.70
C ILE G 10 -10.87 11.16 54.61
N GLU G 11 -9.57 11.32 54.85
CA GLU G 11 -8.63 11.97 53.89
C GLU G 11 -7.59 10.94 53.47
N GLU G 12 -7.84 10.27 52.35
CA GLU G 12 -6.91 9.27 51.76
C GLU G 12 -5.78 10.00 51.05
N PRO G 13 -4.53 9.51 51.15
CA PRO G 13 -3.41 10.16 50.49
C PRO G 13 -3.55 10.16 48.95
N GLU G 14 -3.36 11.33 48.36
CA GLU G 14 -3.44 11.55 46.89
C GLU G 14 -2.04 11.58 46.28
N ASP G 15 -1.88 10.98 45.11
CA ASP G 15 -0.58 10.91 44.40
C ASP G 15 0.00 12.32 44.24
N ALA G 16 1.15 12.58 44.85
CA ALA G 16 1.81 13.90 44.79
C ALA G 16 2.81 13.94 43.65
N TYR G 17 3.13 15.15 43.21
CA TYR G 17 4.13 15.41 42.15
C TYR G 17 5.06 16.52 42.60
N ILE G 18 6.36 16.25 42.52
CA ILE G 18 7.40 17.22 42.94
C ILE G 18 7.64 18.21 41.79
N ILE G 19 7.51 19.49 42.08
CA ILE G 19 7.68 20.58 41.08
C ILE G 19 8.74 21.54 41.59
N LYS G 20 9.75 21.80 40.76
CA LYS G 20 10.85 22.74 41.05
C LYS G 20 11.47 22.41 42.41
N SER G 21 11.67 21.13 42.68
CA SER G 21 12.33 20.62 43.92
C SER G 21 11.58 21.08 45.18
N ASN G 22 10.27 21.30 45.09
CA ASN G 22 9.49 21.71 46.29
C ASN G 22 8.91 20.47 46.94
N PRO G 23 9.40 20.04 48.12
CA PRO G 23 8.89 18.82 48.76
C PRO G 23 7.44 19.00 49.21
N ILE G 24 6.54 18.21 48.67
CA ILE G 24 5.09 18.30 49.01
C ILE G 24 4.73 17.10 49.88
N ALA G 25 4.19 17.39 51.06
CA ALA G 25 3.83 16.36 52.05
C ALA G 25 2.52 15.65 51.65
N LEU G 26 2.35 14.45 52.19
CA LEU G 26 1.15 13.62 52.00
C LEU G 26 0.32 13.65 53.28
N ARG G 27 -0.98 13.86 53.09
CA ARG G 27 -2.01 13.95 54.16
C ARG G 27 -2.67 12.58 54.38
N CYS G 28 -3.07 12.32 55.61
CA CYS G 28 -3.79 11.08 55.94
C CYS G 28 -4.67 11.34 57.16
N LYS G 29 -5.97 11.11 57.03
CA LYS G 29 -6.89 11.33 58.17
C LYS G 29 -7.92 10.21 58.24
N ALA G 30 -8.05 9.58 59.41
CA ALA G 30 -9.00 8.47 59.61
C ALA G 30 -9.63 8.52 61.00
N ARG G 31 -10.83 7.96 61.09
CA ARG G 31 -11.64 7.80 62.32
C ARG G 31 -12.46 6.52 62.20
N PRO G 32 -12.48 5.64 63.24
CA PRO G 32 -11.72 5.84 64.47
C PRO G 32 -10.28 5.39 64.29
N ALA G 33 -9.32 6.23 64.66
CA ALA G 33 -7.89 5.91 64.51
C ALA G 33 -7.11 6.38 65.73
N MET G 34 -6.18 5.53 66.16
CA MET G 34 -5.28 5.84 67.29
C MET G 34 -3.85 5.92 66.77
N GLN G 35 -3.52 5.17 65.73
CA GLN G 35 -2.20 5.21 65.09
C GLN G 35 -2.38 5.12 63.59
N ILE G 36 -1.76 6.05 62.87
CA ILE G 36 -1.79 6.06 61.39
C ILE G 36 -0.34 6.16 60.92
N PHE G 37 0.08 5.20 60.11
CA PHE G 37 1.46 5.18 59.61
C PHE G 37 1.49 4.97 58.10
N PHE G 38 2.62 5.37 57.53
CA PHE G 38 2.87 5.26 56.08
C PHE G 38 3.84 4.12 55.82
N LYS G 39 3.52 3.36 54.76
CA LYS G 39 4.33 2.24 54.24
C LYS G 39 4.73 2.65 52.83
N CYS G 40 5.84 3.35 52.70
CA CYS G 40 6.33 3.82 51.38
C CYS G 40 7.23 2.74 50.77
N ASN G 41 6.79 2.20 49.64
CA ASN G 41 7.54 1.19 48.84
C ASN G 41 7.82 -0.07 49.66
N GLY G 42 6.82 -0.60 50.35
CA GLY G 42 6.93 -1.90 51.03
C GLY G 42 7.33 -1.79 52.49
N GLU G 43 8.13 -0.78 52.87
CA GLU G 43 8.67 -0.70 54.25
C GLU G 43 8.11 0.50 55.01
N TRP G 44 8.02 0.33 56.32
CA TRP G 44 7.51 1.36 57.26
C TRP G 44 8.36 2.62 57.21
N VAL G 45 7.73 3.76 57.41
CA VAL G 45 8.43 5.08 57.45
C VAL G 45 8.78 5.39 58.90
N HIS G 46 9.99 5.91 59.09
CA HIS G 46 10.53 6.23 60.44
C HIS G 46 9.57 7.13 61.23
N GLN G 47 9.49 6.89 62.52
CA GLN G 47 8.64 7.62 63.48
C GLN G 47 8.89 9.13 63.42
N ASN G 48 10.14 9.55 63.27
CA ASN G 48 10.48 10.99 63.20
C ASN G 48 9.78 11.69 62.04
N GLU G 49 9.59 11.01 60.91
CA GLU G 49 8.98 11.62 59.71
C GLU G 49 7.49 11.89 59.94
N HIS G 50 6.82 11.10 60.77
CA HIS G 50 5.35 11.23 60.99
C HIS G 50 5.02 12.44 61.87
N VAL G 51 3.98 13.16 61.50
CA VAL G 51 3.45 14.31 62.29
C VAL G 51 1.98 14.04 62.56
N SER G 52 1.67 13.62 63.79
CA SER G 52 0.30 13.24 64.21
C SER G 52 -0.50 14.45 64.72
N GLU G 53 -1.81 14.40 64.50
CA GLU G 53 -2.79 15.40 64.97
C GLU G 53 -3.96 14.65 65.61
N GLU G 54 -4.25 14.95 66.87
CA GLU G 54 -5.37 14.33 67.63
C GLU G 54 -6.58 15.25 67.54
N SER G 55 -7.48 14.98 66.60
CA SER G 55 -8.68 15.82 66.35
C SER G 55 -9.95 15.14 66.88
N LEU G 56 -10.99 15.94 67.06
CA LEU G 56 -12.33 15.45 67.47
C LEU G 56 -13.35 15.96 66.46
N ASP G 57 -14.18 15.06 65.96
CA ASP G 57 -15.18 15.43 64.93
C ASP G 57 -16.42 16.04 65.58
N GLU G 58 -17.07 16.95 64.85
CA GLU G 58 -18.31 17.62 65.30
C GLU G 58 -19.50 16.67 65.20
N SER G 59 -19.66 16.03 64.05
CA SER G 59 -20.82 15.13 63.76
C SER G 59 -20.90 14.05 64.83
N SER G 60 -19.75 13.55 65.29
CA SER G 60 -19.73 12.48 66.32
C SER G 60 -18.48 12.64 67.17
N GLY G 61 -18.65 12.52 68.48
CA GLY G 61 -17.56 12.62 69.46
C GLY G 61 -16.67 11.39 69.42
N LEU G 62 -15.79 11.28 68.42
CA LEU G 62 -14.88 10.12 68.32
C LEU G 62 -13.49 10.62 67.94
N LYS G 63 -12.48 9.89 68.40
CA LYS G 63 -11.06 10.23 68.17
C LYS G 63 -10.72 10.15 66.68
N VAL G 64 -10.38 11.29 66.09
CA VAL G 64 -9.93 11.39 64.68
C VAL G 64 -8.42 11.59 64.70
N ARG G 65 -7.73 11.02 63.74
CA ARG G 65 -6.25 11.18 63.68
C ARG G 65 -5.83 11.61 62.28
N GLU G 66 -4.98 12.62 62.22
CA GLU G 66 -4.44 13.16 60.95
C GLU G 66 -2.91 13.14 61.02
N VAL G 67 -2.29 12.43 60.09
CA VAL G 67 -0.81 12.27 60.04
C VAL G 67 -0.30 12.81 58.71
N PHE G 68 0.78 13.58 58.80
CA PHE G 68 1.46 14.19 57.64
C PHE G 68 2.87 13.63 57.53
N ILE G 69 3.29 13.37 56.30
CA ILE G 69 4.64 12.84 55.95
C ILE G 69 5.20 13.67 54.80
N ASN G 70 6.40 14.21 54.96
CA ASN G 70 7.05 15.13 53.99
C ASN G 70 7.55 14.42 52.71
N VAL G 71 8.75 13.85 52.73
CA VAL G 71 9.40 13.17 51.58
C VAL G 71 9.91 14.20 50.58
N THR G 72 11.24 14.23 50.43
CA THR G 72 12.02 15.14 49.58
C THR G 72 12.25 14.57 48.17
N ARG G 73 12.69 15.44 47.26
CA ARG G 73 13.02 15.05 45.87
C ARG G 73 14.19 14.07 45.90
N GLN G 74 15.15 14.31 46.78
CA GLN G 74 16.36 13.45 46.92
C GLN G 74 15.92 12.01 47.21
N GLN G 75 14.81 11.84 47.92
CA GLN G 75 14.30 10.49 48.26
C GLN G 75 13.81 9.78 47.01
N VAL G 76 13.12 10.49 46.13
CA VAL G 76 12.52 9.86 44.93
C VAL G 76 13.63 9.61 43.90
N GLU G 77 14.50 10.58 43.67
CA GLU G 77 15.56 10.44 42.62
C GLU G 77 16.59 9.38 43.05
N ASP G 78 16.75 9.14 44.35
CA ASP G 78 17.73 8.14 44.84
C ASP G 78 17.07 6.77 45.04
N PHE G 79 15.74 6.69 44.92
CA PHE G 79 15.01 5.42 45.05
C PHE G 79 15.12 4.65 43.73
N HIS G 80 15.70 3.46 43.78
CA HIS G 80 15.92 2.63 42.57
C HIS G 80 15.15 1.32 42.68
N GLY G 81 13.87 1.39 43.02
CA GLY G 81 13.00 0.20 43.10
C GLY G 81 12.46 -0.17 41.73
N PRO G 82 11.62 -1.22 41.65
CA PRO G 82 11.05 -1.62 40.37
C PRO G 82 9.80 -0.81 39.98
N GLU G 83 9.02 -0.42 40.98
CA GLU G 83 7.75 0.31 40.78
C GLU G 83 7.95 1.80 41.05
N ASP G 84 6.98 2.62 40.69
CA ASP G 84 7.02 4.07 40.98
C ASP G 84 6.96 4.28 42.49
N TYR G 85 7.70 5.26 42.99
CA TYR G 85 7.76 5.58 44.44
C TYR G 85 6.33 5.74 44.98
N TRP G 86 5.81 4.68 45.58
CA TRP G 86 4.44 4.67 46.14
C TRP G 86 4.47 4.68 47.66
N CYS G 87 3.39 5.15 48.25
CA CYS G 87 3.21 5.19 49.71
C CYS G 87 1.79 4.75 50.03
N GLN G 88 1.63 4.05 51.15
CA GLN G 88 0.28 3.59 51.58
C GLN G 88 0.05 4.05 53.01
N CYS G 89 -1.21 4.16 53.39
CA CYS G 89 -1.59 4.59 54.75
C CYS G 89 -2.31 3.45 55.45
N VAL G 90 -1.83 3.10 56.63
CA VAL G 90 -2.41 2.03 57.49
C VAL G 90 -2.91 2.68 58.77
N ALA G 91 -4.18 2.46 59.09
CA ALA G 91 -4.78 2.98 60.32
C ALA G 91 -5.08 1.79 61.23
N TRP G 92 -4.78 1.97 62.51
CA TRP G 92 -4.94 0.92 63.54
C TRP G 92 -6.17 1.22 64.41
N SER G 93 -6.99 0.22 64.68
CA SER G 93 -8.18 0.34 65.55
C SER G 93 -8.21 -0.78 66.57
N HIS G 94 -9.14 -0.69 67.52
CA HIS G 94 -9.32 -1.73 68.56
C HIS G 94 -9.90 -2.99 67.94
N LEU G 95 -10.52 -2.87 66.77
CA LEU G 95 -11.16 -4.00 66.06
C LEU G 95 -10.26 -4.56 64.97
N GLY G 96 -9.46 -3.72 64.25
CA GLY G 96 -8.42 -4.21 63.29
C GLY G 96 -7.64 -3.13 62.58
N THR G 97 -7.21 -3.38 61.37
CA THR G 97 -6.39 -2.43 60.59
C THR G 97 -7.05 -2.16 59.25
N SER G 98 -6.68 -1.05 58.64
CA SER G 98 -7.25 -0.68 57.32
C SER G 98 -6.19 0.04 56.49
N LYS G 99 -6.07 -0.37 55.22
CA LYS G 99 -5.14 0.23 54.25
C LYS G 99 -5.88 1.26 53.39
N SER G 100 -5.15 2.27 52.92
CA SER G 100 -5.72 3.34 52.08
C SER G 100 -5.22 3.18 50.65
N ARG G 101 -5.40 4.23 49.85
CA ARG G 101 -4.94 4.25 48.44
C ARG G 101 -3.42 4.38 48.39
N LYS G 102 -2.81 3.74 47.39
CA LYS G 102 -1.35 3.83 47.17
C LYS G 102 -1.03 5.08 46.36
N ALA G 103 -0.65 6.16 47.02
CA ALA G 103 -0.28 7.43 46.34
C ALA G 103 1.17 7.32 45.85
N SER G 104 1.39 7.38 44.54
CA SER G 104 2.76 7.27 43.95
C SER G 104 3.31 8.68 43.68
N VAL G 105 4.28 9.11 44.46
CA VAL G 105 4.95 10.43 44.27
C VAL G 105 6.03 10.29 43.19
N ARG G 106 5.89 11.03 42.08
CA ARG G 106 6.84 10.90 40.94
C ARG G 106 7.47 12.22 40.52
N ILE G 107 8.67 12.13 39.99
CA ILE G 107 9.51 13.28 39.54
C ILE G 107 9.13 13.60 38.09
N ALA G 108 8.46 14.74 37.88
CA ALA G 108 8.00 15.20 36.55
C ALA G 108 9.19 15.61 35.68
N TYR G 109 9.24 15.11 34.44
CA TYR G 109 10.31 15.45 33.47
C TYR G 109 9.75 15.36 32.05
N LEU G 110 9.99 16.41 31.26
CA LEU G 110 9.64 16.52 29.83
C LEU G 110 10.91 16.62 29.00
N ARG G 111 10.96 15.91 27.89
CA ARG G 111 12.16 15.91 27.01
C ARG G 111 12.06 17.04 25.98
N LYS G 112 13.21 17.45 25.47
CA LYS G 112 13.29 18.49 24.40
C LYS G 112 13.06 17.87 23.03
N ASN G 113 13.76 16.78 22.73
CA ASN G 113 13.66 16.10 21.41
C ASN G 113 12.30 15.43 21.27
N PHE G 114 11.58 15.76 20.20
CA PHE G 114 10.29 15.11 19.89
C PHE G 114 10.56 13.68 19.41
N GLU G 115 9.70 12.77 19.82
CA GLU G 115 9.82 11.35 19.42
C GLU G 115 9.63 11.20 17.91
N GLN G 116 8.71 11.93 17.30
CA GLN G 116 8.53 11.85 15.84
C GLN G 116 7.88 13.15 15.37
N ASP G 117 8.61 13.92 14.56
CA ASP G 117 8.15 15.23 14.04
C ASP G 117 7.24 15.02 12.84
N PRO G 118 6.24 15.90 12.65
CA PRO G 118 5.35 15.80 11.50
C PRO G 118 6.10 16.03 10.17
N GLN G 119 5.74 15.24 9.17
CA GLN G 119 6.40 15.29 7.83
C GLN G 119 5.54 16.08 6.85
N GLY G 120 6.19 16.98 6.12
CA GLY G 120 5.54 17.79 5.07
C GLY G 120 5.04 16.89 3.94
N ARG G 121 3.85 17.14 3.41
CA ARG G 121 3.30 16.25 2.36
C ARG G 121 2.67 17.05 1.22
N GLU G 122 2.65 16.45 0.04
CA GLU G 122 2.01 17.02 -1.17
C GLU G 122 0.76 16.19 -1.46
N VAL G 123 -0.40 16.83 -1.46
CA VAL G 123 -1.67 16.07 -1.60
C VAL G 123 -2.61 16.77 -2.56
N PRO G 124 -3.26 16.02 -3.48
CA PRO G 124 -4.20 16.61 -4.41
C PRO G 124 -5.46 17.13 -3.70
N ILE G 125 -6.28 17.87 -4.44
CA ILE G 125 -7.49 18.54 -3.89
C ILE G 125 -8.39 17.53 -3.18
N GLU G 126 -8.46 16.29 -3.66
CA GLU G 126 -9.35 15.28 -3.06
C GLU G 126 -8.59 14.31 -2.18
N GLY G 127 -7.26 14.24 -2.32
CA GLY G 127 -6.46 13.30 -1.51
C GLY G 127 -6.68 13.49 -0.03
N MET G 128 -6.37 12.45 0.75
CA MET G 128 -6.41 12.53 2.22
C MET G 128 -4.99 12.39 2.77
N ILE G 129 -4.66 13.16 3.80
CA ILE G 129 -3.33 13.03 4.45
C ILE G 129 -3.46 12.97 5.96
N VAL G 130 -2.62 12.14 6.55
CA VAL G 130 -2.55 11.98 8.01
C VAL G 130 -1.18 12.46 8.46
N LEU G 131 -1.19 13.41 9.39
CA LEU G 131 0.05 13.96 9.96
C LEU G 131 0.31 13.29 11.30
N HIS G 132 1.40 12.55 11.37
CA HIS G 132 1.80 11.77 12.57
C HIS G 132 2.60 12.66 13.51
N CYS G 133 2.41 12.46 14.80
CA CYS G 133 3.15 13.21 15.84
C CYS G 133 3.25 12.34 17.07
N ARG G 134 4.48 12.11 17.51
CA ARG G 134 4.77 11.36 18.75
C ARG G 134 5.42 12.34 19.72
N PRO G 135 4.71 12.81 20.76
CA PRO G 135 5.27 13.76 21.70
C PRO G 135 6.46 13.17 22.44
N PRO G 136 7.32 14.00 23.04
CA PRO G 136 8.47 13.48 23.76
C PRO G 136 8.08 12.72 25.02
N GLU G 137 8.96 11.81 25.45
CA GLU G 137 8.77 11.01 26.68
C GLU G 137 8.64 11.97 27.87
N GLY G 138 7.63 11.75 28.70
CA GLY G 138 7.29 12.70 29.78
C GLY G 138 6.18 12.19 30.68
N VAL G 139 6.28 12.48 31.97
CA VAL G 139 5.24 12.14 32.96
C VAL G 139 4.70 13.44 33.52
N PRO G 140 3.39 13.75 33.39
CA PRO G 140 2.37 12.92 32.74
C PRO G 140 2.41 12.94 31.20
N ALA G 141 1.53 12.16 30.58
CA ALA G 141 1.42 12.07 29.11
C ALA G 141 1.16 13.47 28.52
N ALA G 142 1.96 13.83 27.53
CA ALA G 142 1.88 15.14 26.87
C ALA G 142 0.52 15.32 26.20
N GLU G 143 -0.02 16.53 26.29
CA GLU G 143 -1.27 16.92 25.62
C GLU G 143 -0.91 17.50 24.25
N VAL G 144 -1.18 16.75 23.19
CA VAL G 144 -0.83 17.19 21.82
C VAL G 144 -1.88 18.19 21.31
N GLU G 145 -1.40 19.31 20.77
CA GLU G 145 -2.23 20.35 20.13
C GLU G 145 -1.66 20.66 18.76
N TRP G 146 -2.53 20.74 17.76
CA TRP G 146 -2.12 21.08 16.38
C TRP G 146 -2.31 22.58 16.12
N LEU G 147 -1.32 23.19 15.47
CA LEU G 147 -1.37 24.63 15.14
C LEU G 147 -1.09 24.81 13.65
N LYS G 148 -2.07 25.36 12.94
CA LYS G 148 -1.91 25.68 11.51
C LYS G 148 -1.34 27.10 11.38
N ASN G 149 -0.14 27.20 10.85
CA ASN G 149 0.57 28.49 10.66
C ASN G 149 0.62 29.23 12.00
N GLU G 150 1.13 28.54 13.03
CA GLU G 150 1.31 29.12 14.39
C GLU G 150 -0.04 29.57 14.94
N GLU G 151 -1.11 28.89 14.57
CA GLU G 151 -2.46 29.20 15.10
C GLU G 151 -3.22 27.90 15.28
N PRO G 152 -3.80 27.67 16.47
CA PRO G 152 -4.46 26.40 16.76
C PRO G 152 -5.65 26.11 15.82
N ILE G 153 -5.91 24.84 15.62
CA ILE G 153 -7.02 24.33 14.77
C ILE G 153 -8.03 23.64 15.68
N ASP G 154 -9.31 23.89 15.43
CA ASP G 154 -10.39 23.29 16.24
C ASP G 154 -10.99 22.11 15.49
N SER G 155 -10.87 20.92 16.05
CA SER G 155 -11.42 19.68 15.46
C SER G 155 -12.95 19.71 15.38
N GLU G 156 -13.63 20.34 16.32
CA GLU G 156 -15.10 20.39 16.31
C GLU G 156 -15.61 21.44 15.33
N GLN G 157 -14.78 22.41 14.96
CA GLN G 157 -15.20 23.50 14.05
C GLN G 157 -15.47 22.95 12.65
N ASP G 158 -14.76 21.90 12.24
CA ASP G 158 -14.91 21.34 10.87
C ASP G 158 -14.96 19.81 10.92
N GLU G 159 -15.81 19.24 10.07
CA GLU G 159 -15.98 17.78 9.93
C GLU G 159 -14.78 17.18 9.21
N ASN G 160 -14.11 17.97 8.38
CA ASN G 160 -12.97 17.50 7.57
C ASN G 160 -11.78 17.17 8.48
N ILE G 161 -11.65 17.87 9.60
CA ILE G 161 -10.50 17.67 10.54
C ILE G 161 -11.02 17.04 11.83
N ASP G 162 -10.25 16.09 12.34
CA ASP G 162 -10.54 15.43 13.63
C ASP G 162 -9.22 15.07 14.30
N THR G 163 -9.21 15.10 15.62
CA THR G 163 -8.04 14.76 16.47
C THR G 163 -8.20 13.34 17.00
N ARG G 164 -7.15 12.54 16.86
CA ARG G 164 -7.17 11.12 17.29
C ARG G 164 -6.49 10.96 18.64
N ALA G 165 -6.90 9.92 19.35
CA ALA G 165 -6.38 9.55 20.69
C ALA G 165 -4.87 9.32 20.62
N ASP G 166 -4.34 8.90 19.47
CA ASP G 166 -2.90 8.59 19.31
C ASP G 166 -2.17 9.77 18.66
N HIS G 167 -2.71 10.99 18.80
CA HIS G 167 -2.09 12.25 18.30
C HIS G 167 -1.79 12.16 16.81
N ASN G 168 -2.84 12.25 16.01
CA ASN G 168 -2.72 12.24 14.54
C ASN G 168 -3.74 13.23 14.00
N LEU G 169 -3.34 13.97 12.98
CA LEU G 169 -4.25 14.95 12.35
C LEU G 169 -4.62 14.40 10.99
N ILE G 170 -5.87 13.97 10.84
CA ILE G 170 -6.34 13.35 9.58
C ILE G 170 -7.19 14.38 8.83
N ILE G 171 -6.85 14.58 7.57
CA ILE G 171 -7.62 15.46 6.67
C ILE G 171 -8.10 14.58 5.52
N ARG G 172 -9.41 14.51 5.35
CA ARG G 172 -10.04 13.68 4.30
C ARG G 172 -9.95 14.37 2.96
N GLN G 173 -10.40 15.61 2.92
CA GLN G 173 -10.40 16.40 1.67
C GLN G 173 -9.53 17.63 1.87
N ALA G 174 -8.68 17.90 0.90
CA ALA G 174 -7.74 19.06 0.86
C ALA G 174 -8.51 20.33 0.48
N ARG G 175 -9.82 20.30 0.58
CA ARG G 175 -10.72 21.42 0.22
C ARG G 175 -11.07 22.22 1.48
N LEU G 176 -11.58 21.54 2.50
CA LEU G 176 -12.05 22.21 3.74
C LEU G 176 -10.85 22.60 4.62
N SER G 177 -9.67 22.06 4.35
CA SER G 177 -8.42 22.35 5.08
C SER G 177 -7.26 22.43 4.08
N ASP G 178 -7.03 23.63 3.55
CA ASP G 178 -5.99 23.86 2.51
C ASP G 178 -4.60 23.91 3.13
N SER G 179 -3.62 24.18 2.27
CA SER G 179 -2.17 24.20 2.60
C SER G 179 -1.86 25.04 3.84
N GLY G 180 -0.67 24.81 4.41
CA GLY G 180 -0.16 25.59 5.56
C GLY G 180 1.02 24.93 6.20
N ASN G 181 1.56 25.61 7.22
CA ASN G 181 2.67 25.09 8.04
C ASN G 181 2.10 24.46 9.30
N TYR G 182 1.70 23.21 9.22
CA TYR G 182 1.13 22.51 10.39
C TYR G 182 2.23 22.19 11.39
N THR G 183 2.03 22.52 12.65
CA THR G 183 3.04 22.25 13.70
C THR G 183 2.36 21.56 14.89
N CYS G 184 3.01 20.52 15.39
CA CYS G 184 2.54 19.74 16.55
C CYS G 184 3.21 20.32 17.79
N MET G 185 2.43 20.53 18.84
CA MET G 185 2.96 21.11 20.09
C MET G 185 2.46 20.30 21.28
N ALA G 186 3.39 19.84 22.13
CA ALA G 186 3.09 19.03 23.32
C ALA G 186 3.08 19.94 24.54
N ALA G 187 2.01 19.86 25.33
CA ALA G 187 1.86 20.68 26.55
C ALA G 187 1.85 19.77 27.77
N ASN G 188 2.52 20.19 28.82
CA ASN G 188 2.61 19.41 30.06
C ASN G 188 2.66 20.37 31.24
N ILE G 189 2.52 19.82 32.44
CA ILE G 189 2.56 20.62 33.69
C ILE G 189 3.98 21.15 33.86
N VAL G 190 4.96 20.49 33.25
CA VAL G 190 6.38 20.94 33.33
C VAL G 190 6.54 22.16 32.42
N ALA G 191 6.35 21.97 31.12
CA ALA G 191 6.50 23.05 30.13
C ALA G 191 5.86 22.60 28.81
N LYS G 192 6.14 23.35 27.75
CA LYS G 192 5.64 23.06 26.39
C LYS G 192 6.81 22.83 25.44
N ARG G 193 6.59 22.02 24.42
CA ARG G 193 7.61 21.71 23.41
C ARG G 193 6.98 21.78 22.03
N ARG G 194 7.65 22.49 21.12
CA ARG G 194 7.20 22.63 19.73
C ARG G 194 8.00 21.66 18.85
N SER G 195 7.31 20.99 17.94
CA SER G 195 7.93 20.05 16.99
C SER G 195 8.34 20.80 15.72
N LEU G 196 9.00 20.11 14.81
CA LEU G 196 9.38 20.72 13.52
C LEU G 196 8.14 20.85 12.64
N SER G 197 7.86 22.06 12.18
CA SER G 197 6.66 22.36 11.36
C SER G 197 6.74 21.65 10.00
N ALA G 198 5.64 21.01 9.62
CA ALA G 198 5.50 20.32 8.32
C ALA G 198 4.83 21.28 7.32
N THR G 199 5.46 21.44 6.16
CA THR G 199 4.93 22.30 5.07
C THR G 199 3.99 21.47 4.21
N VAL G 200 2.70 21.50 4.51
CA VAL G 200 1.70 20.73 3.73
C VAL G 200 1.15 21.64 2.63
N VAL G 201 1.44 21.29 1.39
CA VAL G 201 1.00 22.07 0.21
C VAL G 201 0.09 21.19 -0.65
N VAL G 202 -1.10 21.69 -0.94
CA VAL G 202 -2.09 20.98 -1.78
C VAL G 202 -1.87 21.44 -3.23
N TYR G 203 -1.62 20.48 -4.12
CA TYR G 203 -1.33 20.76 -5.54
C TYR G 203 -2.48 20.28 -6.44
N VAL G 204 -2.78 21.05 -7.48
CA VAL G 204 -3.82 20.71 -8.49
C VAL G 204 -3.13 20.37 -9.80
N ASN G 205 -3.35 19.18 -10.34
CA ASN G 205 -2.74 18.81 -11.63
C ASN G 205 -3.49 19.46 -12.79
N GLY G 206 -2.72 19.82 -13.82
CA GLY G 206 -3.22 20.45 -15.05
C GLY G 206 -4.13 19.52 -15.82
N GLY G 207 -5.27 20.05 -16.26
CA GLY G 207 -6.23 19.27 -17.05
C GLY G 207 -6.68 20.05 -18.24
N TRP G 208 -6.44 19.46 -19.39
CA TRP G 208 -6.62 20.14 -20.69
C TRP G 208 -8.06 20.61 -20.88
N SER G 209 -8.58 20.29 -22.06
CA SER G 209 -9.94 20.69 -22.47
C SER G 209 -10.48 19.81 -23.59
N SER G 210 -11.79 19.72 -23.66
CA SER G 210 -12.42 19.02 -24.80
C SER G 210 -12.16 19.90 -26.02
N TRP G 211 -11.80 19.26 -27.13
CA TRP G 211 -11.57 19.96 -28.42
C TRP G 211 -12.76 20.83 -28.81
N THR G 212 -12.49 21.94 -29.48
CA THR G 212 -13.53 22.80 -30.07
C THR G 212 -13.80 22.36 -31.50
N GLU G 213 -14.61 23.13 -32.23
CA GLU G 213 -14.86 22.82 -33.65
C GLU G 213 -13.79 23.45 -34.53
N TRP G 214 -13.62 22.85 -35.69
CA TRP G 214 -12.63 23.34 -36.68
C TRP G 214 -13.14 24.64 -37.30
N SER G 215 -12.30 25.67 -37.29
CA SER G 215 -12.63 27.00 -37.84
C SER G 215 -12.73 26.94 -39.36
N ALA G 216 -13.43 27.92 -39.93
CA ALA G 216 -13.58 28.11 -41.40
C ALA G 216 -12.23 28.47 -42.02
N CYS G 217 -12.02 27.99 -43.25
CA CYS G 217 -10.77 28.27 -43.99
C CYS G 217 -10.72 29.77 -44.29
N ASN G 218 -9.77 30.47 -43.68
CA ASN G 218 -9.60 31.93 -43.82
C ASN G 218 -9.49 32.30 -45.31
N VAL G 219 -8.79 31.50 -46.10
CA VAL G 219 -8.65 31.79 -47.54
C VAL G 219 -9.78 31.08 -48.28
N ARG G 220 -10.49 31.82 -49.13
CA ARG G 220 -11.67 31.27 -49.85
C ARG G 220 -11.17 30.28 -50.91
N CYS G 221 -10.13 30.65 -51.63
CA CYS G 221 -9.59 29.83 -52.73
C CYS G 221 -8.11 29.54 -52.48
N GLY G 222 -7.77 28.25 -52.37
CA GLY G 222 -6.39 27.77 -52.24
C GLY G 222 -6.13 27.16 -50.88
N ARG G 223 -4.93 27.38 -50.33
CA ARG G 223 -4.55 26.86 -48.99
C ARG G 223 -5.27 27.67 -47.90
N GLY G 224 -6.06 26.99 -47.08
CA GLY G 224 -6.75 27.60 -45.94
C GLY G 224 -6.28 26.97 -44.65
N TRP G 225 -6.84 27.46 -43.55
CA TRP G 225 -6.44 27.04 -42.19
C TRP G 225 -7.67 26.65 -41.38
N GLN G 226 -7.51 25.68 -40.50
CA GLN G 226 -8.57 25.30 -39.55
C GLN G 226 -7.94 25.05 -38.18
N LYS G 227 -8.47 25.72 -37.16
CA LYS G 227 -7.94 25.70 -35.79
C LYS G 227 -8.89 24.95 -34.85
N ARG G 228 -8.29 24.34 -33.83
CA ARG G 228 -9.01 23.61 -32.77
C ARG G 228 -8.27 23.84 -31.46
N SER G 229 -8.94 24.43 -30.48
CA SER G 229 -8.32 24.74 -29.18
C SER G 229 -8.57 23.62 -28.17
N ARG G 230 -7.59 23.46 -27.31
CA ARG G 230 -7.60 22.49 -26.19
C ARG G 230 -6.93 23.21 -25.03
N THR G 231 -7.71 23.87 -24.18
CA THR G 231 -7.21 24.69 -23.06
C THR G 231 -6.87 23.79 -21.90
N CYS G 232 -6.07 24.31 -20.97
CA CYS G 232 -5.68 23.61 -19.71
C CYS G 232 -6.52 24.19 -18.57
N THR G 233 -7.79 23.83 -18.51
CA THR G 233 -8.70 24.41 -17.49
C THR G 233 -9.58 23.39 -16.78
N ASN G 234 -9.44 22.09 -17.06
CA ASN G 234 -10.32 21.07 -16.43
C ASN G 234 -9.49 19.98 -15.79
N PRO G 235 -8.88 20.20 -14.60
CA PRO G 235 -8.83 21.44 -13.82
C PRO G 235 -7.62 22.35 -14.13
N ALA G 236 -7.70 23.63 -13.81
CA ALA G 236 -6.59 24.58 -14.04
C ALA G 236 -5.56 24.40 -12.92
N PRO G 237 -4.25 24.37 -13.24
CA PRO G 237 -3.23 24.20 -12.22
C PRO G 237 -3.31 25.25 -11.11
N LEU G 238 -3.17 24.80 -9.86
CA LEU G 238 -3.24 25.68 -8.67
C LEU G 238 -2.06 25.40 -7.73
N ASN G 239 -1.65 26.44 -7.01
CA ASN G 239 -0.57 26.36 -5.99
C ASN G 239 0.64 25.56 -6.49
N GLY G 240 1.04 25.79 -7.73
CA GLY G 240 2.24 25.15 -8.31
C GLY G 240 1.96 23.75 -8.80
N GLY G 241 0.77 23.48 -9.32
CA GLY G 241 0.49 22.18 -9.93
C GLY G 241 1.21 22.03 -11.25
N ALA G 242 1.52 20.79 -11.63
CA ALA G 242 2.17 20.50 -12.92
C ALA G 242 1.27 20.99 -14.06
N PHE G 243 1.82 21.71 -15.02
CA PHE G 243 1.03 22.20 -16.19
C PHE G 243 0.70 21.04 -17.12
N CYS G 244 -0.30 21.26 -17.96
CA CYS G 244 -0.76 20.28 -18.96
C CYS G 244 0.39 19.89 -19.89
N GLU G 245 0.44 18.62 -20.25
CA GLU G 245 1.51 18.07 -21.12
C GLU G 245 1.02 17.95 -22.56
N GLY G 246 1.73 18.57 -23.50
CA GLY G 246 1.43 18.48 -24.94
C GLY G 246 1.05 19.82 -25.58
N MET G 247 0.36 19.78 -26.72
CA MET G 247 0.01 21.01 -27.46
C MET G 247 -1.36 21.55 -27.05
N SER G 248 -1.53 22.86 -27.19
CA SER G 248 -2.80 23.57 -26.83
C SER G 248 -3.62 23.89 -28.07
N VAL G 249 -2.98 24.08 -29.23
CA VAL G 249 -3.69 24.44 -30.48
C VAL G 249 -3.44 23.36 -31.52
N GLN G 250 -4.41 23.17 -32.40
CA GLN G 250 -4.35 22.17 -33.49
C GLN G 250 -4.66 22.92 -34.78
N LYS G 251 -3.81 22.82 -35.79
CA LYS G 251 -4.01 23.52 -37.07
C LYS G 251 -3.89 22.54 -38.23
N ILE G 252 -4.83 22.58 -39.16
CA ILE G 252 -4.79 21.70 -40.36
C ILE G 252 -5.00 22.55 -41.62
N THR G 253 -4.31 22.15 -42.69
CA THR G 253 -4.43 22.78 -44.02
C THR G 253 -5.72 22.29 -44.69
N CYS G 254 -6.46 23.22 -45.28
CA CYS G 254 -7.71 22.87 -46.00
C CYS G 254 -7.69 23.42 -47.43
N THR G 255 -8.32 22.70 -48.35
CA THR G 255 -8.45 23.13 -49.75
C THR G 255 -9.93 23.30 -50.08
N ALA G 256 -10.34 24.54 -50.36
CA ALA G 256 -11.76 24.95 -50.23
C ALA G 256 -12.46 24.92 -51.59
N LEU H 6 37.85 -38.92 37.27
CA LEU H 6 36.38 -38.68 37.31
C LEU H 6 35.70 -39.57 36.27
N PRO H 7 34.38 -39.79 36.36
CA PRO H 7 33.67 -40.57 35.36
C PRO H 7 33.58 -39.82 34.03
N HIS H 8 33.91 -40.52 32.95
CA HIS H 8 33.83 -39.97 31.57
C HIS H 8 32.65 -40.62 30.88
N PHE H 9 31.72 -39.81 30.37
CA PHE H 9 30.52 -40.34 29.69
C PHE H 9 30.89 -40.82 28.29
N ILE H 10 30.50 -42.04 27.98
CA ILE H 10 30.69 -42.61 26.62
C ILE H 10 29.41 -42.38 25.80
N GLU H 11 28.26 -42.69 26.38
CA GLU H 11 26.95 -42.52 25.71
C GLU H 11 26.14 -41.53 26.53
N GLU H 12 26.21 -40.26 26.14
CA GLU H 12 25.42 -39.17 26.76
C GLU H 12 23.99 -39.22 26.24
N PRO H 13 22.98 -39.02 27.11
CA PRO H 13 21.59 -39.07 26.67
C PRO H 13 21.23 -37.98 25.64
N GLU H 14 20.59 -38.40 24.56
CA GLU H 14 20.11 -37.51 23.47
C GLU H 14 18.63 -37.23 23.67
N ASP H 15 18.23 -35.99 23.40
CA ASP H 15 16.83 -35.54 23.55
C ASP H 15 15.90 -36.47 22.75
N ALA H 16 15.02 -37.17 23.44
CA ALA H 16 14.08 -38.13 22.83
C ALA H 16 12.75 -37.44 22.51
N TYR H 17 11.99 -38.01 21.59
CA TYR H 17 10.66 -37.49 21.20
C TYR H 17 9.66 -38.64 21.17
N ILE H 18 8.56 -38.47 21.90
CA ILE H 18 7.49 -39.51 22.00
C ILE H 18 6.58 -39.40 20.78
N ILE H 19 6.40 -40.51 20.08
CA ILE H 19 5.55 -40.56 18.85
C ILE H 19 4.45 -41.60 19.06
N LYS H 20 3.21 -41.17 18.86
CA LYS H 20 1.99 -42.03 18.95
C LYS H 20 2.01 -42.84 20.25
N SER H 21 2.31 -42.16 21.35
CA SER H 21 2.28 -42.74 22.72
C SER H 21 3.23 -43.93 22.83
N ASN H 22 4.31 -43.97 22.06
CA ASN H 22 5.29 -45.08 22.16
C ASN H 22 6.40 -44.63 23.11
N PRO H 23 6.47 -45.18 24.34
CA PRO H 23 7.47 -44.75 25.31
C PRO H 23 8.90 -45.10 24.86
N ILE H 24 9.74 -44.09 24.68
CA ILE H 24 11.15 -44.28 24.27
C ILE H 24 12.02 -44.00 25.49
N ALA H 25 12.85 -44.97 25.85
CA ALA H 25 13.73 -44.87 27.04
C ALA H 25 14.99 -44.05 26.71
N LEU H 26 15.63 -43.57 27.77
CA LEU H 26 16.88 -42.77 27.67
C LEU H 26 18.06 -43.65 28.09
N ARG H 27 19.10 -43.59 27.26
CA ARG H 27 20.38 -44.34 27.44
C ARG H 27 21.41 -43.48 28.18
N CYS H 28 22.27 -44.13 28.95
CA CYS H 28 23.36 -43.46 29.68
C CYS H 28 24.49 -44.45 29.91
N LYS H 29 25.69 -44.13 29.44
CA LYS H 29 26.84 -45.04 29.65
C LYS H 29 28.09 -44.25 29.99
N ALA H 30 28.73 -44.64 31.08
CA ALA H 30 29.96 -43.96 31.55
C ALA H 30 30.94 -44.96 32.16
N ARG H 31 32.22 -44.58 32.10
CA ARG H 31 33.36 -45.34 32.65
C ARG H 31 34.42 -44.34 33.11
N PRO H 32 34.97 -44.46 34.33
CA PRO H 32 34.62 -45.50 35.32
C PRO H 32 33.38 -45.11 36.12
N ALA H 33 32.40 -46.00 36.24
CA ALA H 33 31.15 -45.69 36.97
C ALA H 33 30.70 -46.89 37.79
N MET H 34 30.26 -46.60 39.01
CA MET H 34 29.75 -47.62 39.96
C MET H 34 28.27 -47.35 40.25
N GLN H 35 27.85 -46.08 40.19
CA GLN H 35 26.44 -45.69 40.38
C GLN H 35 26.11 -44.63 39.33
N ILE H 36 25.04 -44.86 38.59
CA ILE H 36 24.52 -43.88 37.60
C ILE H 36 23.05 -43.66 37.90
N PHE H 37 22.68 -42.41 38.11
CA PHE H 37 21.28 -42.06 38.39
C PHE H 37 20.81 -40.95 37.48
N PHE H 38 19.49 -40.88 37.32
CA PHE H 38 18.84 -39.85 36.49
C PHE H 38 18.17 -38.82 37.38
N LYS H 39 18.33 -37.56 37.01
CA LYS H 39 17.70 -36.40 37.67
C LYS H 39 16.78 -35.76 36.65
N CYS H 40 15.55 -36.22 36.57
CA CYS H 40 14.58 -35.68 35.58
C CYS H 40 13.83 -34.50 36.21
N ASN H 41 14.01 -33.32 35.62
CA ASN H 41 13.31 -32.08 36.04
C ASN H 41 13.64 -31.74 37.51
N GLY H 42 14.91 -31.78 37.88
CA GLY H 42 15.36 -31.33 39.21
C GLY H 42 15.41 -32.44 40.24
N GLU H 43 14.55 -33.45 40.14
CA GLU H 43 14.46 -34.50 41.20
C GLU H 43 14.93 -35.85 40.68
N TRP H 44 15.48 -36.64 41.61
CA TRP H 44 16.00 -38.00 41.34
C TRP H 44 14.88 -38.91 40.83
N VAL H 45 15.25 -39.85 39.97
CA VAL H 45 14.33 -40.87 39.43
C VAL H 45 14.40 -42.10 40.32
N HIS H 46 13.24 -42.69 40.59
CA HIS H 46 13.13 -43.87 41.48
C HIS H 46 14.07 -44.99 41.04
N GLN H 47 14.64 -45.70 42.02
CA GLN H 47 15.57 -46.84 41.80
C GLN H 47 14.95 -47.88 40.87
N ASN H 48 13.66 -48.16 41.03
CA ASN H 48 12.96 -49.18 40.20
C ASN H 48 13.00 -48.82 38.72
N GLU H 49 12.95 -47.54 38.38
CA GLU H 49 12.93 -47.09 36.96
C GLU H 49 14.29 -47.36 36.30
N HIS H 50 15.38 -47.35 37.05
CA HIS H 50 16.74 -47.54 36.48
C HIS H 50 16.99 -49.00 36.12
N VAL H 51 17.63 -49.23 34.97
CA VAL H 51 18.03 -50.58 34.53
C VAL H 51 19.53 -50.51 34.24
N SER H 52 20.32 -51.02 35.17
CA SER H 52 21.81 -50.98 35.10
C SER H 52 22.38 -52.18 34.35
N GLU H 53 23.51 -51.94 33.68
CA GLU H 53 24.29 -52.96 32.96
C GLU H 53 25.75 -52.81 33.36
N GLU H 54 26.36 -53.87 33.87
CA GLU H 54 27.77 -53.91 34.29
C GLU H 54 28.60 -54.48 33.15
N SER H 55 29.20 -53.61 32.34
CA SER H 55 29.99 -54.00 31.15
C SER H 55 31.49 -53.82 31.40
N LEU H 56 32.29 -54.46 30.57
CA LEU H 56 33.77 -54.34 30.59
C LEU H 56 34.23 -53.96 29.18
N ASP H 57 35.04 -52.92 29.08
CA ASP H 57 35.50 -52.40 27.77
C ASP H 57 36.69 -53.21 27.26
N GLU H 58 36.79 -53.31 25.95
CA GLU H 58 37.90 -54.06 25.29
C GLU H 58 39.18 -53.22 25.30
N SER H 59 39.08 -51.95 24.90
CA SER H 59 40.25 -51.03 24.83
C SER H 59 40.96 -50.97 26.19
N SER H 60 40.22 -51.03 27.29
CA SER H 60 40.82 -50.97 28.64
C SER H 60 39.93 -51.76 29.60
N GLY H 61 40.56 -52.57 30.44
CA GLY H 61 39.87 -53.40 31.44
C GLY H 61 39.35 -52.58 32.61
N LEU H 62 38.25 -51.84 32.41
CA LEU H 62 37.68 -51.01 33.49
C LEU H 62 36.17 -51.16 33.51
N LYS H 63 35.60 -51.02 34.70
CA LYS H 63 34.15 -51.19 34.93
C LYS H 63 33.36 -50.09 34.20
N VAL H 64 32.56 -50.48 33.22
CA VAL H 64 31.67 -49.57 32.47
C VAL H 64 30.25 -49.80 32.98
N ARG H 65 29.45 -48.75 33.04
CA ARG H 65 28.06 -48.89 33.50
C ARG H 65 27.13 -48.21 32.50
N GLU H 66 26.07 -48.93 32.12
CA GLU H 66 25.05 -48.43 31.19
C GLU H 66 23.67 -48.56 31.84
N VAL H 67 22.99 -47.44 32.00
CA VAL H 67 21.65 -47.42 32.65
C VAL H 67 20.63 -46.87 31.66
N PHE H 68 19.50 -47.55 31.57
CA PHE H 68 18.37 -47.16 30.70
C PHE H 68 17.17 -46.86 31.58
N ILE H 69 16.42 -45.82 31.23
CA ILE H 69 15.20 -45.42 31.99
C ILE H 69 14.07 -45.10 31.02
N ASN H 70 12.94 -45.79 31.18
CA ASN H 70 11.76 -45.54 30.32
C ASN H 70 11.09 -44.23 30.67
N VAL H 71 10.71 -43.46 29.66
CA VAL H 71 9.91 -42.23 29.86
C VAL H 71 8.62 -42.39 29.07
N THR H 72 7.50 -42.40 29.77
CA THR H 72 6.16 -42.58 29.15
C THR H 72 5.53 -41.25 28.78
N ARG H 73 4.50 -41.30 27.94
CA ARG H 73 3.74 -40.10 27.51
C ARG H 73 3.04 -39.49 28.71
N GLN H 74 2.47 -40.33 29.58
CA GLN H 74 1.75 -39.85 30.79
C GLN H 74 2.65 -38.98 31.65
N GLN H 75 3.96 -39.27 31.67
CA GLN H 75 4.90 -38.49 32.50
C GLN H 75 5.06 -37.08 31.92
N VAL H 76 5.14 -36.97 30.60
CA VAL H 76 5.37 -35.65 29.96
C VAL H 76 4.07 -34.83 29.99
N GLU H 77 2.95 -35.44 29.61
CA GLU H 77 1.67 -34.69 29.55
C GLU H 77 1.20 -34.29 30.95
N ASP H 78 1.60 -35.01 31.99
CA ASP H 78 1.18 -34.69 33.38
C ASP H 78 2.23 -33.82 34.07
N PHE H 79 3.38 -33.61 33.45
CA PHE H 79 4.42 -32.72 34.01
C PHE H 79 4.02 -31.30 33.69
N HIS H 80 3.81 -30.48 34.72
CA HIS H 80 3.35 -29.08 34.53
C HIS H 80 4.41 -28.10 35.02
N GLY H 81 5.66 -28.30 34.62
CA GLY H 81 6.76 -27.41 35.04
C GLY H 81 6.90 -26.21 34.12
N PRO H 82 7.91 -25.35 34.37
CA PRO H 82 8.12 -24.16 33.54
C PRO H 82 8.92 -24.47 32.27
N GLU H 83 9.86 -25.40 32.34
CA GLU H 83 10.72 -25.76 31.19
C GLU H 83 10.26 -27.07 30.57
N ASP H 84 10.87 -27.43 29.45
CA ASP H 84 10.61 -28.71 28.77
C ASP H 84 11.09 -29.87 29.64
N TYR H 85 10.32 -30.96 29.65
CA TYR H 85 10.65 -32.17 30.42
C TYR H 85 12.09 -32.61 30.12
N TRP H 86 13.02 -32.24 30.99
CA TRP H 86 14.46 -32.56 30.82
C TRP H 86 14.90 -33.62 31.84
N CYS H 87 15.96 -34.32 31.50
CA CYS H 87 16.57 -35.34 32.36
C CYS H 87 18.10 -35.20 32.30
N GLN H 88 18.76 -35.46 33.41
CA GLN H 88 20.23 -35.39 33.48
C GLN H 88 20.77 -36.69 34.05
N CYS H 89 22.03 -36.97 33.75
CA CYS H 89 22.70 -38.22 34.20
C CYS H 89 23.85 -37.86 35.14
N VAL H 90 23.85 -38.47 36.32
CA VAL H 90 24.92 -38.25 37.33
C VAL H 90 25.64 -39.58 37.53
N ALA H 91 26.96 -39.57 37.37
CA ALA H 91 27.81 -40.76 37.54
C ALA H 91 28.74 -40.57 38.75
N TRP H 92 28.88 -41.63 39.53
CA TRP H 92 29.70 -41.66 40.77
C TRP H 92 31.01 -42.42 40.51
N SER H 93 32.11 -41.85 40.98
CA SER H 93 33.45 -42.46 40.89
C SER H 93 34.13 -42.37 42.26
N HIS H 94 35.30 -42.99 42.38
CA HIS H 94 36.11 -42.95 43.62
C HIS H 94 36.69 -41.54 43.80
N LEU H 95 36.75 -40.76 42.74
CA LEU H 95 37.37 -39.41 42.71
C LEU H 95 36.29 -38.33 42.77
N GLY H 96 35.11 -38.55 42.17
CA GLY H 96 34.03 -37.56 42.20
C GLY H 96 32.76 -37.95 41.47
N THR H 97 32.00 -36.95 41.06
CA THR H 97 30.77 -37.16 40.28
C THR H 97 30.83 -36.34 38.99
N SER H 98 30.02 -36.73 38.03
CA SER H 98 29.98 -36.03 36.73
C SER H 98 28.56 -36.03 36.17
N LYS H 99 28.13 -34.86 35.69
CA LYS H 99 26.80 -34.65 35.06
C LYS H 99 26.94 -34.75 33.54
N SER H 100 25.85 -35.14 32.88
CA SER H 100 25.82 -35.30 31.42
C SER H 100 24.95 -34.21 30.79
N ARG H 101 24.60 -34.38 29.51
CA ARG H 101 23.75 -33.45 28.76
C ARG H 101 22.30 -33.54 29.25
N LYS H 102 21.60 -32.41 29.23
CA LYS H 102 20.17 -32.35 29.60
C LYS H 102 19.30 -32.66 28.38
N ALA H 103 18.84 -33.91 28.26
CA ALA H 103 17.95 -34.34 27.16
C ALA H 103 16.50 -33.97 27.47
N SER H 104 15.88 -33.11 26.65
CA SER H 104 14.48 -32.67 26.86
C SER H 104 13.52 -33.52 26.01
N VAL H 105 12.75 -34.38 26.66
CA VAL H 105 11.72 -35.22 26.00
C VAL H 105 10.42 -34.44 25.82
N ARG H 106 9.97 -34.25 24.58
CA ARG H 106 8.73 -33.48 24.32
C ARG H 106 7.71 -34.29 23.52
N ILE H 107 6.44 -33.99 23.72
CA ILE H 107 5.34 -34.75 23.05
C ILE H 107 5.08 -34.15 21.66
N ALA H 108 5.51 -34.86 20.62
CA ALA H 108 5.32 -34.44 19.21
C ALA H 108 3.84 -34.50 18.87
N TYR H 109 3.30 -33.44 18.28
CA TYR H 109 1.89 -33.42 17.83
C TYR H 109 1.77 -32.48 16.66
N LEU H 110 1.17 -32.94 15.56
CA LEU H 110 0.90 -32.14 14.35
C LEU H 110 -0.61 -32.06 14.10
N ARG H 111 -1.08 -30.88 13.75
CA ARG H 111 -2.52 -30.62 13.50
C ARG H 111 -2.88 -30.82 12.03
N LYS H 112 -4.16 -31.02 11.77
CA LYS H 112 -4.72 -31.22 10.41
C LYS H 112 -4.97 -29.86 9.75
N ASN H 113 -5.64 -28.96 10.45
CA ASN H 113 -6.05 -27.64 9.92
C ASN H 113 -4.84 -26.73 9.73
N PHE H 114 -4.64 -26.21 8.53
CA PHE H 114 -3.56 -25.25 8.25
C PHE H 114 -3.90 -23.90 8.87
N GLU H 115 -2.89 -23.24 9.41
CA GLU H 115 -3.08 -21.92 10.07
C GLU H 115 -3.52 -20.86 9.04
N GLN H 116 -2.97 -20.90 7.83
CA GLN H 116 -3.38 -19.92 6.79
C GLN H 116 -3.07 -20.51 5.42
N ASP H 117 -4.12 -20.79 4.65
CA ASP H 117 -4.01 -21.40 3.30
C ASP H 117 -3.67 -20.35 2.26
N PRO H 118 -2.89 -20.70 1.23
CA PRO H 118 -2.56 -19.75 0.17
C PRO H 118 -3.78 -19.31 -0.63
N GLN H 119 -3.82 -18.03 -0.97
CA GLN H 119 -4.97 -17.42 -1.70
C GLN H 119 -4.65 -17.29 -3.18
N GLY H 120 -5.59 -17.69 -4.03
CA GLY H 120 -5.48 -17.58 -5.51
C GLY H 120 -5.41 -16.11 -5.91
N ARG H 121 -4.56 -15.75 -6.85
CA ARG H 121 -4.41 -14.32 -7.24
C ARG H 121 -4.35 -14.15 -8.74
N GLU H 122 -4.75 -12.96 -9.18
CA GLU H 122 -4.68 -12.53 -10.59
C GLU H 122 -3.58 -11.48 -10.69
N VAL H 123 -2.57 -11.73 -11.51
CA VAL H 123 -1.41 -10.80 -11.57
C VAL H 123 -0.99 -10.55 -13.01
N PRO H 124 -0.73 -9.29 -13.38
CA PRO H 124 -0.29 -8.98 -14.74
C PRO H 124 1.09 -9.56 -15.04
N ILE H 125 1.48 -9.51 -16.30
CA ILE H 125 2.73 -10.14 -16.79
C ILE H 125 3.94 -9.61 -16.00
N GLU H 126 3.94 -8.35 -15.59
CA GLU H 126 5.09 -7.77 -14.85
C GLU H 126 4.82 -7.70 -13.36
N GLY H 127 3.56 -7.81 -12.93
CA GLY H 127 3.21 -7.74 -11.51
C GLY H 127 3.99 -8.75 -10.68
N MET H 128 4.09 -8.47 -9.38
CA MET H 128 4.73 -9.39 -8.42
C MET H 128 3.65 -9.89 -7.45
N ILE H 129 3.72 -11.17 -7.09
CA ILE H 129 2.76 -11.73 -6.11
C ILE H 129 3.49 -12.56 -5.08
N VAL H 130 3.02 -12.43 -3.84
CA VAL H 130 3.59 -13.19 -2.70
C VAL H 130 2.49 -14.11 -2.18
N LEU H 131 2.79 -15.40 -2.12
CA LEU H 131 1.85 -16.41 -1.62
C LEU H 131 2.25 -16.74 -0.18
N HIS H 132 1.34 -16.42 0.74
CA HIS H 132 1.55 -16.60 2.20
C HIS H 132 1.12 -18.01 2.60
N CYS H 133 1.82 -18.58 3.56
CA CYS H 133 1.50 -19.92 4.09
C CYS H 133 1.96 -20.02 5.52
N ARG H 134 1.03 -20.34 6.40
CA ARG H 134 1.30 -20.55 7.84
C ARG H 134 0.99 -22.01 8.14
N PRO H 135 2.02 -22.85 8.34
CA PRO H 135 1.79 -24.27 8.60
C PRO H 135 1.04 -24.49 9.90
N PRO H 136 0.45 -25.68 10.10
CA PRO H 136 -0.30 -25.97 11.32
C PRO H 136 0.62 -26.08 12.54
N GLU H 137 0.02 -25.85 13.70
CA GLU H 137 0.70 -25.96 15.03
C GLU H 137 1.29 -27.36 15.18
N GLY H 138 2.55 -27.44 15.57
CA GLY H 138 3.23 -28.74 15.72
C GLY H 138 4.64 -28.63 16.28
N VAL H 139 5.05 -29.66 17.00
CA VAL H 139 6.44 -29.78 17.51
C VAL H 139 7.07 -30.99 16.85
N PRO H 140 8.18 -30.84 16.09
CA PRO H 140 8.88 -29.58 15.82
C PRO H 140 8.18 -28.70 14.77
N ALA H 141 8.75 -27.52 14.52
CA ALA H 141 8.19 -26.56 13.52
C ALA H 141 8.12 -27.24 12.16
N ALA H 142 6.97 -27.14 11.52
CA ALA H 142 6.72 -27.77 10.21
C ALA H 142 7.67 -27.21 9.15
N GLU H 143 8.13 -28.09 8.27
CA GLU H 143 8.99 -27.73 7.12
C GLU H 143 8.09 -27.45 5.91
N VAL H 144 7.96 -26.18 5.54
CA VAL H 144 7.08 -25.78 4.42
C VAL H 144 7.78 -26.04 3.08
N GLU H 145 7.06 -26.68 2.16
CA GLU H 145 7.51 -26.94 0.78
C GLU H 145 6.43 -26.49 -0.18
N TRP H 146 6.80 -25.77 -1.23
CA TRP H 146 5.86 -25.31 -2.27
C TRP H 146 5.84 -26.28 -3.44
N LEU H 147 4.65 -26.57 -3.94
CA LEU H 147 4.45 -27.49 -5.09
C LEU H 147 3.61 -26.80 -6.15
N LYS H 148 4.16 -26.61 -7.33
CA LYS H 148 3.39 -26.04 -8.45
C LYS H 148 2.75 -27.19 -9.22
N ASN H 149 1.43 -27.22 -9.23
CA ASN H 149 0.63 -28.26 -9.91
C ASN H 149 1.13 -29.63 -9.46
N GLU H 150 1.13 -29.84 -8.14
CA GLU H 150 1.52 -31.12 -7.49
C GLU H 150 2.95 -31.49 -7.89
N GLU H 151 3.81 -30.49 -8.09
CA GLU H 151 5.24 -30.74 -8.43
C GLU H 151 6.09 -29.67 -7.77
N PRO H 152 7.13 -30.07 -7.01
CA PRO H 152 7.94 -29.10 -6.28
C PRO H 152 8.67 -28.09 -7.20
N ILE H 153 8.90 -26.90 -6.66
CA ILE H 153 9.56 -25.77 -7.38
C ILE H 153 10.92 -25.53 -6.73
N ASP H 154 11.94 -25.29 -7.55
CA ASP H 154 13.31 -25.09 -7.02
C ASP H 154 13.61 -23.60 -7.02
N SER H 155 13.83 -23.04 -5.83
CA SER H 155 14.12 -21.61 -5.64
C SER H 155 15.50 -21.27 -6.22
N GLU H 156 16.45 -22.20 -6.19
CA GLU H 156 17.82 -21.92 -6.68
C GLU H 156 17.86 -22.04 -8.20
N GLN H 157 16.89 -22.73 -8.80
CA GLN H 157 16.86 -22.95 -10.27
C GLN H 157 16.61 -21.62 -10.99
N ASP H 158 15.85 -20.72 -10.38
CA ASP H 158 15.43 -19.47 -11.06
C ASP H 158 15.59 -18.26 -10.13
N GLU H 159 16.02 -17.15 -10.73
CA GLU H 159 16.19 -15.82 -10.08
C GLU H 159 14.81 -15.29 -9.66
N ASN H 160 13.77 -15.62 -10.42
CA ASN H 160 12.42 -15.05 -10.24
C ASN H 160 11.78 -15.57 -8.96
N ILE H 161 12.10 -16.79 -8.55
CA ILE H 161 11.48 -17.43 -7.35
C ILE H 161 12.50 -17.60 -6.24
N ASP H 162 12.09 -17.33 -5.00
CA ASP H 162 12.93 -17.49 -3.80
C ASP H 162 12.05 -17.86 -2.63
N THR H 163 12.58 -18.68 -1.73
CA THR H 163 11.88 -19.16 -0.52
C THR H 163 12.34 -18.36 0.70
N ARG H 164 11.38 -17.88 1.49
CA ARG H 164 11.66 -17.04 2.68
C ARG H 164 11.58 -17.89 3.96
N ALA H 165 12.30 -17.43 4.98
CA ALA H 165 12.36 -18.05 6.31
C ALA H 165 10.96 -18.17 6.94
N ASP H 166 10.04 -17.25 6.60
CA ASP H 166 8.69 -17.23 7.19
C ASP H 166 7.67 -17.89 6.25
N HIS H 167 8.14 -18.79 5.38
CA HIS H 167 7.30 -19.60 4.46
C HIS H 167 6.44 -18.68 3.58
N ASN H 168 7.09 -18.05 2.62
CA ASN H 168 6.40 -17.19 1.64
C ASN H 168 7.03 -17.45 0.28
N LEU H 169 6.19 -17.49 -0.75
CA LEU H 169 6.68 -17.69 -2.13
C LEU H 169 6.51 -16.36 -2.85
N ILE H 170 7.62 -15.70 -3.15
CA ILE H 170 7.59 -14.37 -3.81
C ILE H 170 7.97 -14.55 -5.28
N ILE H 171 7.14 -14.01 -6.15
CA ILE H 171 7.41 -14.00 -7.61
C ILE H 171 7.48 -12.53 -8.02
N ARG H 172 8.60 -12.12 -8.56
CA ARG H 172 8.83 -10.71 -8.95
C ARG H 172 8.14 -10.45 -10.29
N GLN H 173 8.42 -11.28 -11.28
CA GLN H 173 7.81 -11.14 -12.63
C GLN H 173 7.02 -12.40 -12.96
N ALA H 174 5.84 -12.22 -13.50
CA ALA H 174 4.90 -13.29 -13.91
C ALA H 174 5.33 -13.91 -15.24
N ARG H 175 6.57 -13.68 -15.67
CA ARG H 175 7.10 -14.21 -16.93
C ARG H 175 7.89 -15.49 -16.67
N LEU H 176 8.83 -15.43 -15.74
CA LEU H 176 9.73 -16.57 -15.44
C LEU H 176 8.98 -17.64 -14.62
N SER H 177 7.82 -17.30 -14.05
CA SER H 177 6.99 -18.24 -13.27
C SER H 177 5.52 -17.96 -13.57
N ASP H 178 5.00 -18.64 -14.59
CA ASP H 178 3.63 -18.44 -15.09
C ASP H 178 2.61 -19.12 -14.18
N SER H 179 1.35 -19.01 -14.57
CA SER H 179 0.16 -19.52 -13.84
C SER H 179 0.35 -20.96 -13.36
N GLY H 180 -0.51 -21.38 -12.43
CA GLY H 180 -0.52 -22.76 -11.92
C GLY H 180 -1.31 -22.87 -10.63
N ASN H 181 -1.42 -24.11 -10.17
CA ASN H 181 -2.15 -24.43 -8.92
C ASN H 181 -1.12 -24.58 -7.81
N TYR H 182 -0.65 -23.46 -7.25
CA TYR H 182 0.41 -23.52 -6.21
C TYR H 182 -0.17 -24.08 -4.90
N THR H 183 0.49 -25.07 -4.32
CA THR H 183 0.03 -25.67 -3.05
C THR H 183 1.16 -25.73 -2.03
N CYS H 184 0.84 -25.33 -0.82
CA CYS H 184 1.78 -25.32 0.33
C CYS H 184 1.63 -26.64 1.09
N MET H 185 2.74 -27.28 1.42
CA MET H 185 2.69 -28.59 2.12
C MET H 185 3.68 -28.57 3.28
N ALA H 186 3.19 -28.89 4.47
CA ALA H 186 4.01 -28.91 5.71
C ALA H 186 4.43 -30.34 6.00
N ALA H 187 5.73 -30.54 6.23
CA ALA H 187 6.29 -31.87 6.53
C ALA H 187 6.84 -31.88 7.95
N ASN H 188 6.61 -32.98 8.65
CA ASN H 188 7.08 -33.13 10.05
C ASN H 188 7.42 -34.60 10.30
N ILE H 189 8.05 -34.85 11.42
CA ILE H 189 8.45 -36.22 11.84
C ILE H 189 7.18 -37.02 12.10
N VAL H 190 6.08 -36.35 12.40
CA VAL H 190 4.79 -37.06 12.64
C VAL H 190 4.21 -37.49 11.30
N ALA H 191 3.88 -36.52 10.45
CA ALA H 191 3.29 -36.80 9.12
C ALA H 191 3.39 -35.54 8.25
N LYS H 192 2.67 -35.54 7.14
CA LYS H 192 2.61 -34.40 6.20
C LYS H 192 1.18 -33.89 6.09
N ARG H 193 1.03 -32.60 5.80
CA ARG H 193 -0.30 -31.96 5.66
C ARG H 193 -0.30 -31.04 4.45
N ARG H 194 -1.33 -31.19 3.63
CA ARG H 194 -1.50 -30.38 2.40
C ARG H 194 -2.49 -29.24 2.66
N SER H 195 -2.15 -28.05 2.19
CA SER H 195 -3.02 -26.86 2.33
C SER H 195 -3.95 -26.76 1.11
N LEU H 196 -4.85 -25.80 1.13
CA LEU H 196 -5.75 -25.57 -0.04
C LEU H 196 -4.95 -24.90 -1.16
N SER H 197 -4.97 -25.51 -2.33
CA SER H 197 -4.22 -25.02 -3.51
C SER H 197 -4.77 -23.67 -3.98
N ALA H 198 -3.85 -22.73 -4.25
CA ALA H 198 -4.18 -21.39 -4.77
C ALA H 198 -4.06 -21.41 -6.30
N THR H 199 -5.11 -20.97 -6.98
CA THR H 199 -5.13 -20.88 -8.46
C THR H 199 -4.55 -19.53 -8.88
N VAL H 200 -3.27 -19.48 -9.17
CA VAL H 200 -2.61 -18.22 -9.59
C VAL H 200 -2.64 -18.16 -11.12
N VAL H 201 -3.40 -17.22 -11.65
CA VAL H 201 -3.54 -17.02 -13.12
C VAL H 201 -3.01 -15.65 -13.50
N VAL H 202 -2.11 -15.63 -14.46
CA VAL H 202 -1.51 -14.37 -14.99
C VAL H 202 -2.35 -13.90 -16.17
N TYR H 203 -2.86 -12.68 -16.11
CA TYR H 203 -3.72 -12.09 -17.15
C TYR H 203 -3.00 -10.92 -17.87
N VAL H 204 -3.16 -10.84 -19.18
CA VAL H 204 -2.64 -9.74 -20.03
C VAL H 204 -3.79 -8.85 -20.49
N ASN H 205 -3.73 -7.56 -20.20
CA ASN H 205 -4.83 -6.66 -20.64
C ASN H 205 -4.69 -6.31 -22.12
N GLY H 206 -5.85 -6.17 -22.76
CA GLY H 206 -5.96 -5.82 -24.19
C GLY H 206 -5.45 -4.42 -24.44
N GLY H 207 -4.65 -4.25 -25.50
CA GLY H 207 -4.11 -2.93 -25.82
C GLY H 207 -4.24 -2.52 -27.28
N TRP H 208 -4.49 -1.23 -27.44
CA TRP H 208 -4.86 -0.63 -28.74
C TRP H 208 -3.64 -0.49 -29.66
N SER H 209 -3.95 -0.44 -30.94
CA SER H 209 -2.99 -0.13 -32.03
C SER H 209 -3.23 1.28 -32.54
N SER H 210 -2.19 1.86 -33.12
CA SER H 210 -2.24 3.22 -33.70
C SER H 210 -3.24 3.24 -34.85
N TRP H 211 -3.99 4.33 -34.95
CA TRP H 211 -4.94 4.56 -36.06
C TRP H 211 -4.21 4.51 -37.40
N THR H 212 -4.61 3.57 -38.27
CA THR H 212 -4.07 3.46 -39.66
C THR H 212 -4.47 4.68 -40.51
N GLU H 213 -4.18 4.61 -41.81
CA GLU H 213 -4.53 5.70 -42.74
C GLU H 213 -5.94 5.55 -43.29
N TRP H 214 -6.53 6.67 -43.68
CA TRP H 214 -7.88 6.71 -44.28
C TRP H 214 -7.82 6.18 -45.71
N SER H 215 -8.71 5.24 -46.03
CA SER H 215 -8.80 4.65 -47.38
C SER H 215 -9.37 5.66 -48.38
N ALA H 216 -9.11 5.41 -49.66
CA ALA H 216 -9.64 6.21 -50.78
C ALA H 216 -11.16 6.04 -50.89
N CYS H 217 -11.85 7.10 -51.30
CA CYS H 217 -13.31 7.05 -51.49
C CYS H 217 -13.65 6.09 -52.63
N ASN H 218 -14.29 4.97 -52.29
CA ASN H 218 -14.66 3.88 -53.22
C ASN H 218 -15.48 4.45 -54.38
N VAL H 219 -16.38 5.38 -54.09
CA VAL H 219 -17.24 5.96 -55.16
C VAL H 219 -16.53 7.20 -55.70
N ARG H 220 -16.42 7.29 -57.02
CA ARG H 220 -15.73 8.43 -57.66
C ARG H 220 -16.64 9.65 -57.54
N CYS H 221 -17.93 9.45 -57.80
CA CYS H 221 -18.92 10.53 -57.86
C CYS H 221 -20.03 10.36 -56.81
N GLY H 222 -20.12 11.34 -55.92
CA GLY H 222 -21.12 11.47 -54.84
C GLY H 222 -20.57 11.10 -53.48
N ARG H 223 -21.39 10.35 -52.75
CA ARG H 223 -21.08 9.82 -51.40
C ARG H 223 -20.04 8.72 -51.54
N GLY H 224 -18.88 8.90 -50.90
CA GLY H 224 -17.84 7.87 -50.80
C GLY H 224 -17.62 7.46 -49.37
N TRP H 225 -16.67 6.56 -49.17
CA TRP H 225 -16.35 5.98 -47.85
C TRP H 225 -14.86 6.09 -47.59
N GLN H 226 -14.51 6.28 -46.32
CA GLN H 226 -13.09 6.24 -45.89
C GLN H 226 -13.03 5.46 -44.59
N LYS H 227 -12.16 4.47 -44.56
CA LYS H 227 -12.01 3.53 -43.42
C LYS H 227 -10.68 3.75 -42.70
N ARG H 228 -10.70 3.48 -41.40
CA ARG H 228 -9.51 3.55 -40.54
C ARG H 228 -9.63 2.41 -39.54
N SER H 229 -8.66 1.51 -39.54
CA SER H 229 -8.67 0.32 -38.66
C SER H 229 -7.90 0.59 -37.37
N ARG H 230 -8.35 -0.06 -36.30
CA ARG H 230 -7.75 0.05 -34.96
C ARG H 230 -7.79 -1.34 -34.36
N THR H 231 -6.71 -2.08 -34.47
CA THR H 231 -6.66 -3.48 -33.99
C THR H 231 -6.25 -3.54 -32.53
N CYS H 232 -6.63 -4.63 -31.87
CA CYS H 232 -6.30 -4.90 -30.46
C CYS H 232 -5.11 -5.87 -30.40
N THR H 233 -3.92 -5.36 -30.71
CA THR H 233 -2.72 -6.22 -30.78
C THR H 233 -1.53 -5.63 -30.04
N ASN H 234 -1.65 -4.47 -29.40
CA ASN H 234 -0.48 -3.84 -28.73
C ASN H 234 -0.79 -3.54 -27.28
N PRO H 235 -0.79 -4.51 -26.33
CA PRO H 235 -0.56 -5.96 -26.52
C PRO H 235 -1.84 -6.79 -26.73
N ALA H 236 -1.69 -8.00 -27.27
CA ALA H 236 -2.83 -8.90 -27.51
C ALA H 236 -3.18 -9.61 -26.22
N PRO H 237 -4.48 -9.72 -25.88
CA PRO H 237 -4.90 -10.38 -24.64
C PRO H 237 -4.44 -11.83 -24.56
N LEU H 238 -3.99 -12.23 -23.36
CA LEU H 238 -3.48 -13.60 -23.11
C LEU H 238 -4.11 -14.22 -21.87
N ASN H 239 -4.24 -15.54 -21.90
CA ASN H 239 -4.75 -16.37 -20.77
C ASN H 239 -5.99 -15.73 -20.14
N GLY H 240 -6.89 -15.25 -20.99
CA GLY H 240 -8.17 -14.68 -20.55
C GLY H 240 -8.02 -13.24 -20.12
N GLY H 241 -7.12 -12.48 -20.73
CA GLY H 241 -7.06 -11.06 -20.42
C GLY H 241 -8.20 -10.31 -21.02
N ALA H 242 -8.60 -9.20 -20.38
CA ALA H 242 -9.71 -8.37 -20.88
C ALA H 242 -9.35 -7.82 -22.26
N PHE H 243 -10.26 -7.96 -23.22
CA PHE H 243 -10.07 -7.44 -24.59
C PHE H 243 -10.31 -5.93 -24.64
N CYS H 244 -9.85 -5.33 -25.72
CA CYS H 244 -9.98 -3.88 -25.99
C CYS H 244 -11.45 -3.46 -25.90
N GLU H 245 -11.70 -2.32 -25.30
CA GLU H 245 -13.08 -1.78 -25.11
C GLU H 245 -13.36 -0.70 -26.16
N GLY H 246 -14.46 -0.87 -26.89
CA GLY H 246 -14.98 0.09 -27.87
C GLY H 246 -14.93 -0.42 -29.30
N MET H 247 -14.90 0.49 -30.28
CA MET H 247 -15.00 0.10 -31.70
C MET H 247 -13.61 -0.11 -32.32
N SER H 248 -13.55 -0.97 -33.34
CA SER H 248 -12.30 -1.36 -34.02
C SER H 248 -12.17 -0.68 -35.37
N VAL H 249 -13.29 -0.33 -36.01
CA VAL H 249 -13.24 0.32 -37.35
C VAL H 249 -13.88 1.71 -37.26
N GLN H 250 -13.39 2.61 -38.10
CA GLN H 250 -13.90 3.99 -38.19
C GLN H 250 -14.22 4.26 -39.65
N LYS H 251 -15.45 4.68 -39.93
CA LYS H 251 -15.88 4.94 -41.32
C LYS H 251 -16.49 6.34 -41.41
N ILE H 252 -16.06 7.13 -42.40
CA ILE H 252 -16.56 8.51 -42.58
C ILE H 252 -17.00 8.70 -44.03
N THR H 253 -18.06 9.49 -44.24
CA THR H 253 -18.57 9.84 -45.57
C THR H 253 -17.68 10.91 -46.18
N CYS H 254 -17.33 10.74 -47.44
CA CYS H 254 -16.47 11.69 -48.17
C CYS H 254 -17.13 12.11 -49.47
N THR H 255 -16.83 13.33 -49.89
CA THR H 255 -17.32 13.91 -51.16
C THR H 255 -16.13 14.23 -52.04
N ALA H 256 -16.02 13.54 -53.17
CA ALA H 256 -14.71 13.34 -53.85
C ALA H 256 -14.44 14.36 -54.97
#